data_4C2J
#
_entry.id   4C2J
#
_cell.length_a   54.650
_cell.length_b   197.160
_cell.length_c   79.950
_cell.angle_alpha   90.00
_cell.angle_beta   103.72
_cell.angle_gamma   90.00
#
_symmetry.space_group_name_H-M   'P 1 21 1'
#
loop_
_entity.id
_entity.type
_entity.pdbx_description
1 polymer '3-KETOACYL-COA THIOLASE, MITOCHONDRIAL'
2 non-polymer 1,2-ETHANEDIOL
3 non-polymer 'COENZYME A'
4 water water
#
_entity_poly.entity_id   1
_entity_poly.type   'polypeptide(L)'
_entity_poly.pdbx_seq_one_letter_code
;MGSSHHHHHHSSGLVPRGSHMALLRGVFVVAAKRTPFGAYGGLLKDFTATDLSEFAAKAALSAGKVSPETVDSVIMGNVL
QSSSDAIYLARHVGLRVGIPKETPALTINRL(CSO)GSGFQSIVNGCQEICVKEAEVVLCGGTESMSQAPYCVRNVRFGT
KLGSDIKLEDSLWVSLTDQHVQLPMAMTAENLAVKHKISREECDKYALQSQQRWKAANDAGYFNDEMAPIEVKTKKGKQT
MQVDEHARPQTTLEQLQKLPPVFKKDGTVTAGNASGVADGAGAVIIASEDAVKKHNFTPLARIVGYFVSGCDPSIMGIGP
VPAISGALKKAGLSLKDMDLVEVNEAFAPQYLAVERSLDLDISKTNVNGGAIALGHPLGGSGSRITAHLVHELRRRGGKY
AVGSACIGGGQGIAVIIQSTA
;
_entity_poly.pdbx_strand_id   A,B,C,D
#
# COMPACT_ATOMS: atom_id res chain seq x y z
N HIS A 20 43.71 -11.51 30.49
CA HIS A 20 44.21 -10.72 29.32
C HIS A 20 44.25 -11.61 28.07
N MET A 21 43.79 -11.08 26.95
CA MET A 21 43.80 -11.79 25.68
C MET A 21 44.11 -10.77 24.60
N ALA A 22 45.32 -10.84 24.06
CA ALA A 22 45.71 -9.91 23.03
C ALA A 22 45.20 -10.43 21.70
N LEU A 23 44.97 -9.54 20.73
CA LEU A 23 44.66 -9.97 19.36
C LEU A 23 45.78 -10.90 18.90
N LEU A 24 45.44 -11.96 18.17
CA LEU A 24 46.46 -12.90 17.69
C LEU A 24 47.48 -12.23 16.74
N ARG A 25 47.07 -11.19 16.02
CA ARG A 25 48.00 -10.45 15.14
C ARG A 25 47.74 -9.00 15.40
N GLY A 26 48.73 -8.17 15.13
CA GLY A 26 48.50 -6.72 15.20
C GLY A 26 47.46 -6.32 14.12
N VAL A 27 46.53 -5.46 14.49
CA VAL A 27 45.58 -4.91 13.56
C VAL A 27 45.60 -3.40 13.62
N PHE A 28 45.83 -2.76 12.46
CA PHE A 28 45.95 -1.32 12.42
C PHE A 28 44.85 -0.65 11.61
N VAL A 29 44.37 0.48 12.11
CA VAL A 29 43.49 1.32 11.38
C VAL A 29 44.35 2.17 10.48
N VAL A 30 44.11 2.08 9.17
CA VAL A 30 44.90 2.84 8.17
C VAL A 30 44.06 3.93 7.47
N ALA A 31 42.76 3.94 7.75
CA ALA A 31 41.87 5.01 7.27
C ALA A 31 40.58 4.95 8.05
N ALA A 32 39.97 6.10 8.25
CA ALA A 32 38.72 6.21 8.99
C ALA A 32 37.99 7.47 8.57
N LYS A 33 36.85 7.28 7.93
CA LYS A 33 36.05 8.37 7.43
C LYS A 33 34.55 8.10 7.71
N ARG A 34 33.78 9.18 7.79
CA ARG A 34 32.35 9.07 7.96
C ARG A 34 31.67 10.22 7.25
N THR A 35 30.46 9.97 6.78
CA THR A 35 29.66 10.95 6.11
C THR A 35 29.10 11.96 7.12
N PRO A 36 28.79 13.17 6.64
CA PRO A 36 27.89 13.93 7.41
C PRO A 36 26.63 13.13 7.64
N PHE A 37 26.00 13.35 8.78
CA PHE A 37 24.75 12.65 9.10
C PHE A 37 23.57 13.54 8.69
N GLY A 38 22.65 12.98 7.91
CA GLY A 38 21.48 13.68 7.47
C GLY A 38 20.28 13.47 8.39
N ALA A 39 19.41 14.46 8.46
CA ALA A 39 18.20 14.35 9.25
C ALA A 39 17.19 13.45 8.53
N TYR A 40 16.24 12.94 9.29
CA TYR A 40 15.14 12.14 8.75
C TYR A 40 14.38 12.98 7.77
N GLY A 41 14.31 12.51 6.51
CA GLY A 41 13.70 13.26 5.46
C GLY A 41 14.53 14.43 4.96
N GLY A 42 15.81 14.44 5.32
CA GLY A 42 16.67 15.61 5.12
C GLY A 42 17.52 15.51 3.89
N LEU A 43 18.72 16.05 3.97
CA LEU A 43 19.55 16.25 2.77
C LEU A 43 20.07 14.96 2.12
N LEU A 44 20.10 13.87 2.88
CA LEU A 44 20.56 12.63 2.31
C LEU A 44 19.45 11.60 2.04
N LYS A 45 18.18 12.02 2.09
CA LYS A 45 17.07 11.07 2.04
C LYS A 45 17.02 10.28 0.75
N ASP A 46 17.60 10.81 -0.34
CA ASP A 46 17.54 10.11 -1.61
C ASP A 46 18.73 9.23 -1.86
N PHE A 47 19.65 9.17 -0.91
CA PHE A 47 20.76 8.22 -1.02
C PHE A 47 20.41 6.96 -0.27
N THR A 48 20.62 5.84 -0.92
CA THR A 48 20.45 4.55 -0.24
C THR A 48 21.56 4.33 0.76
N ALA A 49 21.33 3.37 1.67
CA ALA A 49 22.39 2.95 2.59
C ALA A 49 23.60 2.49 1.85
N THR A 50 23.38 1.82 0.72
CA THR A 50 24.48 1.41 -0.16
C THR A 50 25.29 2.62 -0.68
N ASP A 51 24.59 3.65 -1.17
CA ASP A 51 25.23 4.89 -1.61
C ASP A 51 26.06 5.53 -0.49
N LEU A 52 25.47 5.63 0.72
CA LEU A 52 26.16 6.31 1.79
C LEU A 52 27.42 5.54 2.21
N SER A 53 27.31 4.23 2.27
CA SER A 53 28.47 3.39 2.52
C SER A 53 29.55 3.58 1.46
N GLU A 54 29.15 3.64 0.20
CA GLU A 54 30.06 3.90 -0.92
C GLU A 54 30.83 5.19 -0.73
N PHE A 55 30.12 6.24 -0.38
CA PHE A 55 30.74 7.54 -0.19
C PHE A 55 31.76 7.53 0.94
N ALA A 56 31.42 6.91 2.06
CA ALA A 56 32.43 6.77 3.15
C ALA A 56 33.62 5.92 2.73
N ALA A 57 33.36 4.81 2.09
CA ALA A 57 34.42 3.86 1.69
C ALA A 57 35.38 4.51 0.70
N LYS A 58 34.84 5.21 -0.30
CA LYS A 58 35.66 5.97 -1.26
C LYS A 58 36.53 7.00 -0.58
N ALA A 59 35.95 7.72 0.36
CA ALA A 59 36.69 8.72 1.10
C ALA A 59 37.76 8.09 1.96
N ALA A 60 37.47 6.93 2.58
CA ALA A 60 38.49 6.25 3.36
C ALA A 60 39.64 5.77 2.50
N LEU A 61 39.32 5.17 1.38
CA LEU A 61 40.35 4.69 0.48
C LEU A 61 41.29 5.86 0.09
N SER A 62 40.69 6.99 -0.27
CA SER A 62 41.44 8.14 -0.71
C SER A 62 42.25 8.78 0.43
N ALA A 63 41.66 8.91 1.61
CA ALA A 63 42.39 9.52 2.75
C ALA A 63 43.54 8.67 3.23
N GLY A 64 43.40 7.32 3.24
CA GLY A 64 44.50 6.49 3.63
C GLY A 64 45.51 6.19 2.52
N LYS A 65 45.21 6.66 1.32
CA LYS A 65 45.89 6.26 0.12
C LYS A 65 46.00 4.73 0.03
N VAL A 66 44.89 4.06 0.30
CA VAL A 66 44.80 2.63 0.22
C VAL A 66 44.30 2.27 -1.17
N SER A 67 45.07 1.50 -1.92
CA SER A 67 44.59 1.04 -3.19
C SER A 67 43.43 0.05 -2.91
N PRO A 68 42.30 0.21 -3.62
CA PRO A 68 41.23 -0.76 -3.52
C PRO A 68 41.66 -2.23 -3.82
N GLU A 69 42.71 -2.38 -4.63
CA GLU A 69 43.20 -3.68 -4.98
C GLU A 69 43.70 -4.41 -3.75
N THR A 70 44.12 -3.67 -2.72
CA THR A 70 44.69 -4.35 -1.54
C THR A 70 43.61 -4.95 -0.63
N VAL A 71 42.36 -4.59 -0.85
CA VAL A 71 41.31 -4.97 0.12
C VAL A 71 40.88 -6.41 -0.15
N ASP A 72 41.02 -7.27 0.85
CA ASP A 72 40.80 -8.72 0.78
C ASP A 72 39.43 -9.12 1.28
N SER A 73 38.77 -8.23 2.00
CA SER A 73 37.41 -8.50 2.52
C SER A 73 36.68 -7.22 2.76
N VAL A 74 35.37 -7.23 2.47
CA VAL A 74 34.48 -6.10 2.71
C VAL A 74 33.41 -6.56 3.69
N ILE A 75 33.28 -5.85 4.80
CA ILE A 75 32.23 -6.19 5.81
C ILE A 75 31.50 -4.92 6.15
N MET A 76 30.18 -4.93 6.00
CA MET A 76 29.39 -3.75 6.25
C MET A 76 28.29 -4.05 7.27
N GLY A 77 28.17 -3.17 8.25
CA GLY A 77 27.05 -3.19 9.16
C GLY A 77 25.90 -2.39 8.59
N ASN A 78 24.71 -2.97 8.64
CA ASN A 78 23.48 -2.30 8.20
C ASN A 78 22.33 -3.02 8.92
N VAL A 79 21.45 -2.26 9.52
CA VAL A 79 20.44 -2.87 10.40
C VAL A 79 19.13 -3.12 9.62
N LEU A 80 18.50 -2.06 9.10
CA LEU A 80 17.14 -2.17 8.55
C LEU A 80 17.27 -2.06 7.05
N GLN A 81 16.96 -3.15 6.34
CA GLN A 81 17.03 -3.14 4.87
C GLN A 81 16.11 -2.07 4.35
N SER A 82 16.62 -1.12 3.59
CA SER A 82 15.79 0.04 3.21
C SER A 82 15.89 0.44 1.74
N SER A 83 16.32 -0.48 0.90
CA SER A 83 16.29 -0.21 -0.54
C SER A 83 16.09 -1.52 -1.28
N SER A 84 15.74 -1.41 -2.54
CA SER A 84 15.43 -2.61 -3.32
C SER A 84 16.68 -3.47 -3.56
N ASP A 85 17.86 -2.88 -3.39
CA ASP A 85 19.15 -3.55 -3.54
C ASP A 85 19.82 -3.87 -2.20
N ALA A 86 19.11 -3.68 -1.09
CA ALA A 86 19.71 -3.79 0.22
C ALA A 86 20.40 -5.12 0.49
N ILE A 87 19.91 -6.26 0.01
CA ILE A 87 20.54 -7.52 0.42
C ILE A 87 21.94 -7.68 -0.21
N TYR A 88 22.25 -6.87 -1.22
CA TYR A 88 23.54 -6.90 -1.90
C TYR A 88 24.52 -5.85 -1.34
N LEU A 89 24.12 -5.15 -0.28
CA LEU A 89 24.84 -3.92 0.11
C LEU A 89 26.35 -3.99 0.11
N ALA A 90 26.93 -4.91 0.89
CA ALA A 90 28.35 -4.93 1.02
C ALA A 90 29.05 -5.19 -0.33
N ARG A 91 28.47 -6.11 -1.10
CA ARG A 91 29.06 -6.47 -2.39
C ARG A 91 29.04 -5.28 -3.35
N HIS A 92 27.92 -4.60 -3.43
CA HIS A 92 27.81 -3.47 -4.30
C HIS A 92 28.78 -2.37 -3.90
N VAL A 93 28.94 -2.13 -2.61
CA VAL A 93 29.92 -1.14 -2.17
C VAL A 93 31.33 -1.50 -2.59
N GLY A 94 31.74 -2.75 -2.36
CA GLY A 94 33.03 -3.21 -2.78
C GLY A 94 33.29 -3.03 -4.26
N LEU A 95 32.35 -3.49 -5.09
CA LEU A 95 32.49 -3.33 -6.54
C LEU A 95 32.51 -1.87 -6.97
N ARG A 96 31.67 -1.04 -6.38
CA ARG A 96 31.59 0.35 -6.74
C ARG A 96 32.87 1.12 -6.48
N VAL A 97 33.60 0.73 -5.45
CA VAL A 97 34.78 1.50 -5.09
C VAL A 97 36.05 0.88 -5.68
N GLY A 98 35.92 -0.14 -6.52
CA GLY A 98 37.02 -0.68 -7.29
C GLY A 98 37.77 -1.77 -6.61
N ILE A 99 37.23 -2.31 -5.50
CA ILE A 99 37.83 -3.44 -4.87
C ILE A 99 37.59 -4.68 -5.80
N PRO A 100 38.57 -5.58 -5.92
CA PRO A 100 38.46 -6.59 -6.99
C PRO A 100 37.26 -7.46 -6.80
N LYS A 101 36.76 -7.99 -7.89
CA LYS A 101 35.61 -8.88 -7.86
C LYS A 101 35.90 -10.15 -7.07
N GLU A 102 37.16 -10.53 -6.88
CA GLU A 102 37.50 -11.74 -6.10
C GLU A 102 37.34 -11.54 -4.58
N THR A 103 37.29 -10.32 -4.14
CA THR A 103 37.14 -10.00 -2.75
C THR A 103 35.73 -10.25 -2.30
N PRO A 104 35.56 -11.13 -1.32
CA PRO A 104 34.21 -11.27 -0.79
C PRO A 104 33.63 -10.08 0.01
N ALA A 105 32.32 -10.16 0.28
CA ALA A 105 31.59 -9.07 0.85
C ALA A 105 30.41 -9.58 1.71
N LEU A 106 30.37 -9.08 2.95
CA LEU A 106 29.45 -9.56 3.95
C LEU A 106 28.70 -8.41 4.53
N THR A 107 27.42 -8.58 4.77
CA THR A 107 26.65 -7.61 5.48
C THR A 107 26.28 -8.23 6.85
N ILE A 108 26.46 -7.49 7.93
CA ILE A 108 26.15 -8.00 9.28
C ILE A 108 25.17 -7.07 9.96
N ASN A 109 24.48 -7.61 10.96
CA ASN A 109 23.51 -6.89 11.71
C ASN A 109 23.58 -7.27 13.18
N ARG A 110 24.22 -6.41 13.97
CA ARG A 110 24.10 -6.42 15.37
C ARG A 110 23.45 -5.13 15.83
N LEU A 111 22.37 -4.80 15.15
CA LEU A 111 21.56 -3.61 15.38
C LEU A 111 22.46 -2.39 15.59
N GLY A 113 24.89 -1.78 17.30
CA GLY A 113 26.33 -2.08 17.40
C GLY A 113 27.01 -2.40 16.06
N SER A 114 26.24 -2.39 14.97
CA SER A 114 26.70 -2.92 13.69
C SER A 114 27.95 -2.24 13.15
N GLY A 115 28.05 -0.92 13.30
CA GLY A 115 29.25 -0.21 12.78
C GLY A 115 30.55 -0.55 13.56
N PHE A 116 30.44 -0.91 14.84
CA PHE A 116 31.55 -1.52 15.57
C PHE A 116 31.79 -2.97 15.20
N GLN A 117 30.71 -3.72 15.04
CA GLN A 117 30.79 -5.14 14.79
C GLN A 117 31.51 -5.45 13.47
N SER A 118 31.31 -4.64 12.44
CA SER A 118 32.04 -4.93 11.17
C SER A 118 33.54 -4.92 11.42
N ILE A 119 34.01 -4.03 12.29
CA ILE A 119 35.39 -3.93 12.65
C ILE A 119 35.82 -5.17 13.42
N VAL A 120 35.00 -5.60 14.35
CA VAL A 120 35.25 -6.84 15.09
C VAL A 120 35.39 -8.06 14.14
N ASN A 121 34.45 -8.21 13.20
CA ASN A 121 34.56 -9.30 12.21
C ASN A 121 35.82 -9.19 11.38
N GLY A 122 36.16 -7.96 10.99
CA GLY A 122 37.41 -7.73 10.22
C GLY A 122 38.66 -8.16 11.00
N CYS A 123 38.69 -7.83 12.29
CA CYS A 123 39.78 -8.20 13.15
C CYS A 123 39.92 -9.72 13.22
N GLN A 124 38.79 -10.39 13.39
CA GLN A 124 38.76 -11.85 13.47
C GLN A 124 39.34 -12.44 12.18
N GLU A 125 38.90 -11.95 11.02
CA GLU A 125 39.39 -12.49 9.74
C GLU A 125 40.89 -12.26 9.59
N ILE A 126 41.38 -11.12 10.02
CA ILE A 126 42.80 -10.86 9.95
C ILE A 126 43.54 -11.81 10.89
N CYS A 127 43.03 -11.95 12.11
CA CYS A 127 43.67 -12.71 13.10
C CYS A 127 43.72 -14.21 12.79
N VAL A 128 42.77 -14.74 12.02
CA VAL A 128 42.88 -16.12 11.56
C VAL A 128 43.52 -16.21 10.16
N LYS A 129 44.10 -15.10 9.70
CA LYS A 129 44.84 -15.10 8.41
C LYS A 129 44.01 -15.38 7.19
N GLU A 130 42.73 -15.02 7.25
CA GLU A 130 41.87 -15.17 6.09
C GLU A 130 41.75 -13.84 5.33
N ALA A 131 42.26 -12.76 5.92
CA ALA A 131 42.34 -11.46 5.29
C ALA A 131 43.55 -10.69 5.81
N GLU A 132 44.06 -9.75 5.02
CA GLU A 132 45.14 -8.87 5.40
C GLU A 132 44.67 -7.43 5.52
N VAL A 133 43.69 -7.06 4.70
CA VAL A 133 43.17 -5.72 4.65
C VAL A 133 41.67 -5.80 4.53
N VAL A 134 40.95 -5.17 5.46
CA VAL A 134 39.48 -5.32 5.48
C VAL A 134 38.85 -3.95 5.49
N LEU A 135 37.92 -3.75 4.58
CA LEU A 135 37.09 -2.56 4.62
C LEU A 135 35.90 -2.86 5.53
N CYS A 136 35.83 -2.18 6.65
CA CYS A 136 34.79 -2.37 7.66
C CYS A 136 33.95 -1.11 7.81
N GLY A 137 32.73 -1.15 7.29
CA GLY A 137 31.87 -0.02 7.31
C GLY A 137 30.61 -0.26 8.08
N GLY A 138 29.84 0.81 8.17
CA GLY A 138 28.53 0.81 8.78
C GLY A 138 27.72 1.89 8.12
N THR A 139 26.43 1.62 7.95
CA THR A 139 25.57 2.53 7.20
C THR A 139 24.14 2.32 7.57
N GLU A 140 23.35 3.35 7.44
CA GLU A 140 21.93 3.26 7.60
C GLU A 140 21.28 4.39 6.86
N SER A 141 20.22 4.07 6.13
CA SER A 141 19.31 5.09 5.67
C SER A 141 17.98 4.84 6.36
N MET A 142 17.65 5.67 7.34
CA MET A 142 16.42 5.56 8.05
C MET A 142 15.31 6.29 7.30
N SER A 143 15.67 7.34 6.56
CA SER A 143 14.71 8.05 5.72
C SER A 143 14.05 7.10 4.70
N GLN A 144 14.79 6.10 4.24
CA GLN A 144 14.32 5.14 3.23
C GLN A 144 13.65 3.88 3.76
N ALA A 145 13.54 3.74 5.06
CA ALA A 145 12.85 2.60 5.63
C ALA A 145 11.46 2.53 4.98
N PRO A 146 11.12 1.38 4.39
CA PRO A 146 9.86 1.28 3.68
C PRO A 146 8.65 1.11 4.60
N TYR A 147 7.44 1.33 4.05
CA TYR A 147 6.25 0.74 4.66
C TYR A 147 6.12 -0.67 4.07
N CYS A 148 5.75 -1.63 4.92
CA CYS A 148 5.59 -2.98 4.52
C CYS A 148 4.14 -3.44 4.59
N VAL A 149 3.70 -4.10 3.51
CA VAL A 149 2.41 -4.73 3.47
C VAL A 149 2.62 -6.21 3.57
N ARG A 150 2.15 -6.77 4.69
CA ARG A 150 2.34 -8.16 5.02
C ARG A 150 1.03 -8.97 4.83
N ASN A 151 1.20 -10.28 4.66
CA ASN A 151 0.06 -11.22 4.62
C ASN A 151 -0.94 -11.00 3.47
N VAL A 152 -0.51 -10.42 2.35
CA VAL A 152 -1.40 -10.28 1.20
C VAL A 152 -1.00 -11.10 -0.02
N ARG A 153 0.06 -11.89 0.05
CA ARG A 153 0.41 -12.73 -1.13
C ARG A 153 -0.62 -13.78 -1.49
N PHE A 154 -1.30 -14.32 -0.51
CA PHE A 154 -2.07 -15.53 -0.65
C PHE A 154 -3.55 -15.35 -0.28
N GLY A 155 -4.06 -14.14 -0.48
CA GLY A 155 -5.50 -13.87 -0.27
C GLY A 155 -5.72 -13.14 1.01
N THR A 156 -6.83 -12.42 1.07
CA THR A 156 -7.20 -11.70 2.26
C THR A 156 -8.57 -12.17 2.70
N LYS A 157 -8.95 -11.80 3.89
CA LYS A 157 -10.29 -12.05 4.36
C LYS A 157 -11.01 -10.72 4.47
N LEU A 158 -12.24 -10.69 3.99
CA LEU A 158 -13.13 -9.53 4.12
C LEU A 158 -13.19 -9.12 5.56
N GLY A 159 -12.93 -7.86 5.84
CA GLY A 159 -12.95 -7.40 7.23
C GLY A 159 -11.65 -7.53 8.01
N SER A 160 -10.56 -7.90 7.35
CA SER A 160 -9.30 -7.92 8.09
C SER A 160 -8.68 -6.53 8.07
N ASP A 161 -7.80 -6.27 9.02
CA ASP A 161 -7.22 -4.95 9.21
C ASP A 161 -5.77 -4.97 8.72
N ILE A 162 -5.57 -4.78 7.43
CA ILE A 162 -4.22 -4.79 6.85
C ILE A 162 -3.56 -3.42 7.03
N LYS A 163 -2.29 -3.43 7.44
CA LYS A 163 -1.53 -2.21 7.73
C LYS A 163 -0.48 -1.95 6.65
N LEU A 164 -0.22 -0.66 6.44
CA LEU A 164 0.98 -0.20 5.80
C LEU A 164 1.93 -0.01 7.00
N GLU A 165 2.65 -1.06 7.32
CA GLU A 165 3.46 -1.06 8.54
C GLU A 165 4.75 -0.25 8.38
N ASP A 166 4.99 0.65 9.31
CA ASP A 166 6.19 1.47 9.28
C ASP A 166 7.35 0.58 9.77
N SER A 167 8.18 0.09 8.85
CA SER A 167 9.23 -0.86 9.20
C SER A 167 10.21 -0.26 10.23
N LEU A 168 10.48 1.04 10.12
CA LEU A 168 11.35 1.72 11.06
C LEU A 168 10.74 1.77 12.44
N TRP A 169 9.53 2.29 12.53
CA TRP A 169 8.88 2.40 13.82
C TRP A 169 8.71 1.05 14.50
N VAL A 170 8.27 0.02 13.75
CA VAL A 170 8.05 -1.27 14.40
C VAL A 170 9.37 -1.87 14.82
N SER A 171 10.44 -1.58 14.08
CA SER A 171 11.77 -2.12 14.48
C SER A 171 12.34 -1.51 15.74
N LEU A 172 11.80 -0.39 16.18
CA LEU A 172 12.22 0.30 17.41
C LEU A 172 11.48 -0.19 18.64
N THR A 173 10.68 -1.25 18.49
CA THR A 173 10.17 -2.00 19.60
C THR A 173 10.79 -3.38 19.58
N ASP A 174 11.29 -3.81 20.73
CA ASP A 174 11.76 -5.17 20.90
C ASP A 174 10.56 -6.04 21.29
N GLN A 175 10.09 -6.81 20.34
CA GLN A 175 8.87 -7.60 20.55
C GLN A 175 9.04 -8.74 21.52
N HIS A 176 10.27 -9.12 21.84
CA HIS A 176 10.47 -10.17 22.81
C HIS A 176 10.04 -9.71 24.21
N VAL A 177 10.28 -8.43 24.54
CA VAL A 177 9.82 -7.88 25.81
C VAL A 177 8.68 -6.86 25.61
N GLN A 178 8.25 -6.69 24.38
CA GLN A 178 7.26 -5.68 24.01
C GLN A 178 7.56 -4.29 24.57
N LEU A 179 8.77 -3.81 24.36
CA LEU A 179 9.13 -2.48 24.79
C LEU A 179 9.70 -1.70 23.63
N PRO A 180 9.16 -0.49 23.39
CA PRO A 180 9.94 0.51 22.67
C PRO A 180 11.32 0.69 23.24
N MET A 181 12.30 0.94 22.38
CA MET A 181 13.63 1.25 22.86
C MET A 181 13.59 2.39 23.93
N ALA A 182 12.82 3.46 23.68
CA ALA A 182 12.74 4.59 24.60
C ALA A 182 12.22 4.15 25.99
N MET A 183 11.35 3.16 26.04
CA MET A 183 10.84 2.63 27.32
C MET A 183 11.93 1.84 28.06
N THR A 184 12.84 1.19 27.35
CA THR A 184 13.95 0.53 28.03
C THR A 184 14.81 1.61 28.67
N ALA A 185 14.92 2.76 28.02
CA ALA A 185 15.65 3.88 28.57
C ALA A 185 14.94 4.49 29.81
N GLU A 186 13.62 4.59 29.75
CA GLU A 186 12.84 4.99 30.91
C GLU A 186 13.08 4.02 32.06
N ASN A 187 13.15 2.73 31.78
CA ASN A 187 13.45 1.75 32.82
C ASN A 187 14.75 2.09 33.52
N LEU A 188 15.76 2.47 32.73
CA LEU A 188 17.03 2.81 33.30
C LEU A 188 16.96 4.11 34.05
N ALA A 189 16.17 5.08 33.58
CA ALA A 189 16.01 6.32 34.32
C ALA A 189 15.43 6.05 35.71
N VAL A 190 14.45 5.16 35.78
CA VAL A 190 13.84 4.80 37.07
C VAL A 190 14.85 4.07 37.95
N LYS A 191 15.50 3.07 37.39
CA LYS A 191 16.46 2.27 38.13
C LYS A 191 17.67 3.06 38.68
N HIS A 192 18.21 3.98 37.88
CA HIS A 192 19.40 4.65 38.26
C HIS A 192 19.10 6.07 38.79
N LYS A 193 17.84 6.40 39.01
CA LYS A 193 17.42 7.66 39.62
C LYS A 193 17.91 8.84 38.79
N ILE A 194 17.62 8.80 37.50
CA ILE A 194 17.97 9.88 36.59
C ILE A 194 16.74 10.72 36.30
N SER A 195 16.83 12.01 36.57
CA SER A 195 15.68 12.88 36.44
C SER A 195 15.55 13.42 35.05
N ARG A 196 14.35 13.92 34.76
CA ARG A 196 14.06 14.57 33.51
C ARG A 196 15.01 15.72 33.29
N GLU A 197 15.24 16.51 34.35
CA GLU A 197 16.16 17.65 34.26
C GLU A 197 17.59 17.25 33.94
N GLU A 198 18.07 16.20 34.59
CA GLU A 198 19.40 15.72 34.33
C GLU A 198 19.57 15.28 32.87
N CYS A 199 18.51 14.68 32.33
CA CYS A 199 18.50 14.27 30.94
C CYS A 199 18.61 15.45 29.98
N ASP A 200 17.84 16.50 30.25
CA ASP A 200 17.87 17.68 29.41
C ASP A 200 19.19 18.42 29.52
N LYS A 201 19.80 18.44 30.69
CA LYS A 201 21.11 19.02 30.81
C LYS A 201 22.16 18.25 30.00
N TYR A 202 22.10 16.92 30.05
CA TYR A 202 23.02 16.14 29.22
C TYR A 202 22.77 16.47 27.73
N ALA A 203 21.52 16.54 27.34
CA ALA A 203 21.15 16.81 25.93
C ALA A 203 21.69 18.12 25.45
N LEU A 204 21.55 19.13 26.31
CA LEU A 204 22.13 20.47 26.01
C LEU A 204 23.65 20.37 25.87
N GLN A 205 24.28 19.66 26.78
CA GLN A 205 25.71 19.50 26.66
C GLN A 205 26.17 18.79 25.36
N SER A 206 25.38 17.84 24.88
CA SER A 206 25.74 17.18 23.58
C SER A 206 25.65 18.18 22.43
N GLN A 207 24.61 19.00 22.43
CA GLN A 207 24.49 20.04 21.41
C GLN A 207 25.68 21.01 21.49
N GLN A 208 26.00 21.46 22.70
CA GLN A 208 27.08 22.44 22.89
C GLN A 208 28.42 21.84 22.47
N ARG A 209 28.65 20.59 22.88
CA ARG A 209 29.90 19.95 22.54
C ARG A 209 30.05 19.68 21.01
N TRP A 210 28.95 19.34 20.35
CA TRP A 210 28.95 19.13 18.91
C TRP A 210 29.29 20.43 18.21
N LYS A 211 28.63 21.48 18.61
CA LYS A 211 28.87 22.83 18.06
C LYS A 211 30.32 23.27 18.19
N ALA A 212 30.86 23.18 19.41
CA ALA A 212 32.26 23.57 19.62
C ALA A 212 33.20 22.75 18.74
N ALA A 213 32.95 21.45 18.65
CA ALA A 213 33.82 20.57 17.91
C ALA A 213 33.74 20.88 16.44
N ASN A 214 32.52 21.05 15.95
CA ASN A 214 32.33 21.33 14.56
C ASN A 214 33.03 22.65 14.15
N ASP A 215 32.84 23.68 14.95
CA ASP A 215 33.47 24.98 14.65
C ASP A 215 34.98 25.01 14.85
N ALA A 216 35.51 24.15 15.69
CA ALA A 216 36.97 24.10 15.85
C ALA A 216 37.64 23.23 14.79
N GLY A 217 36.87 22.51 13.98
CA GLY A 217 37.47 21.63 12.99
C GLY A 217 37.76 20.21 13.44
N TYR A 218 37.17 19.76 14.54
CA TYR A 218 37.49 18.45 15.08
C TYR A 218 36.82 17.31 14.29
N PHE A 219 35.90 17.63 13.38
CA PHE A 219 35.31 16.63 12.49
C PHE A 219 35.91 16.66 11.08
N ASN A 220 36.85 17.57 10.82
CA ASN A 220 37.40 17.75 9.49
C ASN A 220 38.08 16.50 8.98
N ASP A 221 38.98 15.92 9.75
CA ASP A 221 39.72 14.75 9.27
C ASP A 221 38.81 13.55 8.95
N GLU A 222 37.79 13.31 9.77
CA GLU A 222 36.89 12.18 9.56
C GLU A 222 35.88 12.41 8.47
N MET A 223 35.57 13.67 8.16
CA MET A 223 34.37 14.00 7.34
C MET A 223 34.56 13.65 5.86
N ALA A 224 33.59 12.90 5.34
CA ALA A 224 33.49 12.55 3.95
C ALA A 224 32.34 13.32 3.30
N PRO A 225 32.63 14.50 2.71
CA PRO A 225 31.57 15.33 2.18
C PRO A 225 30.80 14.68 1.03
N ILE A 226 29.56 15.06 0.89
CA ILE A 226 28.70 14.46 -0.09
C ILE A 226 28.04 15.60 -0.87
N GLU A 227 28.09 15.50 -2.20
CA GLU A 227 27.40 16.49 -3.01
C GLU A 227 25.91 16.17 -3.05
N VAL A 228 25.10 17.15 -2.70
CA VAL A 228 23.65 16.99 -2.59
C VAL A 228 22.96 17.94 -3.58
N LYS A 229 21.82 17.49 -4.06
CA LYS A 229 20.98 18.19 -5.06
C LYS A 229 19.63 18.45 -4.42
N LYS A 234 23.39 22.30 -6.86
CA LYS A 234 24.20 21.34 -6.08
C LYS A 234 24.98 22.04 -4.96
N GLN A 235 25.08 21.39 -3.81
CA GLN A 235 25.88 21.89 -2.70
C GLN A 235 26.62 20.73 -2.04
N THR A 236 27.72 21.06 -1.42
CA THR A 236 28.54 20.11 -0.67
C THR A 236 28.00 20.05 0.75
N MET A 237 27.56 18.87 1.18
CA MET A 237 27.17 18.70 2.56
C MET A 237 28.37 18.18 3.36
N GLN A 238 28.74 18.91 4.42
CA GLN A 238 29.85 18.50 5.25
C GLN A 238 29.67 18.87 6.70
N VAL A 239 28.42 19.05 7.10
CA VAL A 239 28.06 19.40 8.45
C VAL A 239 26.84 18.56 8.81
N ASP A 240 26.84 18.04 10.01
CA ASP A 240 25.73 17.21 10.51
C ASP A 240 24.41 18.02 10.55
N GLU A 241 23.38 17.53 9.85
CA GLU A 241 22.14 18.27 9.68
C GLU A 241 21.24 18.25 10.93
N HIS A 242 21.30 17.19 11.70
CA HIS A 242 20.35 17.06 12.82
C HIS A 242 20.65 18.01 14.02
N ALA A 243 21.89 18.48 14.13
CA ALA A 243 22.35 19.29 15.24
C ALA A 243 21.59 20.58 15.37
N ARG A 244 21.29 20.99 16.61
CA ARG A 244 20.50 22.18 16.88
C ARG A 244 21.31 23.06 17.83
N PRO A 245 22.33 23.73 17.29
CA PRO A 245 23.25 24.44 18.16
C PRO A 245 22.61 25.64 18.90
N GLN A 246 21.40 26.07 18.55
CA GLN A 246 20.78 27.15 19.31
C GLN A 246 19.90 26.61 20.44
N THR A 247 19.98 25.31 20.69
CA THR A 247 19.24 24.68 21.76
C THR A 247 19.52 25.37 23.07
N THR A 248 18.47 25.59 23.85
CA THR A 248 18.65 26.05 25.25
C THR A 248 17.95 25.09 26.17
N LEU A 249 18.35 25.09 27.44
CA LEU A 249 17.73 24.28 28.46
C LEU A 249 16.24 24.58 28.57
N GLU A 250 15.89 25.87 28.49
CA GLU A 250 14.48 26.29 28.54
C GLU A 250 13.62 25.67 27.45
N GLN A 251 14.14 25.68 26.23
CA GLN A 251 13.48 24.99 25.12
C GLN A 251 13.29 23.50 25.44
N LEU A 252 14.34 22.84 25.93
CA LEU A 252 14.28 21.39 26.23
C LEU A 252 13.24 21.09 27.31
N GLN A 253 13.22 21.95 28.32
CA GLN A 253 12.29 21.81 29.47
C GLN A 253 10.87 21.86 29.07
N LYS A 254 10.55 22.58 28.01
CA LYS A 254 9.17 22.68 27.54
C LYS A 254 8.67 21.48 26.73
N LEU A 255 9.58 20.64 26.24
CA LEU A 255 9.15 19.55 25.37
C LEU A 255 8.40 18.50 26.21
N PRO A 256 7.38 17.85 25.61
CA PRO A 256 6.68 16.81 26.32
C PRO A 256 7.41 15.47 26.25
N PRO A 257 7.27 14.65 27.28
CA PRO A 257 7.74 13.28 27.15
C PRO A 257 6.97 12.56 26.06
N VAL A 258 7.68 11.81 25.22
CA VAL A 258 7.06 11.17 24.06
C VAL A 258 6.46 9.79 24.33
N PHE A 259 7.02 9.04 25.28
CA PHE A 259 6.65 7.63 25.41
C PHE A 259 5.99 7.33 26.74
N LYS A 260 6.15 8.19 27.73
CA LYS A 260 5.73 7.84 29.07
C LYS A 260 5.29 9.10 29.79
N LYS A 261 4.16 9.02 30.47
CA LYS A 261 3.66 10.10 31.24
C LYS A 261 4.68 10.48 32.26
N ASP A 262 4.99 11.77 32.34
CA ASP A 262 6.05 12.24 33.20
C ASP A 262 7.39 11.55 32.96
N GLY A 263 7.60 11.04 31.76
CA GLY A 263 8.84 10.30 31.49
C GLY A 263 10.00 11.25 31.29
N THR A 264 11.19 10.69 31.18
CA THR A 264 12.40 11.50 30.96
C THR A 264 12.67 11.74 29.49
N VAL A 265 12.19 10.86 28.62
CA VAL A 265 12.54 10.89 27.21
C VAL A 265 11.61 11.82 26.42
N THR A 266 12.23 12.74 25.71
CA THR A 266 11.57 13.68 24.82
C THR A 266 12.25 13.63 23.44
N ALA A 267 11.70 14.37 22.50
CA ALA A 267 12.30 14.52 21.20
C ALA A 267 13.60 15.31 21.27
N GLY A 268 13.79 16.05 22.37
CA GLY A 268 14.99 16.80 22.57
C GLY A 268 16.17 16.09 23.18
N ASN A 269 15.92 14.98 23.87
CA ASN A 269 16.97 14.30 24.58
C ASN A 269 17.12 12.83 24.21
N ALA A 270 16.41 12.42 23.18
CA ALA A 270 16.64 11.13 22.55
C ALA A 270 17.54 11.34 21.30
N SER A 271 18.23 10.29 20.86
CA SER A 271 19.01 10.38 19.58
C SER A 271 18.06 10.63 18.45
N GLY A 272 18.55 11.29 17.40
CA GLY A 272 17.72 11.50 16.26
C GLY A 272 17.74 10.32 15.32
N VAL A 273 16.65 10.16 14.60
CA VAL A 273 16.54 9.28 13.46
C VAL A 273 17.35 9.99 12.35
N ALA A 274 18.23 9.26 11.67
CA ALA A 274 19.22 9.89 10.80
C ALA A 274 19.79 8.92 9.77
N ASP A 275 20.43 9.50 8.75
CA ASP A 275 21.02 8.81 7.65
C ASP A 275 22.51 9.06 7.64
N GLY A 276 23.33 8.02 7.44
CA GLY A 276 24.78 8.21 7.45
C GLY A 276 25.54 6.93 7.48
N ALA A 277 26.85 7.05 7.24
CA ALA A 277 27.71 5.89 7.16
C ALA A 277 29.11 6.24 7.54
N GLY A 278 29.89 5.20 7.81
CA GLY A 278 31.33 5.33 7.99
C GLY A 278 32.07 4.16 7.40
N ALA A 279 33.38 4.31 7.33
CA ALA A 279 34.27 3.29 6.79
C ALA A 279 35.59 3.36 7.53
N VAL A 280 36.01 2.21 8.03
CA VAL A 280 37.28 2.05 8.72
C VAL A 280 38.03 0.94 8.02
N ILE A 281 39.21 1.25 7.50
CA ILE A 281 40.00 0.27 6.85
C ILE A 281 41.05 -0.19 7.85
N ILE A 282 41.15 -1.51 8.05
CA ILE A 282 42.07 -2.11 8.95
C ILE A 282 43.00 -3.05 8.19
N ALA A 283 44.19 -3.22 8.74
CA ALA A 283 45.25 -3.96 8.04
C ALA A 283 46.18 -4.62 9.04
N SER A 284 46.60 -5.82 8.70
CA SER A 284 47.63 -6.48 9.45
C SER A 284 48.94 -5.69 9.37
N GLU A 285 49.86 -6.01 10.26
CA GLU A 285 51.22 -5.46 10.19
C GLU A 285 51.90 -5.75 8.84
N ASP A 286 51.76 -7.00 8.37
CA ASP A 286 52.32 -7.40 7.12
C ASP A 286 51.80 -6.50 6.02
N ALA A 287 50.48 -6.20 6.01
CA ALA A 287 49.96 -5.36 4.96
C ALA A 287 50.40 -3.92 5.03
N VAL A 288 50.50 -3.36 6.24
CA VAL A 288 50.97 -2.03 6.44
C VAL A 288 52.37 -1.87 5.80
N LYS A 289 53.23 -2.81 6.07
CA LYS A 289 54.61 -2.79 5.57
C LYS A 289 54.69 -3.00 4.08
N LYS A 290 53.98 -4.01 3.62
CA LYS A 290 53.97 -4.29 2.20
C LYS A 290 53.43 -3.13 1.37
N HIS A 291 52.35 -2.46 1.82
CA HIS A 291 51.72 -1.42 1.00
C HIS A 291 52.08 0.00 1.39
N ASN A 292 52.96 0.15 2.37
CA ASN A 292 53.32 1.43 2.96
C ASN A 292 52.10 2.22 3.38
N PHE A 293 51.16 1.57 4.08
CA PHE A 293 50.08 2.32 4.70
C PHE A 293 50.57 3.16 5.87
N THR A 294 49.78 4.15 6.24
CA THR A 294 50.09 4.98 7.39
C THR A 294 49.07 4.63 8.48
N PRO A 295 49.47 3.87 9.50
CA PRO A 295 48.56 3.55 10.59
C PRO A 295 48.20 4.76 11.44
N LEU A 296 46.93 4.87 11.77
CA LEU A 296 46.41 5.93 12.55
C LEU A 296 46.18 5.46 13.99
N ALA A 297 45.95 4.15 14.15
CA ALA A 297 45.65 3.55 15.41
C ALA A 297 45.84 2.08 15.30
N ARG A 298 45.92 1.41 16.47
CA ARG A 298 45.94 -0.02 16.54
C ARG A 298 44.67 -0.45 17.28
N ILE A 299 44.06 -1.55 16.86
CA ILE A 299 42.94 -2.09 17.59
C ILE A 299 43.55 -2.96 18.67
N VAL A 300 43.21 -2.64 19.91
CA VAL A 300 43.74 -3.35 21.09
C VAL A 300 42.87 -4.46 21.51
N GLY A 301 41.57 -4.24 21.37
CA GLY A 301 40.65 -5.23 21.90
C GLY A 301 39.23 -4.85 21.61
N TYR A 302 38.33 -5.74 21.98
CA TYR A 302 36.90 -5.48 21.82
C TYR A 302 36.18 -6.55 22.61
N PHE A 303 34.89 -6.34 22.80
CA PHE A 303 34.05 -7.26 23.49
C PHE A 303 32.60 -7.02 23.16
N VAL A 304 31.85 -8.10 23.04
CA VAL A 304 30.42 -8.04 22.86
C VAL A 304 29.79 -8.80 24.03
N SER A 305 28.79 -8.20 24.66
CA SER A 305 28.07 -8.92 25.72
C SER A 305 26.59 -8.83 25.53
N GLY A 306 25.87 -9.82 26.02
CA GLY A 306 24.41 -9.72 26.12
C GLY A 306 24.05 -9.08 27.44
N CYS A 307 22.83 -8.55 27.54
CA CYS A 307 22.32 -8.01 28.81
C CYS A 307 20.81 -8.13 28.77
N ASP A 308 20.15 -7.76 29.86
CA ASP A 308 18.70 -7.78 29.94
C ASP A 308 18.03 -6.90 28.89
N PRO A 309 17.16 -7.48 28.04
CA PRO A 309 16.58 -6.69 26.92
C PRO A 309 15.72 -5.51 27.39
N SER A 310 15.13 -5.66 28.58
CA SER A 310 14.33 -4.57 29.15
C SER A 310 15.11 -3.34 29.58
N ILE A 311 16.42 -3.50 29.77
CA ILE A 311 17.32 -2.37 30.04
C ILE A 311 18.52 -2.42 29.06
N MET A 312 18.22 -2.68 27.80
CA MET A 312 19.27 -2.89 26.75
C MET A 312 20.34 -1.77 26.75
N GLY A 313 19.94 -0.56 27.12
CA GLY A 313 20.81 0.59 27.10
C GLY A 313 22.05 0.45 27.98
N ILE A 314 22.03 -0.51 28.93
CA ILE A 314 23.15 -0.78 29.81
C ILE A 314 24.25 -1.62 29.16
N GLY A 315 23.99 -2.13 27.95
CA GLY A 315 25.01 -2.95 27.27
C GLY A 315 26.44 -2.48 27.32
N PRO A 316 26.69 -1.17 27.17
CA PRO A 316 28.08 -0.71 27.22
C PRO A 316 28.82 -1.02 28.54
N VAL A 317 28.10 -1.25 29.65
CA VAL A 317 28.77 -1.52 30.91
C VAL A 317 29.53 -2.86 30.88
N PRO A 318 28.86 -4.00 30.64
CA PRO A 318 29.66 -5.21 30.57
C PRO A 318 30.58 -5.22 29.32
N ALA A 319 30.18 -4.53 28.26
CA ALA A 319 30.99 -4.57 27.03
C ALA A 319 32.32 -3.86 27.26
N ILE A 320 32.27 -2.63 27.75
CA ILE A 320 33.49 -1.89 28.03
C ILE A 320 34.32 -2.64 29.09
N SER A 321 33.65 -3.11 30.16
CA SER A 321 34.40 -3.84 31.25
C SER A 321 35.13 -5.05 30.75
N GLY A 322 34.45 -5.83 29.92
CA GLY A 322 35.05 -7.02 29.36
C GLY A 322 36.20 -6.72 28.41
N ALA A 323 36.03 -5.70 27.57
CA ALA A 323 37.09 -5.34 26.64
C ALA A 323 38.32 -4.91 27.40
N LEU A 324 38.12 -4.07 28.41
CA LEU A 324 39.24 -3.58 29.20
C LEU A 324 39.98 -4.73 29.89
N LYS A 325 39.22 -5.65 30.45
CA LYS A 325 39.77 -6.80 31.09
C LYS A 325 40.62 -7.60 30.13
N LYS A 326 40.09 -7.91 28.95
CA LYS A 326 40.88 -8.62 27.97
C LYS A 326 42.14 -7.88 27.57
N ALA A 327 42.05 -6.57 27.46
CA ALA A 327 43.23 -5.76 27.08
C ALA A 327 44.26 -5.54 28.22
N GLY A 328 43.89 -5.88 29.45
CA GLY A 328 44.72 -5.62 30.61
C GLY A 328 44.78 -4.16 30.96
N LEU A 329 43.70 -3.43 30.71
CA LEU A 329 43.65 -2.02 30.94
C LEU A 329 42.49 -1.67 31.83
N SER A 330 42.50 -0.45 32.36
CA SER A 330 41.41 -0.03 33.23
C SER A 330 40.82 1.21 32.62
N LEU A 331 39.68 1.63 33.15
CA LEU A 331 39.01 2.81 32.67
C LEU A 331 39.89 4.04 32.78
N LYS A 332 40.75 4.09 33.79
CA LYS A 332 41.60 5.24 33.97
C LYS A 332 42.62 5.36 32.86
N ASP A 333 42.91 4.29 32.18
CA ASP A 333 43.83 4.34 31.05
C ASP A 333 43.19 4.94 29.79
N MET A 334 41.86 5.07 29.76
CA MET A 334 41.18 5.61 28.56
C MET A 334 41.26 7.11 28.56
N ASP A 335 41.94 7.68 27.57
CA ASP A 335 41.97 9.10 27.38
C ASP A 335 40.63 9.59 26.85
N LEU A 336 39.94 8.75 26.07
CA LEU A 336 38.60 9.06 25.56
C LEU A 336 37.68 7.88 25.67
N VAL A 337 36.43 8.15 26.03
CA VAL A 337 35.40 7.16 26.06
C VAL A 337 34.24 7.66 25.24
N GLU A 338 33.66 6.78 24.42
CA GLU A 338 32.45 7.10 23.70
C GLU A 338 31.39 6.06 24.04
N VAL A 339 30.22 6.54 24.43
CA VAL A 339 29.04 5.76 24.68
C VAL A 339 27.97 6.35 23.82
N ASN A 340 27.52 5.61 22.82
CA ASN A 340 26.57 6.15 21.89
C ASN A 340 25.37 6.69 22.66
N GLU A 341 24.94 7.89 22.28
CA GLU A 341 23.87 8.60 22.98
C GLU A 341 22.51 8.19 22.45
N ALA A 342 22.12 6.92 22.68
CA ALA A 342 20.81 6.48 22.20
C ALA A 342 19.68 7.31 22.84
N PHE A 343 19.76 7.50 24.14
CA PHE A 343 18.85 8.34 24.89
C PHE A 343 19.65 8.95 26.04
N ALA A 344 19.37 10.19 26.39
CA ALA A 344 20.07 10.82 27.53
C ALA A 344 20.05 9.91 28.77
N PRO A 345 18.88 9.39 29.15
CA PRO A 345 18.87 8.63 30.40
C PRO A 345 19.64 7.32 30.28
N GLN A 346 19.65 6.74 29.07
CA GLN A 346 20.42 5.55 28.81
C GLN A 346 21.90 5.82 28.99
N TYR A 347 22.40 6.86 28.33
CA TYR A 347 23.80 7.25 28.47
C TYR A 347 24.16 7.54 29.94
N LEU A 348 23.30 8.30 30.62
CA LEU A 348 23.60 8.64 32.02
C LEU A 348 23.65 7.39 32.91
N ALA A 349 22.83 6.37 32.64
CA ALA A 349 22.91 5.12 33.44
C ALA A 349 24.24 4.46 33.27
N VAL A 350 24.73 4.49 32.03
CA VAL A 350 26.06 3.95 31.79
C VAL A 350 27.13 4.75 32.49
N GLU A 351 27.07 6.07 32.33
CA GLU A 351 28.01 6.95 33.01
C GLU A 351 28.12 6.66 34.52
N ARG A 352 26.98 6.52 35.17
CA ARG A 352 26.95 6.30 36.62
C ARG A 352 27.38 4.90 36.98
N SER A 353 27.06 3.90 36.14
CA SER A 353 27.45 2.53 36.46
C SER A 353 28.94 2.34 36.39
N LEU A 354 29.60 3.01 35.44
CA LEU A 354 31.03 2.86 35.29
C LEU A 354 31.82 4.00 35.94
N ASP A 355 31.11 4.99 36.48
CA ASP A 355 31.70 6.22 37.01
C ASP A 355 32.63 6.85 35.92
N LEU A 356 32.08 7.10 34.73
CA LEU A 356 32.87 7.64 33.65
C LEU A 356 33.28 9.09 33.93
N ASP A 357 34.45 9.47 33.45
CA ASP A 357 34.91 10.85 33.55
C ASP A 357 34.28 11.66 32.43
N ILE A 358 33.38 12.57 32.80
CA ILE A 358 32.60 13.32 31.83
C ILE A 358 33.46 14.25 31.00
N SER A 359 34.63 14.64 31.51
CA SER A 359 35.54 15.43 30.70
C SER A 359 36.20 14.66 29.58
N LYS A 360 36.14 13.32 29.62
CA LYS A 360 36.74 12.43 28.63
C LYS A 360 35.74 11.58 27.84
N THR A 361 34.44 11.78 28.11
CA THR A 361 33.37 10.95 27.59
C THR A 361 32.47 11.78 26.67
N ASN A 362 32.22 11.25 25.49
CA ASN A 362 31.44 11.93 24.46
C ASN A 362 31.84 13.40 24.36
N VAL A 363 33.14 13.60 24.20
CA VAL A 363 33.72 14.93 24.32
C VAL A 363 33.27 15.91 23.26
N ASN A 364 32.88 15.41 22.09
CA ASN A 364 32.50 16.28 21.00
C ASN A 364 31.03 16.07 20.59
N GLY A 365 30.21 15.76 21.58
CA GLY A 365 28.81 15.52 21.28
C GLY A 365 28.60 14.10 20.80
N GLY A 366 27.36 13.83 20.44
CA GLY A 366 26.98 12.50 19.97
C GLY A 366 25.63 12.51 19.39
N ALA A 367 25.00 11.34 19.42
CA ALA A 367 23.78 11.08 18.71
C ALA A 367 22.58 11.97 19.01
N ILE A 368 22.49 12.53 20.22
CA ILE A 368 21.41 13.49 20.50
C ILE A 368 21.53 14.71 19.56
N ALA A 369 22.73 15.18 19.35
CA ALA A 369 23.02 16.27 18.41
C ALA A 369 23.01 15.83 16.93
N LEU A 370 23.84 14.85 16.56
CA LEU A 370 24.05 14.56 15.15
C LEU A 370 23.26 13.35 14.63
N GLY A 371 22.46 12.73 15.50
CA GLY A 371 21.62 11.61 15.13
C GLY A 371 22.26 10.25 15.23
N HIS A 372 21.43 9.23 15.07
CA HIS A 372 21.83 7.84 15.21
C HIS A 372 21.36 6.99 14.02
N PRO A 373 22.02 7.10 12.87
CA PRO A 373 21.77 6.11 11.80
C PRO A 373 22.22 4.75 12.30
N LEU A 374 21.30 3.83 12.51
CA LEU A 374 21.59 2.63 13.31
C LEU A 374 22.91 1.97 13.02
N GLY A 375 23.13 1.56 11.77
CA GLY A 375 24.34 0.86 11.43
C GLY A 375 25.56 1.72 11.28
N GLY A 376 25.36 3.01 11.08
CA GLY A 376 26.42 3.94 10.85
C GLY A 376 27.10 4.49 12.12
N SER A 377 26.41 4.52 13.27
CA SER A 377 26.97 5.22 14.40
C SER A 377 28.26 4.64 14.94
N GLY A 378 28.38 3.31 14.99
CA GLY A 378 29.64 2.65 15.45
C GLY A 378 30.83 3.01 14.55
N SER A 379 30.57 3.20 13.27
CA SER A 379 31.63 3.58 12.34
C SER A 379 32.06 5.01 12.53
N ARG A 380 31.10 5.92 12.67
CA ARG A 380 31.40 7.28 13.01
C ARG A 380 32.15 7.42 14.35
N ILE A 381 31.65 6.77 15.40
CA ILE A 381 32.31 6.80 16.70
C ILE A 381 33.75 6.34 16.63
N THR A 382 34.00 5.23 15.94
CA THR A 382 35.35 4.71 15.84
C THR A 382 36.22 5.70 15.05
N ALA A 383 35.70 6.21 13.94
CA ALA A 383 36.46 7.19 13.12
C ALA A 383 36.74 8.44 13.92
N HIS A 384 35.80 8.88 14.70
CA HIS A 384 36.01 10.08 15.50
C HIS A 384 37.10 9.82 16.50
N LEU A 385 37.04 8.69 17.19
CA LEU A 385 38.03 8.35 18.19
C LEU A 385 39.45 8.25 17.61
N VAL A 386 39.57 7.63 16.44
CA VAL A 386 40.85 7.54 15.77
C VAL A 386 41.44 8.93 15.60
N HIS A 387 40.71 9.85 15.00
CA HIS A 387 41.22 11.21 14.75
C HIS A 387 41.33 12.07 15.98
N GLU A 388 40.37 11.97 16.89
CA GLU A 388 40.40 12.79 18.08
C GLU A 388 41.47 12.35 19.07
N LEU A 389 41.69 11.06 19.21
CA LEU A 389 42.77 10.54 20.06
C LEU A 389 44.13 11.07 19.59
N ARG A 390 44.33 11.04 18.29
CA ARG A 390 45.56 11.59 17.71
C ARG A 390 45.66 13.11 17.90
N ARG A 391 44.58 13.83 17.63
CA ARG A 391 44.58 15.27 17.86
C ARG A 391 44.98 15.60 19.31
N ARG A 392 44.46 14.86 20.29
CA ARG A 392 44.71 15.15 21.69
C ARG A 392 46.07 14.67 22.16
N GLY A 393 46.77 13.91 21.33
CA GLY A 393 47.99 13.20 21.71
C GLY A 393 47.81 12.11 22.74
N GLY A 394 46.61 11.51 22.79
CA GLY A 394 46.33 10.52 23.79
C GLY A 394 46.83 9.15 23.40
N LYS A 395 46.70 8.20 24.33
CA LYS A 395 47.19 6.84 24.11
C LYS A 395 46.08 5.81 23.82
N TYR A 396 45.01 5.81 24.61
CA TYR A 396 43.94 4.83 24.43
C TYR A 396 42.58 5.47 24.35
N ALA A 397 41.67 4.85 23.60
CA ALA A 397 40.26 5.22 23.62
C ALA A 397 39.37 3.97 23.51
N VAL A 398 38.14 4.06 24.03
CA VAL A 398 37.18 3.03 23.84
C VAL A 398 35.83 3.58 23.36
N GLY A 399 35.25 2.92 22.35
CA GLY A 399 33.95 3.31 21.80
C GLY A 399 32.96 2.21 22.05
N SER A 400 31.70 2.55 22.31
CA SER A 400 30.69 1.57 22.67
C SER A 400 29.32 2.00 22.29
N ALA A 401 28.42 1.04 22.18
CA ALA A 401 27.03 1.27 21.99
C ALA A 401 26.25 0.23 22.72
N CYS A 402 25.06 0.62 23.10
CA CYS A 402 24.04 -0.33 23.49
C CYS A 402 23.38 -0.84 22.26
N ILE A 403 22.75 -1.98 22.39
CA ILE A 403 22.16 -2.70 21.26
C ILE A 403 20.75 -3.18 21.62
N GLY A 404 19.77 -2.76 20.85
CA GLY A 404 18.39 -3.22 21.01
C GLY A 404 18.33 -4.73 21.04
N GLY A 405 17.47 -5.28 21.90
CA GLY A 405 17.46 -6.70 22.13
C GLY A 405 18.30 -7.13 23.28
N GLY A 406 19.14 -6.24 23.82
CA GLY A 406 19.90 -6.48 25.04
C GLY A 406 21.32 -6.97 24.79
N GLN A 407 22.12 -6.10 24.19
CA GLN A 407 23.55 -6.36 23.99
C GLN A 407 24.33 -5.05 24.10
N GLY A 408 25.65 -5.18 24.16
CA GLY A 408 26.58 -4.07 24.13
C GLY A 408 27.84 -4.50 23.40
N ILE A 409 28.52 -3.53 22.83
CA ILE A 409 29.77 -3.72 22.09
C ILE A 409 30.71 -2.60 22.45
N ALA A 410 32.01 -2.94 22.57
CA ALA A 410 33.02 -1.98 22.81
C ALA A 410 34.26 -2.37 22.02
N VAL A 411 34.94 -1.36 21.55
CA VAL A 411 36.19 -1.50 20.80
C VAL A 411 37.21 -0.51 21.40
N ILE A 412 38.38 -1.02 21.74
CA ILE A 412 39.48 -0.24 22.29
C ILE A 412 40.56 -0.02 21.24
N ILE A 413 40.95 1.24 21.04
CA ILE A 413 42.05 1.57 20.14
C ILE A 413 43.22 2.19 20.91
N GLN A 414 44.38 2.13 20.28
CA GLN A 414 45.62 2.68 20.85
C GLN A 414 46.26 3.52 19.77
N SER A 415 46.71 4.72 20.10
CA SER A 415 47.34 5.59 19.12
C SER A 415 48.67 4.98 18.64
N THR A 416 49.05 5.33 17.41
CA THR A 416 50.26 4.83 16.77
C THR A 416 51.21 6.02 16.57
N SER B 19 50.29 -24.47 0.38
CA SER B 19 49.55 -23.27 0.88
C SER B 19 48.42 -23.69 1.84
N HIS B 20 48.76 -24.63 2.70
CA HIS B 20 47.80 -25.25 3.59
C HIS B 20 47.64 -24.33 4.81
N MET B 21 46.42 -24.22 5.29
CA MET B 21 46.14 -23.45 6.47
C MET B 21 45.07 -24.20 7.26
N ALA B 22 45.47 -24.78 8.38
CA ALA B 22 44.56 -25.50 9.20
C ALA B 22 43.84 -24.51 10.10
N LEU B 23 42.62 -24.84 10.54
CA LEU B 23 41.95 -24.01 11.54
C LEU B 23 42.89 -23.90 12.74
N LEU B 24 42.92 -22.77 13.41
CA LEU B 24 43.82 -22.61 14.56
C LEU B 24 43.49 -23.55 15.72
N ARG B 25 42.22 -23.93 15.86
CA ARG B 25 41.79 -24.85 16.88
C ARG B 25 40.92 -25.86 16.19
N GLY B 26 40.83 -27.05 16.75
CA GLY B 26 39.87 -28.03 16.27
C GLY B 26 38.44 -27.55 16.52
N VAL B 27 37.59 -27.64 15.51
CA VAL B 27 36.19 -27.27 15.64
C VAL B 27 35.32 -28.43 15.21
N PHE B 28 34.40 -28.82 16.08
CA PHE B 28 33.59 -29.98 15.85
C PHE B 28 32.12 -29.65 15.83
N VAL B 29 31.43 -30.33 14.94
CA VAL B 29 30.01 -30.30 14.87
C VAL B 29 29.49 -31.29 15.89
N VAL B 30 28.68 -30.82 16.83
CA VAL B 30 28.10 -31.63 17.85
C VAL B 30 26.59 -31.76 17.68
N ALA B 31 25.98 -30.97 16.77
CA ALA B 31 24.60 -31.17 16.41
C ALA B 31 24.36 -30.52 15.05
N ALA B 32 23.47 -31.10 14.27
CA ALA B 32 23.11 -30.55 12.97
C ALA B 32 21.70 -30.96 12.56
N LYS B 33 20.81 -29.98 12.47
CA LYS B 33 19.40 -30.22 12.25
C LYS B 33 18.87 -29.19 11.29
N ARG B 34 17.81 -29.55 10.59
CA ARG B 34 17.15 -28.65 9.70
C ARG B 34 15.67 -28.98 9.62
N THR B 35 14.86 -27.96 9.37
CA THR B 35 13.45 -28.09 9.27
C THR B 35 13.11 -28.73 7.96
N PRO B 36 11.96 -29.38 7.90
CA PRO B 36 11.42 -29.59 6.57
C PRO B 36 11.29 -28.24 5.85
N PHE B 37 11.41 -28.26 4.55
CA PHE B 37 11.29 -27.04 3.78
C PHE B 37 9.87 -26.92 3.21
N GLY B 38 9.25 -25.76 3.43
CA GLY B 38 7.87 -25.48 2.99
C GLY B 38 7.86 -24.78 1.66
N ALA B 39 6.81 -25.01 0.87
CA ALA B 39 6.62 -24.33 -0.39
C ALA B 39 6.20 -22.90 -0.16
N TYR B 40 6.37 -22.08 -1.19
CA TYR B 40 5.95 -20.70 -1.19
C TYR B 40 4.45 -20.69 -0.98
N GLY B 41 4.01 -20.05 0.08
CA GLY B 41 2.60 -20.03 0.41
C GLY B 41 2.09 -21.33 0.93
N GLY B 42 2.99 -22.20 1.37
CA GLY B 42 2.65 -23.56 1.76
C GLY B 42 2.53 -23.72 3.25
N LEU B 43 2.96 -24.87 3.74
CA LEU B 43 2.65 -25.28 5.13
C LEU B 43 3.35 -24.48 6.21
N LEU B 44 4.44 -23.79 5.86
CA LEU B 44 5.16 -23.03 6.88
C LEU B 44 4.98 -21.55 6.72
N LYS B 45 4.04 -21.10 5.88
CA LYS B 45 3.98 -19.68 5.53
C LYS B 45 3.73 -18.78 6.72
N ASP B 46 3.07 -19.27 7.79
CA ASP B 46 2.77 -18.43 8.89
C ASP B 46 3.85 -18.44 9.93
N PHE B 47 4.95 -19.16 9.70
CA PHE B 47 6.06 -19.08 10.61
C PHE B 47 7.07 -18.05 10.12
N THR B 48 7.51 -17.15 11.01
CA THR B 48 8.54 -16.21 10.69
C THR B 48 9.91 -16.93 10.56
N ALA B 49 10.85 -16.27 9.90
CA ALA B 49 12.23 -16.78 9.81
C ALA B 49 12.80 -17.00 11.21
N THR B 50 12.44 -16.13 12.14
CA THR B 50 12.77 -16.30 13.52
C THR B 50 12.21 -17.59 14.09
N ASP B 51 10.91 -17.83 13.91
CA ASP B 51 10.27 -19.09 14.36
C ASP B 51 10.99 -20.32 13.78
N LEU B 52 11.23 -20.31 12.49
CA LEU B 52 11.84 -21.49 11.84
C LEU B 52 13.23 -21.74 12.42
N SER B 53 14.02 -20.67 12.58
CA SER B 53 15.35 -20.78 13.19
C SER B 53 15.26 -21.35 14.61
N GLU B 54 14.28 -20.85 15.37
CA GLU B 54 14.03 -21.37 16.72
C GLU B 54 13.81 -22.91 16.68
N PHE B 55 12.97 -23.36 15.77
CA PHE B 55 12.62 -24.78 15.71
C PHE B 55 13.87 -25.62 15.43
N ALA B 56 14.71 -25.16 14.48
CA ALA B 56 15.93 -25.88 14.19
C ALA B 56 16.91 -25.83 15.34
N ALA B 57 17.05 -24.68 15.98
CA ALA B 57 17.97 -24.52 17.10
C ALA B 57 17.60 -25.38 18.32
N LYS B 58 16.32 -25.41 18.64
CA LYS B 58 15.79 -26.30 19.70
C LYS B 58 16.06 -27.77 19.43
N ALA B 59 15.79 -28.19 18.20
CA ALA B 59 16.07 -29.56 17.80
C ALA B 59 17.55 -29.85 17.88
N ALA B 60 18.40 -28.92 17.47
CA ALA B 60 19.84 -29.17 17.52
C ALA B 60 20.35 -29.28 18.97
N LEU B 61 19.90 -28.36 19.85
CA LEU B 61 20.32 -28.40 21.24
C LEU B 61 19.96 -29.77 21.83
N SER B 62 18.75 -30.22 21.56
CA SER B 62 18.32 -31.51 22.09
C SER B 62 19.13 -32.69 21.49
N ALA B 63 19.32 -32.69 20.18
CA ALA B 63 20.03 -33.80 19.53
C ALA B 63 21.48 -33.88 19.94
N GLY B 64 22.15 -32.75 20.17
CA GLY B 64 23.51 -32.76 20.61
C GLY B 64 23.74 -32.81 22.09
N LYS B 65 22.62 -32.85 22.81
CA LYS B 65 22.63 -32.82 24.27
C LYS B 65 23.44 -31.66 24.81
N VAL B 66 23.23 -30.51 24.21
CA VAL B 66 23.95 -29.31 24.50
C VAL B 66 23.04 -28.45 25.36
N SER B 67 23.44 -28.26 26.60
CA SER B 67 22.66 -27.41 27.48
C SER B 67 22.76 -25.96 26.90
N PRO B 68 21.64 -25.26 26.83
CA PRO B 68 21.66 -23.89 26.25
C PRO B 68 22.61 -22.96 27.04
N GLU B 69 22.85 -23.29 28.31
CA GLU B 69 23.77 -22.54 29.13
C GLU B 69 25.20 -22.62 28.65
N THR B 70 25.55 -23.63 27.85
CA THR B 70 26.92 -23.77 27.36
C THR B 70 27.18 -23.00 26.06
N VAL B 71 26.15 -22.45 25.45
CA VAL B 71 26.32 -21.73 24.22
C VAL B 71 26.83 -20.28 24.48
N ASP B 72 28.00 -19.99 23.93
CA ASP B 72 28.72 -18.76 24.11
C ASP B 72 28.41 -17.71 23.06
N SER B 73 27.89 -18.11 21.89
CA SER B 73 27.57 -17.18 20.84
C SER B 73 26.49 -17.75 19.97
N VAL B 74 25.58 -16.88 19.49
CA VAL B 74 24.56 -17.23 18.53
C VAL B 74 24.78 -16.43 17.26
N ILE B 75 24.84 -17.12 16.12
CA ILE B 75 25.04 -16.46 14.83
C ILE B 75 24.03 -17.07 13.86
N MET B 76 23.22 -16.24 13.25
CA MET B 76 22.21 -16.69 12.31
C MET B 76 22.36 -16.01 10.97
N GLY B 77 22.33 -16.83 9.91
CA GLY B 77 22.22 -16.33 8.57
C GLY B 77 20.75 -16.10 8.23
N ASN B 78 20.46 -14.96 7.62
CA ASN B 78 19.10 -14.63 7.13
C ASN B 78 19.27 -13.53 6.08
N VAL B 79 18.63 -13.67 4.92
CA VAL B 79 18.89 -12.79 3.80
C VAL B 79 17.91 -11.63 3.68
N LEU B 80 16.62 -11.93 3.51
CA LEU B 80 15.61 -10.91 3.24
C LEU B 80 14.74 -10.76 4.47
N GLN B 81 14.84 -9.60 5.11
CA GLN B 81 14.09 -9.35 6.35
C GLN B 81 12.60 -9.46 6.03
N SER B 82 11.90 -10.36 6.71
CA SER B 82 10.54 -10.71 6.28
C SER B 82 9.53 -10.78 7.43
N SER B 83 9.85 -10.17 8.56
CA SER B 83 8.86 -10.04 9.62
C SER B 83 9.11 -8.76 10.39
N SER B 84 8.14 -8.33 11.19
CA SER B 84 8.27 -7.04 11.89
C SER B 84 9.40 -7.06 12.94
N ASP B 85 9.78 -8.25 13.41
CA ASP B 85 10.87 -8.45 14.35
C ASP B 85 12.20 -8.88 13.71
N ALA B 86 12.28 -8.84 12.38
CA ALA B 86 13.41 -9.45 11.70
C ALA B 86 14.79 -8.93 12.16
N ILE B 87 14.94 -7.66 12.50
CA ILE B 87 16.28 -7.15 12.79
C ILE B 87 16.84 -7.75 14.09
N TYR B 88 15.95 -8.31 14.93
CA TYR B 88 16.31 -8.94 16.19
C TYR B 88 16.53 -10.45 16.06
N LEU B 89 16.43 -11.02 14.86
CA LEU B 89 16.33 -12.44 14.68
C LEU B 89 17.23 -13.32 15.55
N ALA B 90 18.53 -13.16 15.44
CA ALA B 90 19.46 -14.05 16.16
C ALA B 90 19.26 -13.96 17.65
N ARG B 91 19.07 -12.74 18.14
CA ARG B 91 18.88 -12.52 19.56
C ARG B 91 17.58 -13.17 20.07
N HIS B 92 16.51 -13.01 19.33
CA HIS B 92 15.26 -13.63 19.72
C HIS B 92 15.34 -15.14 19.69
N VAL B 93 16.04 -15.71 18.71
CA VAL B 93 16.24 -17.16 18.71
C VAL B 93 17.01 -17.61 19.94
N GLY B 94 18.13 -16.97 20.24
CA GLY B 94 18.93 -17.31 21.40
C GLY B 94 18.07 -17.28 22.70
N LEU B 95 17.40 -16.18 22.94
CA LEU B 95 16.58 -16.05 24.14
C LEU B 95 15.44 -17.06 24.19
N ARG B 96 14.79 -17.32 23.07
CA ARG B 96 13.69 -18.27 22.99
C ARG B 96 14.10 -19.71 23.32
N VAL B 97 15.31 -20.11 22.97
CA VAL B 97 15.74 -21.51 23.26
C VAL B 97 16.47 -21.65 24.57
N GLY B 98 16.47 -20.62 25.39
CA GLY B 98 16.98 -20.69 26.76
C GLY B 98 18.46 -20.41 26.89
N ILE B 99 19.10 -19.86 25.84
CA ILE B 99 20.50 -19.52 25.96
C ILE B 99 20.57 -18.25 26.83
N PRO B 100 21.55 -18.14 27.74
CA PRO B 100 21.55 -17.04 28.68
C PRO B 100 21.53 -15.70 27.99
N LYS B 101 20.93 -14.73 28.67
CA LYS B 101 20.90 -13.38 28.19
C LYS B 101 22.28 -12.79 27.96
N GLU B 102 23.31 -13.29 28.65
CA GLU B 102 24.67 -12.77 28.50
C GLU B 102 25.32 -13.16 27.15
N THR B 103 24.80 -14.20 26.52
CA THR B 103 25.34 -14.70 25.28
C THR B 103 24.96 -13.74 24.13
N PRO B 104 25.95 -13.24 23.40
CA PRO B 104 25.57 -12.38 22.27
C PRO B 104 24.99 -13.10 21.06
N ALA B 105 24.41 -12.31 20.15
CA ALA B 105 23.69 -12.80 19.03
C ALA B 105 23.81 -11.89 17.81
N LEU B 106 24.20 -12.49 16.69
CA LEU B 106 24.54 -11.79 15.47
C LEU B 106 23.76 -12.33 14.31
N THR B 107 23.22 -11.46 13.48
CA THR B 107 22.58 -11.88 12.24
C THR B 107 23.51 -11.47 11.11
N ILE B 108 23.76 -12.38 10.17
CA ILE B 108 24.64 -12.10 9.02
C ILE B 108 23.91 -12.38 7.69
N ASN B 109 24.40 -11.76 6.62
CA ASN B 109 23.82 -11.90 5.33
C ASN B 109 24.92 -11.94 4.26
N ARG B 110 25.20 -13.16 3.80
CA ARG B 110 25.96 -13.35 2.62
C ARG B 110 25.08 -14.05 1.61
N LEU B 111 23.88 -13.52 1.49
CA LEU B 111 22.83 -13.98 0.56
C LEU B 111 22.72 -15.49 0.62
N GLY B 113 24.70 -17.78 0.51
CA GLY B 113 25.71 -18.45 1.26
C GLY B 113 25.55 -18.35 2.78
N SER B 114 24.49 -17.67 3.25
CA SER B 114 24.35 -17.27 4.66
C SER B 114 24.38 -18.42 5.66
N GLY B 115 23.78 -19.55 5.32
CA GLY B 115 23.69 -20.71 6.23
C GLY B 115 25.04 -21.40 6.37
N PHE B 116 25.91 -21.30 5.37
CA PHE B 116 27.32 -21.67 5.53
C PHE B 116 28.12 -20.62 6.32
N GLN B 117 27.87 -19.34 6.02
CA GLN B 117 28.66 -18.26 6.59
C GLN B 117 28.51 -18.19 8.08
N SER B 118 27.30 -18.45 8.63
CA SER B 118 27.18 -18.41 10.10
C SER B 118 28.14 -19.41 10.76
N ILE B 119 28.38 -20.54 10.09
CA ILE B 119 29.33 -21.53 10.58
C ILE B 119 30.74 -21.00 10.49
N VAL B 120 31.08 -20.38 9.34
CA VAL B 120 32.36 -19.74 9.19
C VAL B 120 32.64 -18.69 10.29
N ASN B 121 31.67 -17.82 10.55
CA ASN B 121 31.82 -16.86 11.66
C ASN B 121 32.01 -17.53 13.01
N GLY B 122 31.27 -18.59 13.26
CA GLY B 122 31.39 -19.36 14.48
C GLY B 122 32.79 -19.98 14.63
N CYS B 123 33.31 -20.51 13.56
CA CYS B 123 34.67 -21.08 13.54
C CYS B 123 35.69 -20.04 13.88
N GLN B 124 35.54 -18.86 13.28
CA GLN B 124 36.46 -17.75 13.55
C GLN B 124 36.44 -17.37 15.03
N GLU B 125 35.25 -17.21 15.60
CA GLU B 125 35.14 -16.84 17.01
C GLU B 125 35.80 -17.89 17.90
N ILE B 126 35.57 -19.18 17.59
CA ILE B 126 36.23 -20.23 18.36
C ILE B 126 37.76 -20.16 18.19
N CYS B 127 38.22 -19.92 16.97
CA CYS B 127 39.63 -19.97 16.67
C CYS B 127 40.41 -18.81 17.25
N VAL B 128 39.76 -17.66 17.48
CA VAL B 128 40.41 -16.59 18.22
C VAL B 128 40.04 -16.64 19.74
N LYS B 129 39.48 -17.75 20.20
CA LYS B 129 39.20 -17.98 21.62
C LYS B 129 38.20 -17.04 22.23
N GLU B 130 37.26 -16.56 21.44
CA GLU B 130 36.22 -15.68 21.92
C GLU B 130 34.95 -16.45 22.20
N ALA B 131 34.92 -17.72 21.79
CA ALA B 131 33.80 -18.60 22.02
C ALA B 131 34.33 -20.04 22.12
N GLU B 132 33.59 -20.91 22.81
CA GLU B 132 33.89 -22.34 22.83
C GLU B 132 32.79 -23.18 22.18
N VAL B 133 31.55 -22.70 22.27
CA VAL B 133 30.42 -23.35 21.71
C VAL B 133 29.54 -22.30 21.03
N VAL B 134 29.24 -22.52 19.75
CA VAL B 134 28.48 -21.52 18.96
C VAL B 134 27.33 -22.18 18.29
N LEU B 135 26.15 -21.58 18.44
CA LEU B 135 25.00 -21.95 17.69
C LEU B 135 25.00 -21.20 16.36
N CYS B 136 25.15 -21.94 15.25
CA CYS B 136 25.28 -21.35 13.89
C CYS B 136 24.13 -21.81 13.00
N GLY B 137 23.18 -20.92 12.74
CA GLY B 137 21.99 -21.29 12.01
C GLY B 137 21.86 -20.52 10.71
N GLY B 138 20.85 -20.90 9.96
CA GLY B 138 20.43 -20.17 8.75
C GLY B 138 18.95 -20.34 8.60
N THR B 139 18.28 -19.31 8.09
CA THR B 139 16.86 -19.36 8.00
C THR B 139 16.35 -18.42 6.95
N GLU B 140 15.20 -18.72 6.39
CA GLU B 140 14.52 -17.80 5.48
C GLU B 140 13.04 -18.14 5.44
N SER B 141 12.22 -17.09 5.52
CA SER B 141 10.82 -17.22 5.14
C SER B 141 10.58 -16.37 3.92
N MET B 142 10.49 -17.01 2.76
CA MET B 142 10.26 -16.29 1.53
C MET B 142 8.76 -16.03 1.35
N SER B 143 7.93 -16.91 1.90
CA SER B 143 6.48 -16.69 1.90
C SER B 143 6.09 -15.36 2.55
N GLN B 144 6.81 -14.97 3.60
CA GLN B 144 6.59 -13.72 4.31
C GLN B 144 7.27 -12.50 3.77
N ALA B 145 8.05 -12.61 2.69
CA ALA B 145 8.68 -11.42 2.14
C ALA B 145 7.56 -10.36 1.91
N PRO B 146 7.72 -9.16 2.47
CA PRO B 146 6.67 -8.14 2.32
C PRO B 146 6.61 -7.50 0.95
N TYR B 147 5.51 -6.80 0.70
CA TYR B 147 5.54 -5.78 -0.30
C TYR B 147 6.00 -4.50 0.40
N CYS B 148 6.82 -3.72 -0.31
CA CYS B 148 7.33 -2.49 0.23
C CYS B 148 6.76 -1.28 -0.54
N VAL B 149 6.32 -0.29 0.22
CA VAL B 149 5.95 1.02 -0.33
C VAL B 149 7.06 1.99 0.03
N ARG B 150 7.75 2.44 -0.99
CA ARG B 150 8.88 3.34 -0.87
C ARG B 150 8.50 4.77 -1.32
N ASN B 151 9.28 5.72 -0.82
CA ASN B 151 9.19 7.11 -1.22
CA ASN B 151 9.22 7.15 -1.20
C ASN B 151 7.91 7.81 -0.88
N VAL B 152 7.16 7.34 0.14
CA VAL B 152 5.94 8.04 0.55
C VAL B 152 6.04 8.71 1.92
N ARG B 153 7.16 8.65 2.62
CA ARG B 153 7.27 9.31 3.92
C ARG B 153 7.18 10.81 3.88
N PHE B 154 7.67 11.41 2.80
CA PHE B 154 7.89 12.86 2.75
C PHE B 154 7.17 13.53 1.59
N GLY B 155 6.03 13.01 1.21
CA GLY B 155 5.20 13.62 0.15
C GLY B 155 5.33 12.87 -1.15
N THR B 156 4.31 12.97 -2.00
CA THR B 156 4.34 12.34 -3.31
C THR B 156 4.19 13.42 -4.34
N LYS B 157 4.45 13.09 -5.59
CA LYS B 157 4.28 13.99 -6.68
C LYS B 157 3.12 13.44 -7.53
N LEU B 158 2.19 14.31 -7.85
CA LEU B 158 1.06 13.94 -8.70
C LEU B 158 1.58 13.34 -9.99
N GLY B 159 1.11 12.17 -10.37
CA GLY B 159 1.59 11.52 -11.59
C GLY B 159 2.79 10.60 -11.43
N SER B 160 3.27 10.41 -10.22
CA SER B 160 4.35 9.44 -10.00
C SER B 160 3.76 8.03 -9.91
N ASP B 161 4.58 7.06 -10.23
CA ASP B 161 4.15 5.68 -10.31
C ASP B 161 4.61 4.94 -9.04
N ILE B 162 3.83 4.97 -7.96
CA ILE B 162 4.23 4.30 -6.70
C ILE B 162 3.85 2.84 -6.75
N LYS B 163 4.78 1.98 -6.38
CA LYS B 163 4.60 0.52 -6.48
C LYS B 163 4.44 -0.08 -5.09
N LEU B 164 3.67 -1.15 -5.02
CA LEU B 164 3.72 -2.08 -3.93
C LEU B 164 4.79 -3.06 -4.41
N GLU B 165 6.02 -2.77 -4.07
CA GLU B 165 7.15 -3.52 -4.58
C GLU B 165 7.28 -4.87 -3.91
N ASP B 166 7.38 -5.91 -4.72
CA ASP B 166 7.61 -7.25 -4.23
C ASP B 166 9.07 -7.40 -3.80
N SER B 167 9.34 -7.33 -2.50
CA SER B 167 10.71 -7.29 -1.98
C SER B 167 11.51 -8.54 -2.38
N LEU B 168 10.81 -9.67 -2.47
CA LEU B 168 11.43 -10.89 -2.88
C LEU B 168 11.83 -10.81 -4.33
N TRP B 169 10.88 -10.50 -5.19
CA TRP B 169 11.14 -10.49 -6.63
C TRP B 169 12.22 -9.47 -6.98
N VAL B 170 12.15 -8.25 -6.44
CA VAL B 170 13.22 -7.27 -6.77
C VAL B 170 14.61 -7.72 -6.23
N SER B 171 14.63 -8.46 -5.13
CA SER B 171 15.90 -8.95 -4.55
C SER B 171 16.54 -10.04 -5.39
N LEU B 172 15.78 -10.65 -6.30
CA LEU B 172 16.33 -11.64 -7.19
C LEU B 172 16.95 -11.08 -8.47
N THR B 173 17.01 -9.76 -8.59
CA THR B 173 17.83 -9.10 -9.60
C THR B 173 19.01 -8.44 -8.94
N ASP B 174 20.18 -8.63 -9.50
CA ASP B 174 21.37 -7.93 -9.04
C ASP B 174 21.41 -6.63 -9.83
N GLN B 175 21.07 -5.55 -9.16
CA GLN B 175 21.03 -4.24 -9.82
C GLN B 175 22.38 -3.69 -10.26
N HIS B 176 23.49 -4.18 -9.70
CA HIS B 176 24.79 -3.72 -10.12
C HIS B 176 25.02 -4.10 -11.61
N VAL B 177 24.59 -5.29 -12.02
CA VAL B 177 24.74 -5.71 -13.43
C VAL B 177 23.39 -5.74 -14.14
N GLN B 178 22.33 -5.35 -13.43
CA GLN B 178 20.95 -5.43 -13.93
C GLN B 178 20.61 -6.79 -14.53
N LEU B 179 20.88 -7.85 -13.78
CA LEU B 179 20.53 -9.19 -14.24
C LEU B 179 19.73 -9.91 -13.18
N PRO B 180 18.57 -10.47 -13.57
CA PRO B 180 17.93 -11.46 -12.73
C PRO B 180 18.90 -12.57 -12.44
N MET B 181 18.79 -13.20 -11.27
CA MET B 181 19.67 -14.35 -10.96
C MET B 181 19.62 -15.40 -12.09
N ALA B 182 18.43 -15.65 -12.58
CA ALA B 182 18.23 -16.66 -13.62
C ALA B 182 18.99 -16.31 -14.91
N MET B 183 19.09 -15.02 -15.23
CA MET B 183 19.83 -14.58 -16.40
C MET B 183 21.32 -14.79 -16.22
N THR B 184 21.84 -14.72 -14.99
CA THR B 184 23.24 -15.07 -14.78
C THR B 184 23.45 -16.54 -15.07
N ALA B 185 22.43 -17.34 -14.77
CA ALA B 185 22.50 -18.75 -15.05
C ALA B 185 22.42 -19.02 -16.57
N GLU B 186 21.58 -18.26 -17.29
CA GLU B 186 21.54 -18.33 -18.74
C GLU B 186 22.89 -17.96 -19.31
N ASN B 187 23.56 -16.95 -18.73
CA ASN B 187 24.93 -16.61 -19.15
C ASN B 187 25.89 -17.77 -19.05
N LEU B 188 25.76 -18.55 -17.98
CA LEU B 188 26.58 -19.75 -17.81
C LEU B 188 26.16 -20.84 -18.82
N ALA B 189 24.87 -20.98 -19.10
CA ALA B 189 24.42 -22.00 -20.09
C ALA B 189 25.03 -21.68 -21.47
N VAL B 190 25.08 -20.41 -21.82
CA VAL B 190 25.67 -20.00 -23.11
C VAL B 190 27.16 -20.27 -23.09
N LYS B 191 27.82 -19.78 -22.05
CA LYS B 191 29.25 -19.92 -21.93
C LYS B 191 29.76 -21.36 -21.95
N HIS B 192 29.08 -22.26 -21.25
CA HIS B 192 29.58 -23.63 -21.07
C HIS B 192 28.86 -24.61 -22.02
N LYS B 193 28.05 -24.10 -22.93
CA LYS B 193 27.33 -24.92 -23.92
C LYS B 193 26.44 -25.95 -23.23
N ILE B 194 25.61 -25.47 -22.30
CA ILE B 194 24.68 -26.36 -21.63
C ILE B 194 23.32 -26.20 -22.30
N SER B 195 22.73 -27.30 -22.73
CA SER B 195 21.47 -27.26 -23.43
C SER B 195 20.27 -27.32 -22.48
N ARG B 196 19.15 -26.87 -23.00
CA ARG B 196 17.88 -26.92 -22.29
C ARG B 196 17.59 -28.34 -21.84
N GLU B 197 17.80 -29.29 -22.75
CA GLU B 197 17.57 -30.70 -22.41
C GLU B 197 18.47 -31.19 -21.28
N GLU B 198 19.76 -30.85 -21.33
CA GLU B 198 20.68 -31.22 -20.26
C GLU B 198 20.24 -30.65 -18.88
N CYS B 199 19.70 -29.42 -18.89
CA CYS B 199 19.17 -28.82 -17.67
C CYS B 199 17.97 -29.60 -17.13
N ASP B 200 17.06 -29.99 -18.01
CA ASP B 200 15.85 -30.68 -17.57
C ASP B 200 16.20 -32.09 -17.07
N LYS B 201 17.17 -32.73 -17.72
CA LYS B 201 17.61 -34.02 -17.20
C LYS B 201 18.17 -33.90 -15.79
N TYR B 202 18.99 -32.86 -15.56
CA TYR B 202 19.53 -32.69 -14.22
C TYR B 202 18.37 -32.48 -13.24
N ALA B 203 17.40 -31.67 -13.65
CA ALA B 203 16.24 -31.36 -12.76
C ALA B 203 15.45 -32.57 -12.39
N LEU B 204 15.23 -33.44 -13.40
CA LEU B 204 14.61 -34.78 -13.13
C LEU B 204 15.44 -35.61 -12.16
N GLN B 205 16.72 -35.65 -12.37
CA GLN B 205 17.57 -36.39 -11.44
C GLN B 205 17.52 -35.87 -9.99
N SER B 206 17.39 -34.56 -9.79
CA SER B 206 17.26 -34.01 -8.42
C SER B 206 15.96 -34.48 -7.77
N GLN B 207 14.87 -34.43 -8.52
CA GLN B 207 13.59 -34.94 -8.00
C GLN B 207 13.71 -36.41 -7.63
N GLN B 208 14.27 -37.20 -8.54
CA GLN B 208 14.41 -38.66 -8.29
C GLN B 208 15.28 -38.93 -7.08
N ARG B 209 16.42 -38.23 -6.98
CA ARG B 209 17.34 -38.44 -5.89
C ARG B 209 16.74 -38.03 -4.55
N TRP B 210 15.95 -36.94 -4.55
CA TRP B 210 15.24 -36.49 -3.35
C TRP B 210 14.28 -37.58 -2.88
N LYS B 211 13.51 -38.08 -3.84
CA LYS B 211 12.46 -39.09 -3.53
C LYS B 211 13.09 -40.34 -2.94
N ALA B 212 14.12 -40.85 -3.58
CA ALA B 212 14.78 -42.08 -3.08
C ALA B 212 15.35 -41.85 -1.69
N ALA B 213 15.99 -40.69 -1.48
CA ALA B 213 16.60 -40.41 -0.20
C ALA B 213 15.53 -40.30 0.86
N ASN B 214 14.46 -39.57 0.55
CA ASN B 214 13.42 -39.35 1.51
C ASN B 214 12.79 -40.68 1.93
N ASP B 215 12.47 -41.51 0.95
CA ASP B 215 11.87 -42.82 1.24
C ASP B 215 12.80 -43.79 1.94
N ALA B 216 14.10 -43.66 1.72
CA ALA B 216 15.05 -44.55 2.42
C ALA B 216 15.38 -44.09 3.83
N GLY B 217 14.91 -42.90 4.25
CA GLY B 217 15.19 -42.40 5.57
C GLY B 217 16.46 -41.56 5.70
N TYR B 218 17.04 -41.16 4.57
CA TYR B 218 18.32 -40.46 4.62
C TYR B 218 18.19 -39.00 5.16
N PHE B 219 16.97 -38.51 5.33
CA PHE B 219 16.74 -37.16 5.95
C PHE B 219 16.30 -37.27 7.39
N ASN B 220 16.15 -38.49 7.91
CA ASN B 220 15.60 -38.68 9.28
C ASN B 220 16.46 -38.05 10.38
N ASP B 221 17.76 -38.31 10.37
CA ASP B 221 18.62 -37.79 11.42
C ASP B 221 18.69 -36.23 11.45
N GLU B 222 18.67 -35.60 10.28
CA GLU B 222 18.76 -34.14 10.20
C GLU B 222 17.47 -33.45 10.47
N MET B 223 16.35 -34.16 10.24
CA MET B 223 15.05 -33.52 10.21
C MET B 223 14.61 -33.05 11.60
N ALA B 224 14.12 -31.80 11.62
CA ALA B 224 13.51 -31.19 12.78
C ALA B 224 12.03 -30.94 12.45
N PRO B 225 11.15 -31.91 12.76
CA PRO B 225 9.75 -31.79 12.41
C PRO B 225 9.08 -30.60 13.05
N ILE B 226 8.06 -30.11 12.41
CA ILE B 226 7.32 -28.96 12.90
C ILE B 226 5.85 -29.30 12.93
N GLU B 227 5.18 -28.95 13.99
CA GLU B 227 3.74 -29.12 14.04
C GLU B 227 3.04 -27.98 13.30
N VAL B 228 2.18 -28.33 12.36
CA VAL B 228 1.49 -27.37 11.50
C VAL B 228 -0.03 -27.55 11.59
N LYS B 234 -4.02 -30.42 13.52
CA LYS B 234 -2.59 -30.47 13.85
C LYS B 234 -1.95 -31.67 13.21
N GLN B 235 -0.90 -31.42 12.43
CA GLN B 235 -0.12 -32.50 11.87
C GLN B 235 1.37 -32.17 11.98
N THR B 236 2.17 -33.22 11.97
CA THR B 236 3.60 -33.10 12.02
C THR B 236 4.10 -33.02 10.61
N MET B 237 4.78 -31.93 10.27
CA MET B 237 5.42 -31.84 8.96
C MET B 237 6.85 -32.32 9.12
N GLN B 238 7.24 -33.31 8.32
CA GLN B 238 8.58 -33.82 8.34
C GLN B 238 9.04 -34.30 6.96
N VAL B 239 8.39 -33.80 5.92
CA VAL B 239 8.72 -34.07 4.55
C VAL B 239 8.76 -32.73 3.81
N ASP B 240 9.76 -32.57 2.97
CA ASP B 240 9.87 -31.37 2.14
C ASP B 240 8.68 -31.20 1.17
N GLU B 241 8.02 -30.05 1.25
CA GLU B 241 6.77 -29.80 0.52
C GLU B 241 6.96 -29.49 -0.96
N HIS B 242 8.07 -28.90 -1.33
CA HIS B 242 8.24 -28.45 -2.70
C HIS B 242 8.50 -29.58 -3.69
N ALA B 243 9.00 -30.72 -3.19
CA ALA B 243 9.45 -31.83 -4.04
C ALA B 243 8.30 -32.36 -4.87
N ARG B 244 8.58 -32.73 -6.11
CA ARG B 244 7.55 -33.20 -7.05
C ARG B 244 8.00 -34.53 -7.57
N PRO B 245 7.82 -35.57 -6.74
CA PRO B 245 8.37 -36.86 -7.11
C PRO B 245 7.72 -37.51 -8.32
N GLN B 246 6.60 -37.00 -8.80
CA GLN B 246 5.98 -37.56 -10.03
C GLN B 246 6.49 -36.85 -11.30
N THR B 247 7.49 -35.97 -11.15
CA THR B 247 8.05 -35.26 -12.29
C THR B 247 8.50 -36.22 -13.36
N THR B 248 8.28 -35.88 -14.63
CA THR B 248 8.86 -36.65 -15.73
C THR B 248 9.61 -35.68 -16.60
N LEU B 249 10.54 -36.21 -17.40
CA LEU B 249 11.25 -35.42 -18.37
C LEU B 249 10.29 -34.73 -19.35
N GLU B 250 9.25 -35.43 -19.75
CA GLU B 250 8.27 -34.88 -20.71
C GLU B 250 7.51 -33.67 -20.18
N GLN B 251 7.11 -33.73 -18.94
CA GLN B 251 6.54 -32.59 -18.28
C GLN B 251 7.53 -31.42 -18.31
N LEU B 252 8.79 -31.67 -17.95
CA LEU B 252 9.80 -30.61 -17.86
C LEU B 252 10.02 -30.00 -19.20
N GLN B 253 10.05 -30.85 -20.23
CA GLN B 253 10.24 -30.39 -21.62
C GLN B 253 9.18 -29.43 -22.09
N LYS B 254 7.97 -29.54 -21.56
CA LYS B 254 6.87 -28.69 -22.02
C LYS B 254 6.84 -27.33 -21.36
N LEU B 255 7.58 -27.16 -20.27
CA LEU B 255 7.54 -25.89 -19.56
C LEU B 255 8.20 -24.82 -20.42
N PRO B 256 7.70 -23.59 -20.36
CA PRO B 256 8.32 -22.52 -21.09
C PRO B 256 9.51 -21.93 -20.30
N PRO B 257 10.52 -21.44 -21.00
CA PRO B 257 11.53 -20.63 -20.32
C PRO B 257 10.91 -19.38 -19.72
N VAL B 258 11.28 -19.08 -18.48
CA VAL B 258 10.66 -18.01 -17.71
C VAL B 258 11.31 -16.65 -17.93
N PHE B 259 12.59 -16.61 -18.28
CA PHE B 259 13.32 -15.36 -18.29
C PHE B 259 13.93 -15.03 -19.62
N LYS B 260 14.08 -16.00 -20.51
CA LYS B 260 14.78 -15.71 -21.74
C LYS B 260 14.15 -16.54 -22.84
N LYS B 261 13.94 -15.90 -23.98
CA LYS B 261 13.39 -16.59 -25.13
C LYS B 261 14.32 -17.71 -25.54
N ASP B 262 13.75 -18.90 -25.69
CA ASP B 262 14.53 -20.11 -25.94
C ASP B 262 15.57 -20.38 -24.85
N GLY B 263 15.35 -19.89 -23.66
CA GLY B 263 16.37 -20.03 -22.58
C GLY B 263 16.35 -21.41 -22.01
N THR B 264 17.28 -21.70 -21.12
CA THR B 264 17.35 -22.98 -20.45
C THR B 264 16.54 -23.03 -19.19
N VAL B 265 16.30 -21.86 -18.55
CA VAL B 265 15.71 -21.82 -17.22
C VAL B 265 14.22 -21.76 -17.25
N THR B 266 13.60 -22.72 -16.56
CA THR B 266 12.19 -22.82 -16.47
C THR B 266 11.81 -22.91 -15.00
N ALA B 267 10.52 -22.94 -14.72
CA ALA B 267 10.05 -23.16 -13.35
C ALA B 267 10.39 -24.57 -12.87
N GLY B 268 10.66 -25.48 -13.80
CA GLY B 268 10.92 -26.84 -13.44
C GLY B 268 12.34 -27.14 -13.11
N ASN B 269 13.27 -26.28 -13.60
CA ASN B 269 14.67 -26.59 -13.44
C ASN B 269 15.43 -25.52 -12.65
N ALA B 270 14.70 -24.55 -12.13
CA ALA B 270 15.25 -23.57 -11.19
C ALA B 270 14.91 -24.03 -9.75
N SER B 271 15.67 -23.59 -8.75
CA SER B 271 15.36 -23.87 -7.38
C SER B 271 14.04 -23.25 -7.03
N GLY B 272 13.35 -23.85 -6.10
CA GLY B 272 12.07 -23.26 -5.71
C GLY B 272 12.24 -22.19 -4.67
N VAL B 273 11.30 -21.27 -4.64
CA VAL B 273 11.12 -20.35 -3.52
C VAL B 273 10.56 -21.16 -2.37
N ALA B 274 11.13 -21.00 -1.17
CA ALA B 274 10.77 -21.86 -0.08
C ALA B 274 11.07 -21.26 1.26
N ASP B 275 10.53 -21.91 2.30
CA ASP B 275 10.69 -21.52 3.69
C ASP B 275 11.40 -22.64 4.44
N GLY B 276 12.39 -22.31 5.29
CA GLY B 276 13.10 -23.34 6.07
C GLY B 276 14.31 -22.81 6.77
N ALA B 277 14.84 -23.58 7.69
CA ALA B 277 15.99 -23.20 8.48
C ALA B 277 16.77 -24.41 8.92
N GLY B 278 17.99 -24.17 9.37
CA GLY B 278 18.81 -25.15 10.00
C GLY B 278 19.59 -24.61 11.13
N ALA B 279 20.21 -25.51 11.89
CA ALA B 279 21.04 -25.13 13.02
C ALA B 279 22.19 -26.14 13.10
N VAL B 280 23.40 -25.63 13.21
CA VAL B 280 24.59 -26.43 13.44
C VAL B 280 25.29 -25.92 14.66
N ILE B 281 25.51 -26.79 15.65
CA ILE B 281 26.19 -26.38 16.87
C ILE B 281 27.61 -26.87 16.76
N ILE B 282 28.56 -25.95 16.85
CA ILE B 282 29.95 -26.26 16.80
C ILE B 282 30.61 -25.99 18.14
N ALA B 283 31.70 -26.71 18.38
CA ALA B 283 32.38 -26.64 19.64
C ALA B 283 33.88 -26.87 19.45
N SER B 284 34.68 -26.15 20.21
CA SER B 284 36.10 -26.42 20.30
C SER B 284 36.38 -27.80 20.84
N GLU B 285 37.57 -28.28 20.51
CA GLU B 285 38.05 -29.51 21.09
C GLU B 285 37.95 -29.47 22.62
N ASP B 286 38.34 -28.35 23.22
CA ASP B 286 38.26 -28.21 24.68
C ASP B 286 36.86 -28.40 25.15
N ALA B 287 35.90 -27.78 24.45
CA ALA B 287 34.52 -27.91 24.87
C ALA B 287 33.99 -29.33 24.76
N VAL B 288 34.33 -30.02 23.66
CA VAL B 288 33.86 -31.37 23.46
C VAL B 288 34.30 -32.24 24.66
N LYS B 289 35.55 -32.09 25.05
CA LYS B 289 36.12 -32.84 26.20
C LYS B 289 35.49 -32.42 27.51
N LYS B 290 35.36 -31.12 27.74
CA LYS B 290 34.78 -30.59 28.98
C LYS B 290 33.34 -30.98 29.17
N HIS B 291 32.54 -30.98 28.09
CA HIS B 291 31.12 -31.24 28.23
C HIS B 291 30.72 -32.63 27.84
N ASN B 292 31.70 -33.45 27.49
CA ASN B 292 31.51 -34.78 27.02
C ASN B 292 30.57 -34.87 25.80
N PHE B 293 30.74 -33.99 24.81
CA PHE B 293 29.95 -34.03 23.62
C PHE B 293 30.39 -35.25 22.80
N THR B 294 29.54 -35.69 21.93
CA THR B 294 29.91 -36.70 20.94
C THR B 294 29.97 -35.98 19.58
N PRO B 295 31.16 -35.79 19.03
CA PRO B 295 31.32 -35.07 17.76
C PRO B 295 30.77 -35.86 16.60
N LEU B 296 30.08 -35.19 15.67
CA LEU B 296 29.56 -35.82 14.47
C LEU B 296 30.50 -35.61 13.29
N ALA B 297 31.25 -34.51 13.31
CA ALA B 297 32.15 -34.14 12.26
C ALA B 297 33.10 -33.11 12.80
N ARG B 298 34.18 -32.89 12.05
CA ARG B 298 35.13 -31.84 12.32
C ARG B 298 35.07 -30.86 11.11
N ILE B 299 35.12 -29.56 11.36
CA ILE B 299 35.25 -28.59 10.30
C ILE B 299 36.74 -28.52 9.95
N VAL B 300 37.06 -28.85 8.73
CA VAL B 300 38.42 -28.89 8.21
C VAL B 300 38.83 -27.61 7.57
N GLY B 301 37.89 -26.96 6.92
CA GLY B 301 38.23 -25.78 6.21
C GLY B 301 37.06 -25.16 5.53
N TYR B 302 37.28 -23.96 5.03
CA TYR B 302 36.23 -23.20 4.36
C TYR B 302 36.87 -22.09 3.58
N PHE B 303 36.11 -21.51 2.66
CA PHE B 303 36.62 -20.46 1.83
C PHE B 303 35.47 -19.69 1.20
N VAL B 304 35.64 -18.39 1.13
CA VAL B 304 34.70 -17.51 0.46
C VAL B 304 35.45 -16.76 -0.61
N SER B 305 34.89 -16.71 -1.79
CA SER B 305 35.52 -15.99 -2.91
C SER B 305 34.49 -15.15 -3.58
N GLY B 306 34.94 -14.03 -4.14
CA GLY B 306 34.13 -13.28 -5.07
C GLY B 306 34.33 -13.83 -6.47
N CYS B 307 33.40 -13.53 -7.36
CA CYS B 307 33.52 -13.89 -8.76
C CYS B 307 32.71 -12.87 -9.57
N ASP B 308 32.79 -12.98 -10.89
CA ASP B 308 32.02 -12.08 -11.76
C ASP B 308 30.51 -12.14 -11.43
N PRO B 309 29.93 -11.01 -11.07
CA PRO B 309 28.47 -11.00 -10.77
C PRO B 309 27.56 -11.50 -11.93
N SER B 310 27.99 -11.24 -13.17
CA SER B 310 27.21 -11.68 -14.34
C SER B 310 27.15 -13.16 -14.55
N ILE B 311 28.07 -13.88 -13.95
CA ILE B 311 28.03 -15.34 -13.85
C ILE B 311 28.17 -15.82 -12.39
N MET B 312 27.41 -15.18 -11.47
CA MET B 312 27.53 -15.47 -10.02
C MET B 312 27.45 -16.95 -9.70
N GLY B 313 26.71 -17.71 -10.52
CA GLY B 313 26.53 -19.12 -10.28
C GLY B 313 27.80 -19.95 -10.24
N ILE B 314 28.88 -19.43 -10.80
CA ILE B 314 30.16 -20.09 -10.78
C ILE B 314 30.90 -20.01 -9.45
N GLY B 315 30.39 -19.23 -8.48
CA GLY B 315 31.08 -19.02 -7.22
C GLY B 315 31.65 -20.27 -6.58
N PRO B 316 30.91 -21.38 -6.61
CA PRO B 316 31.45 -22.58 -5.99
C PRO B 316 32.79 -23.05 -6.53
N VAL B 317 33.14 -22.67 -7.76
CA VAL B 317 34.39 -23.17 -8.34
C VAL B 317 35.61 -22.62 -7.61
N PRO B 318 35.78 -21.29 -7.54
CA PRO B 318 36.88 -20.78 -6.71
C PRO B 318 36.69 -21.05 -5.22
N ALA B 319 35.43 -21.12 -4.75
CA ALA B 319 35.23 -21.40 -3.34
C ALA B 319 35.73 -22.80 -2.93
N ILE B 320 35.27 -23.82 -3.66
CA ILE B 320 35.66 -25.17 -3.36
C ILE B 320 37.18 -25.32 -3.56
N SER B 321 37.71 -24.78 -4.65
CA SER B 321 39.14 -24.90 -4.95
C SER B 321 39.99 -24.31 -3.84
N GLY B 322 39.62 -23.11 -3.39
CA GLY B 322 40.36 -22.46 -2.33
C GLY B 322 40.27 -23.19 -1.01
N ALA B 323 39.08 -23.66 -0.67
CA ALA B 323 38.92 -24.42 0.59
C ALA B 323 39.78 -25.69 0.55
N LEU B 324 39.76 -26.41 -0.59
CA LEU B 324 40.55 -27.63 -0.72
C LEU B 324 42.05 -27.32 -0.61
N LYS B 325 42.48 -26.28 -1.28
CA LYS B 325 43.88 -25.86 -1.19
C LYS B 325 44.27 -25.57 0.25
N LYS B 326 43.47 -24.79 0.96
CA LYS B 326 43.81 -24.50 2.36
C LYS B 326 43.85 -25.77 3.24
N ALA B 327 42.93 -26.71 2.99
CA ALA B 327 42.89 -27.95 3.76
C ALA B 327 43.97 -28.97 3.33
N GLY B 328 44.70 -28.69 2.25
CA GLY B 328 45.68 -29.65 1.71
C GLY B 328 45.04 -30.88 1.10
N LEU B 329 43.85 -30.72 0.51
CA LEU B 329 43.11 -31.85 -0.01
C LEU B 329 42.77 -31.61 -1.44
N SER B 330 42.35 -32.65 -2.12
CA SER B 330 41.95 -32.50 -3.53
C SER B 330 40.54 -32.96 -3.66
N LEU B 331 39.93 -32.69 -4.82
CA LEU B 331 38.55 -33.10 -5.07
C LEU B 331 38.36 -34.58 -4.96
N LYS B 332 39.37 -35.35 -5.32
CA LYS B 332 39.28 -36.80 -5.25
C LYS B 332 39.16 -37.27 -3.80
N ASP B 333 39.58 -36.46 -2.84
CA ASP B 333 39.44 -36.82 -1.43
C ASP B 333 38.03 -36.64 -0.91
N MET B 334 37.19 -35.90 -1.63
CA MET B 334 35.82 -35.67 -1.21
C MET B 334 34.91 -36.86 -1.52
N ASP B 335 34.38 -37.48 -0.47
CA ASP B 335 33.42 -38.54 -0.65
C ASP B 335 32.09 -37.99 -1.12
N LEU B 336 31.75 -36.78 -0.66
CA LEU B 336 30.53 -36.13 -1.05
C LEU B 336 30.81 -34.69 -1.38
N VAL B 337 30.11 -34.20 -2.40
CA VAL B 337 30.15 -32.81 -2.76
C VAL B 337 28.72 -32.35 -2.82
N GLU B 338 28.48 -31.16 -2.31
CA GLU B 338 27.17 -30.48 -2.50
C GLU B 338 27.42 -29.12 -3.15
N VAL B 339 26.66 -28.85 -4.21
CA VAL B 339 26.63 -27.57 -4.89
C VAL B 339 25.18 -27.18 -4.94
N ASN B 340 24.82 -26.13 -4.22
CA ASN B 340 23.40 -25.77 -4.10
C ASN B 340 22.84 -25.62 -5.50
N GLU B 341 21.70 -26.19 -5.72
CA GLU B 341 21.04 -26.21 -7.04
C GLU B 341 20.26 -24.95 -7.31
N ALA B 342 20.93 -23.83 -7.42
CA ALA B 342 20.21 -22.57 -7.62
C ALA B 342 19.43 -22.62 -8.96
N PHE B 343 20.11 -23.06 -9.99
CA PHE B 343 19.49 -23.31 -11.31
C PHE B 343 20.22 -24.50 -11.94
N ALA B 344 19.51 -25.36 -12.66
CA ALA B 344 20.20 -26.48 -13.31
C ALA B 344 21.41 -26.06 -14.12
N PRO B 345 21.28 -25.03 -14.97
CA PRO B 345 22.44 -24.70 -15.80
C PRO B 345 23.58 -24.17 -14.98
N GLN B 346 23.26 -23.50 -13.86
CA GLN B 346 24.28 -23.01 -12.96
C GLN B 346 25.07 -24.15 -12.35
N TYR B 347 24.34 -25.11 -11.76
CA TYR B 347 24.97 -26.30 -11.20
C TYR B 347 25.84 -27.03 -12.27
N LEU B 348 25.28 -27.18 -13.48
CA LEU B 348 26.00 -27.93 -14.52
C LEU B 348 27.29 -27.24 -14.96
N ALA B 349 27.31 -25.90 -14.96
CA ALA B 349 28.56 -25.17 -15.25
C ALA B 349 29.59 -25.43 -14.19
N VAL B 350 29.15 -25.48 -12.92
CA VAL B 350 30.07 -25.85 -11.84
C VAL B 350 30.60 -27.27 -11.99
N GLU B 351 29.67 -28.20 -12.23
CA GLU B 351 30.02 -29.60 -12.41
C GLU B 351 31.11 -29.75 -13.49
N ARG B 352 30.91 -29.10 -14.63
CA ARG B 352 31.86 -29.20 -15.74
C ARG B 352 33.15 -28.50 -15.40
N SER B 353 33.11 -27.35 -14.70
CA SER B 353 34.36 -26.61 -14.45
C SER B 353 35.28 -27.38 -13.52
N LEU B 354 34.70 -28.09 -12.55
CA LEU B 354 35.49 -28.84 -11.59
C LEU B 354 35.60 -30.32 -11.95
N ASP B 355 34.88 -30.73 -12.98
CA ASP B 355 34.79 -32.12 -13.35
C ASP B 355 34.30 -32.95 -12.17
N LEU B 356 33.18 -32.54 -11.58
CA LEU B 356 32.69 -33.26 -10.41
C LEU B 356 32.19 -34.66 -10.77
N ASP B 357 32.33 -35.58 -9.81
CA ASP B 357 31.78 -36.90 -9.97
C ASP B 357 30.30 -36.88 -9.57
N ILE B 358 29.43 -37.10 -10.56
CA ILE B 358 28.00 -37.01 -10.36
C ILE B 358 27.47 -38.09 -9.41
N SER B 359 28.19 -39.20 -9.24
CA SER B 359 27.76 -40.20 -8.28
C SER B 359 27.99 -39.76 -6.85
N LYS B 360 28.79 -38.71 -6.63
CA LYS B 360 29.13 -38.20 -5.30
C LYS B 360 28.64 -36.75 -5.03
N THR B 361 27.92 -36.17 -6.01
CA THR B 361 27.54 -34.77 -6.00
C THR B 361 26.02 -34.64 -5.95
N ASN B 362 25.55 -33.88 -4.96
CA ASN B 362 24.12 -33.68 -4.73
C ASN B 362 23.40 -35.03 -4.79
N VAL B 363 23.92 -35.95 -4.00
CA VAL B 363 23.52 -37.35 -4.06
C VAL B 363 22.09 -37.60 -3.67
N ASN B 364 21.53 -36.73 -2.82
CA ASN B 364 20.17 -36.93 -2.38
C ASN B 364 19.23 -35.80 -2.83
N GLY B 365 19.49 -35.27 -4.00
CA GLY B 365 18.69 -34.17 -4.52
C GLY B 365 19.19 -32.84 -3.94
N GLY B 366 18.47 -31.80 -4.28
CA GLY B 366 18.77 -30.47 -3.74
C GLY B 366 17.65 -29.50 -4.03
N ALA B 367 18.02 -28.23 -4.10
CA ALA B 367 17.08 -27.13 -4.14
C ALA B 367 16.05 -27.18 -5.25
N ILE B 368 16.34 -27.78 -6.39
CA ILE B 368 15.34 -27.88 -7.46
C ILE B 368 14.14 -28.70 -6.90
N ALA B 369 14.43 -29.74 -6.14
CA ALA B 369 13.38 -30.57 -5.53
C ALA B 369 12.84 -29.95 -4.27
N LEU B 370 13.70 -29.66 -3.29
CA LEU B 370 13.17 -29.26 -1.98
C LEU B 370 13.15 -27.74 -1.74
N GLY B 371 13.56 -26.96 -2.74
CA GLY B 371 13.55 -25.53 -2.63
C GLY B 371 14.81 -24.92 -2.04
N HIS B 372 14.87 -23.59 -2.14
CA HIS B 372 15.99 -22.82 -1.70
C HIS B 372 15.56 -21.62 -0.82
N PRO B 373 15.25 -21.85 0.45
CA PRO B 373 15.08 -20.75 1.41
C PRO B 373 16.44 -20.10 1.60
N LEU B 374 16.60 -18.90 1.07
CA LEU B 374 17.93 -18.32 0.83
C LEU B 374 18.93 -18.54 1.98
N GLY B 375 18.59 -18.11 3.18
CA GLY B 375 19.50 -18.22 4.32
C GLY B 375 19.60 -19.59 4.92
N GLY B 376 18.60 -20.42 4.65
CA GLY B 376 18.51 -21.75 5.21
C GLY B 376 19.28 -22.82 4.45
N SER B 377 19.51 -22.67 3.14
CA SER B 377 20.01 -23.77 2.37
C SER B 377 21.39 -24.24 2.81
N GLY B 378 22.28 -23.32 3.17
CA GLY B 378 23.63 -23.67 3.63
C GLY B 378 23.58 -24.48 4.91
N SER B 379 22.61 -24.18 5.80
CA SER B 379 22.50 -24.93 7.05
C SER B 379 22.00 -26.35 6.77
N ARG B 380 20.99 -26.48 5.91
CA ARG B 380 20.52 -27.80 5.47
C ARG B 380 21.62 -28.62 4.82
N ILE B 381 22.35 -28.04 3.88
CA ILE B 381 23.39 -28.72 3.14
C ILE B 381 24.45 -29.22 4.09
N THR B 382 24.86 -28.37 5.05
CA THR B 382 25.85 -28.78 6.02
C THR B 382 25.32 -29.90 6.92
N ALA B 383 24.09 -29.76 7.39
CA ALA B 383 23.47 -30.80 8.23
C ALA B 383 23.34 -32.13 7.44
N HIS B 384 22.94 -32.04 6.18
CA HIS B 384 22.78 -33.24 5.36
C HIS B 384 24.15 -33.93 5.16
N LEU B 385 25.15 -33.15 4.83
CA LEU B 385 26.50 -33.70 4.70
C LEU B 385 27.03 -34.36 5.99
N VAL B 386 26.81 -33.73 7.14
CA VAL B 386 27.23 -34.32 8.40
C VAL B 386 26.62 -35.73 8.59
N HIS B 387 25.31 -35.85 8.41
CA HIS B 387 24.64 -37.13 8.62
C HIS B 387 24.83 -38.15 7.49
N GLU B 388 24.84 -37.67 6.23
CA GLU B 388 25.04 -38.53 5.10
C GLU B 388 26.49 -39.07 4.99
N LEU B 389 27.47 -38.24 5.30
CA LEU B 389 28.88 -38.70 5.34
C LEU B 389 29.07 -39.84 6.36
N ARG B 390 28.50 -39.68 7.54
CA ARG B 390 28.49 -40.72 8.55
C ARG B 390 27.73 -41.95 8.07
N ARG B 391 26.55 -41.78 7.48
CA ARG B 391 25.79 -42.91 6.96
C ARG B 391 26.59 -43.69 5.92
N ARG B 392 27.30 -42.99 5.05
CA ARG B 392 28.07 -43.66 4.00
C ARG B 392 29.38 -44.27 4.47
N GLY B 393 29.80 -43.96 5.69
CA GLY B 393 31.13 -44.28 6.22
C GLY B 393 32.27 -43.58 5.52
N GLY B 394 32.01 -42.37 5.02
CA GLY B 394 33.02 -41.63 4.27
C GLY B 394 33.90 -40.82 5.22
N LYS B 395 34.92 -40.19 4.67
CA LYS B 395 35.88 -39.40 5.41
C LYS B 395 35.71 -37.87 5.26
N TYR B 396 35.54 -37.37 4.04
CA TYR B 396 35.45 -35.93 3.82
C TYR B 396 34.25 -35.56 2.95
N ALA B 397 33.71 -34.37 3.18
CA ALA B 397 32.68 -33.80 2.29
C ALA B 397 32.85 -32.30 2.20
N VAL B 398 32.34 -31.74 1.11
CA VAL B 398 32.36 -30.27 0.95
C VAL B 398 31.00 -29.80 0.47
N GLY B 399 30.52 -28.74 1.07
CA GLY B 399 29.24 -28.14 0.71
C GLY B 399 29.51 -26.74 0.20
N SER B 400 28.73 -26.29 -0.76
CA SER B 400 28.99 -25.01 -1.38
C SER B 400 27.70 -24.39 -1.92
N ALA B 401 27.74 -23.10 -2.17
CA ALA B 401 26.66 -22.38 -2.80
C ALA B 401 27.24 -21.21 -3.58
N CYS B 402 26.57 -20.86 -4.66
CA CYS B 402 26.81 -19.64 -5.34
C CYS B 402 26.05 -18.58 -4.61
N ILE B 403 26.46 -17.34 -4.83
CA ILE B 403 25.93 -16.21 -4.06
C ILE B 403 25.63 -15.06 -5.00
N GLY B 404 24.37 -14.63 -5.00
CA GLY B 404 23.98 -13.49 -5.82
C GLY B 404 24.89 -12.33 -5.54
N GLY B 405 25.26 -11.57 -6.58
CA GLY B 405 26.21 -10.52 -6.45
C GLY B 405 27.60 -10.93 -6.87
N GLY B 406 27.85 -12.24 -7.01
CA GLY B 406 29.12 -12.74 -7.48
C GLY B 406 30.02 -13.20 -6.34
N GLN B 407 29.59 -14.22 -5.61
CA GLN B 407 30.45 -14.87 -4.61
C GLN B 407 30.16 -16.38 -4.59
N GLY B 408 31.03 -17.08 -3.88
CA GLY B 408 30.84 -18.48 -3.57
C GLY B 408 31.39 -18.78 -2.19
N ILE B 409 30.83 -19.79 -1.57
CA ILE B 409 31.28 -20.24 -0.27
C ILE B 409 31.33 -21.76 -0.26
N ALA B 410 32.32 -22.29 0.44
CA ALA B 410 32.48 -23.72 0.62
C ALA B 410 32.98 -24.01 2.02
N VAL B 411 32.46 -25.10 2.57
CA VAL B 411 32.86 -25.60 3.89
C VAL B 411 33.16 -27.10 3.75
N ILE B 412 34.31 -27.52 4.26
CA ILE B 412 34.73 -28.90 4.20
C ILE B 412 34.64 -29.52 5.60
N ILE B 413 34.03 -30.68 5.68
CA ILE B 413 33.95 -31.41 6.93
C ILE B 413 34.71 -32.74 6.80
N GLN B 414 35.05 -33.28 7.96
CA GLN B 414 35.69 -34.59 8.05
C GLN B 414 34.91 -35.41 9.10
N SER B 415 34.66 -36.67 8.82
CA SER B 415 33.96 -37.52 9.79
C SER B 415 34.87 -37.69 11.02
N THR B 416 34.29 -37.89 12.20
CA THR B 416 35.05 -37.97 13.40
C THR B 416 34.51 -39.19 14.15
N ALA B 417 35.39 -40.07 14.54
CA ALA B 417 34.98 -41.23 15.37
C ALA B 417 34.68 -40.73 16.78
N HIS C 20 -38.74 25.72 -28.14
CA HIS C 20 -38.82 26.35 -26.79
C HIS C 20 -39.52 25.40 -25.81
N MET C 21 -38.92 25.22 -24.63
CA MET C 21 -39.47 24.36 -23.59
C MET C 21 -39.19 25.03 -22.25
N ALA C 22 -40.23 25.59 -21.66
CA ALA C 22 -40.07 26.26 -20.39
C ALA C 22 -40.11 25.18 -19.32
N LEU C 23 -39.48 25.43 -18.18
CA LEU C 23 -39.61 24.50 -17.04
C LEU C 23 -41.09 24.37 -16.78
N LEU C 24 -41.55 23.19 -16.38
CA LEU C 24 -42.96 22.98 -16.09
C LEU C 24 -43.46 23.87 -14.96
N ARG C 25 -42.60 24.19 -14.00
CA ARG C 25 -42.99 25.03 -12.88
C ARG C 25 -41.90 26.05 -12.77
N GLY C 26 -42.22 27.18 -12.18
CA GLY C 26 -41.21 28.13 -11.80
C GLY C 26 -40.26 27.52 -10.76
N VAL C 27 -38.97 27.69 -10.97
CA VAL C 27 -37.96 27.26 -9.99
C VAL C 27 -37.04 28.39 -9.64
N PHE C 28 -36.92 28.69 -8.35
CA PHE C 28 -36.18 29.83 -7.87
C PHE C 28 -35.00 29.44 -6.98
N VAL C 29 -33.88 30.09 -7.21
CA VAL C 29 -32.73 30.02 -6.36
C VAL C 29 -33.03 30.93 -5.18
N VAL C 30 -33.06 30.35 -3.99
CA VAL C 30 -33.31 31.09 -2.75
C VAL C 30 -32.07 31.19 -1.85
N ALA C 31 -30.98 30.52 -2.23
CA ALA C 31 -29.70 30.66 -1.53
C ALA C 31 -28.64 30.03 -2.38
N ALA C 32 -27.46 30.58 -2.29
CA ALA C 32 -26.31 30.15 -3.12
C ALA C 32 -25.02 30.54 -2.45
N LYS C 33 -24.28 29.53 -2.01
CA LYS C 33 -23.05 29.75 -1.27
C LYS C 33 -21.99 28.73 -1.70
N ARG C 34 -20.74 29.11 -1.56
CA ARG C 34 -19.64 28.24 -1.90
C ARG C 34 -18.47 28.50 -1.02
N THR C 35 -17.73 27.42 -0.73
CA THR C 35 -16.59 27.53 0.15
C THR C 35 -15.46 28.23 -0.56
N PRO C 36 -14.58 28.83 0.21
CA PRO C 36 -13.30 29.07 -0.43
C PRO C 36 -12.76 27.77 -0.99
N PHE C 37 -11.98 27.87 -2.06
CA PHE C 37 -11.36 26.69 -2.65
C PHE C 37 -9.92 26.56 -2.13
N GLY C 38 -9.61 25.36 -1.65
CA GLY C 38 -8.26 25.07 -1.14
C GLY C 38 -7.37 24.46 -2.17
N ALA C 39 -6.06 24.70 -2.06
CA ALA C 39 -5.09 24.11 -2.95
C ALA C 39 -4.90 22.63 -2.61
N TYR C 40 -4.37 21.89 -3.55
CA TYR C 40 -4.03 20.48 -3.36
C TYR C 40 -3.02 20.36 -2.23
N GLY C 41 -3.38 19.66 -1.15
CA GLY C 41 -2.57 19.56 0.03
C GLY C 41 -2.54 20.83 0.85
N GLY C 42 -3.51 21.70 0.62
CA GLY C 42 -3.54 23.03 1.23
C GLY C 42 -4.42 23.09 2.43
N LEU C 43 -5.09 24.20 2.62
CA LEU C 43 -5.72 24.51 3.89
C LEU C 43 -6.96 23.68 4.20
N LEU C 44 -7.57 23.08 3.17
CA LEU C 44 -8.75 22.28 3.42
C LEU C 44 -8.50 20.79 3.30
N LYS C 45 -7.23 20.37 3.24
CA LYS C 45 -6.93 19.00 2.92
C LYS C 45 -7.51 18.00 3.94
N ASP C 46 -7.73 18.41 5.17
CA ASP C 46 -8.22 17.47 6.18
C ASP C 46 -9.73 17.48 6.29
N PHE C 47 -10.40 18.24 5.43
CA PHE C 47 -11.87 18.14 5.37
C PHE C 47 -12.30 17.20 4.27
N THR C 48 -13.19 16.27 4.59
CA THR C 48 -13.76 15.38 3.60
C THR C 48 -14.69 16.17 2.66
N ALA C 49 -14.97 15.58 1.51
CA ALA C 49 -15.95 16.14 0.60
C ALA C 49 -17.28 16.30 1.30
N THR C 50 -17.61 15.35 2.14
CA THR C 50 -18.82 15.45 2.97
C THR C 50 -18.76 16.69 3.86
N ASP C 51 -17.65 16.90 4.58
CA ASP C 51 -17.48 18.10 5.42
C ASP C 51 -17.66 19.40 4.58
N LEU C 52 -16.98 19.49 3.46
CA LEU C 52 -17.04 20.69 2.66
C LEU C 52 -18.44 20.99 2.19
N SER C 53 -19.15 19.96 1.72
CA SER C 53 -20.52 20.09 1.32
C SER C 53 -21.40 20.58 2.49
N GLU C 54 -21.18 20.00 3.66
CA GLU C 54 -21.84 20.43 4.88
C GLU C 54 -21.65 21.92 5.15
N PHE C 55 -20.41 22.40 5.03
CA PHE C 55 -20.12 23.78 5.32
C PHE C 55 -20.89 24.67 4.33
N ALA C 56 -20.88 24.33 3.05
CA ALA C 56 -21.60 25.16 2.05
C ALA C 56 -23.11 25.12 2.28
N ALA C 57 -23.62 23.94 2.57
CA ALA C 57 -25.05 23.75 2.78
C ALA C 57 -25.53 24.55 3.99
N LYS C 58 -24.77 24.49 5.09
CA LYS C 58 -25.08 25.26 6.32
C LYS C 58 -25.08 26.73 6.04
N ALA C 59 -24.07 27.20 5.33
CA ALA C 59 -24.01 28.61 4.98
C ALA C 59 -25.17 29.01 4.07
N ALA C 60 -25.53 28.18 3.10
CA ALA C 60 -26.69 28.48 2.24
C ALA C 60 -27.99 28.53 3.00
N LEU C 61 -28.21 27.54 3.86
CA LEU C 61 -29.42 27.55 4.67
C LEU C 61 -29.52 28.85 5.48
N SER C 62 -28.41 29.23 6.10
CA SER C 62 -28.38 30.43 6.91
C SER C 62 -28.53 31.72 6.09
N ALA C 63 -27.84 31.83 4.95
CA ALA C 63 -27.94 33.01 4.12
C ALA C 63 -29.35 33.22 3.53
N GLY C 64 -30.01 32.18 3.07
CA GLY C 64 -31.36 32.27 2.58
C GLY C 64 -32.47 32.27 3.67
N LYS C 65 -32.06 32.13 4.92
CA LYS C 65 -32.97 31.91 6.03
C LYS C 65 -33.95 30.80 5.72
N VAL C 66 -33.42 29.71 5.18
CA VAL C 66 -34.21 28.58 4.78
C VAL C 66 -34.15 27.63 5.94
N SER C 67 -35.30 27.33 6.52
CA SER C 67 -35.31 26.34 7.56
C SER C 67 -34.97 24.97 6.94
N PRO C 68 -34.10 24.19 7.57
CA PRO C 68 -33.82 22.85 7.10
C PRO C 68 -35.02 21.96 6.97
N GLU C 69 -36.03 22.24 7.81
CA GLU C 69 -37.23 21.45 7.82
C GLU C 69 -37.97 21.55 6.51
N THR C 70 -37.74 22.62 5.76
CA THR C 70 -38.45 22.80 4.53
C THR C 70 -37.89 21.98 3.40
N VAL C 71 -36.68 21.47 3.56
CA VAL C 71 -36.00 20.84 2.42
C VAL C 71 -36.54 19.42 2.22
N ASP C 72 -37.08 19.16 1.04
CA ASP C 72 -37.72 17.91 0.64
C ASP C 72 -36.83 16.92 -0.06
N SER C 73 -35.70 17.37 -0.58
CA SER C 73 -34.77 16.49 -1.26
C SER C 73 -33.37 17.09 -1.17
N VAL C 74 -32.38 16.21 -0.97
CA VAL C 74 -31.01 16.58 -1.00
C VAL C 74 -30.33 15.87 -2.19
N ILE C 75 -29.62 16.62 -3.05
CA ILE C 75 -28.90 16.05 -4.18
C ILE C 75 -27.52 16.67 -4.22
N MET C 76 -26.47 15.84 -4.18
CA MET C 76 -25.12 16.32 -4.19
C MET C 76 -24.36 15.73 -5.36
N GLY C 77 -23.64 16.60 -6.05
CA GLY C 77 -22.60 16.17 -6.98
C GLY C 77 -21.25 15.92 -6.34
N ASN C 78 -20.66 14.77 -6.63
CA ASN C 78 -19.32 14.41 -6.16
C ASN C 78 -18.79 13.40 -7.17
N VAL C 79 -17.57 13.59 -7.62
CA VAL C 79 -17.03 12.81 -8.68
C VAL C 79 -16.19 11.63 -8.18
N LEU C 80 -15.13 11.91 -7.45
CA LEU C 80 -14.17 10.85 -7.05
C LEU C 80 -14.36 10.59 -5.56
N GLN C 81 -14.86 9.40 -5.22
CA GLN C 81 -15.06 9.04 -3.82
C GLN C 81 -13.71 9.10 -3.05
N SER C 82 -13.63 9.92 -2.01
CA SER C 82 -12.33 10.22 -1.42
C SER C 82 -12.34 10.19 0.11
N SER C 83 -13.30 9.50 0.69
CA SER C 83 -13.28 9.27 2.10
C SER C 83 -13.96 7.98 2.42
N SER C 84 -13.72 7.45 3.63
CA SER C 84 -14.28 6.17 4.01
C SER C 84 -15.80 6.19 4.08
N ASP C 85 -16.38 7.37 4.27
CA ASP C 85 -17.85 7.57 4.32
C ASP C 85 -18.45 8.14 2.99
N ALA C 86 -17.66 8.16 1.92
CA ALA C 86 -18.09 8.82 0.68
C ALA C 86 -19.39 8.31 0.10
N ILE C 87 -19.69 7.03 0.19
CA ILE C 87 -20.90 6.54 -0.50
C ILE C 87 -22.20 7.08 0.16
N TYR C 88 -22.08 7.59 1.39
CA TYR C 88 -23.17 8.15 2.16
C TYR C 88 -23.28 9.67 2.01
N LEU C 89 -22.46 10.29 1.15
CA LEU C 89 -22.24 11.73 1.20
C LEU C 89 -23.49 12.57 1.33
N ALA C 90 -24.43 12.44 0.38
CA ALA C 90 -25.55 13.33 0.37
C ALA C 90 -26.39 13.16 1.63
N ARG C 91 -26.53 11.91 2.06
CA ARG C 91 -27.36 11.61 3.25
C ARG C 91 -26.76 12.18 4.52
N HIS C 92 -25.45 12.04 4.69
CA HIS C 92 -24.78 12.61 5.82
C HIS C 92 -24.84 14.11 5.82
N VAL C 93 -24.68 14.73 4.66
CA VAL C 93 -24.83 16.20 4.63
C VAL C 93 -26.23 16.63 5.08
N GLY C 94 -27.25 15.99 4.53
CA GLY C 94 -28.63 16.31 4.89
C GLY C 94 -28.87 16.19 6.39
N LEU C 95 -28.52 15.04 6.95
CA LEU C 95 -28.68 14.85 8.37
C LEU C 95 -27.84 15.83 9.20
N ARG C 96 -26.57 16.06 8.82
CA ARG C 96 -25.73 16.99 9.55
C ARG C 96 -26.31 18.41 9.66
N VAL C 97 -27.01 18.87 8.63
CA VAL C 97 -27.44 20.26 8.66
C VAL C 97 -28.86 20.41 9.21
N GLY C 98 -29.42 19.31 9.73
CA GLY C 98 -30.74 19.34 10.35
C GLY C 98 -31.93 19.15 9.45
N ILE C 99 -31.71 18.72 8.20
CA ILE C 99 -32.83 18.40 7.32
C ILE C 99 -33.47 17.10 7.83
N PRO C 100 -34.81 16.98 7.79
CA PRO C 100 -35.46 15.85 8.42
C PRO C 100 -35.03 14.52 7.89
N LYS C 101 -35.04 13.52 8.74
CA LYS C 101 -34.61 12.19 8.35
C LYS C 101 -35.49 11.60 7.24
N GLU C 102 -36.72 12.10 7.09
CA GLU C 102 -37.61 11.62 6.04
C GLU C 102 -37.21 12.12 4.62
N THR C 103 -36.41 13.17 4.57
CA THR C 103 -35.97 13.73 3.32
C THR C 103 -34.93 12.81 2.67
N PRO C 104 -35.17 12.41 1.43
CA PRO C 104 -34.16 11.59 0.80
C PRO C 104 -32.92 12.35 0.36
N ALA C 105 -31.90 11.58 -0.02
CA ALA C 105 -30.60 12.11 -0.32
C ALA C 105 -29.90 11.26 -1.39
N LEU C 106 -29.46 11.96 -2.45
CA LEU C 106 -28.91 11.34 -3.64
C LEU C 106 -27.56 11.92 -3.94
N THR C 107 -26.61 11.07 -4.32
CA THR C 107 -25.32 11.55 -4.79
C THR C 107 -25.24 11.25 -6.27
N ILE C 108 -24.83 12.23 -7.07
CA ILE C 108 -24.76 12.04 -8.50
C ILE C 108 -23.33 12.34 -9.00
N ASN C 109 -23.00 11.77 -10.17
CA ASN C 109 -21.71 11.96 -10.78
C ASN C 109 -21.89 12.16 -12.25
N ARG C 110 -21.85 13.41 -12.70
CA ARG C 110 -21.61 13.69 -14.14
C ARG C 110 -20.28 14.41 -14.27
N LEU C 111 -19.29 13.84 -13.60
CA LEU C 111 -17.90 14.33 -13.59
C LEU C 111 -17.86 15.85 -13.37
N GLY C 113 -19.25 18.25 -14.54
CA GLY C 113 -20.55 18.92 -14.61
C GLY C 113 -21.43 18.69 -13.39
N SER C 114 -20.91 17.91 -12.42
CA SER C 114 -21.73 17.43 -11.29
C SER C 114 -22.38 18.55 -10.48
N GLY C 115 -21.67 19.64 -10.23
CA GLY C 115 -22.24 20.74 -9.43
C GLY C 115 -23.40 21.45 -10.13
N PHE C 116 -23.41 21.48 -11.45
CA PHE C 116 -24.59 21.89 -12.24
C PHE C 116 -25.68 20.83 -12.29
N GLN C 117 -25.29 19.55 -12.43
CA GLN C 117 -26.22 18.45 -12.60
C GLN C 117 -27.09 18.27 -11.35
N SER C 118 -26.54 18.47 -10.14
CA SER C 118 -27.41 18.38 -8.96
C SER C 118 -28.58 19.38 -9.04
N ILE C 119 -28.34 20.54 -9.60
CA ILE C 119 -29.37 21.59 -9.79
C ILE C 119 -30.36 21.14 -10.82
N VAL C 120 -29.87 20.55 -11.90
CA VAL C 120 -30.76 19.96 -12.89
C VAL C 120 -31.70 18.94 -12.29
N ASN C 121 -31.13 18.00 -11.51
CA ASN C 121 -31.95 16.95 -10.92
C ASN C 121 -32.99 17.52 -9.97
N GLY C 122 -32.58 18.53 -9.21
CA GLY C 122 -33.48 19.26 -8.34
C GLY C 122 -34.63 19.89 -9.11
N CYS C 123 -34.31 20.52 -10.25
CA CYS C 123 -35.35 21.18 -11.08
C CYS C 123 -36.33 20.15 -11.55
N GLN C 124 -35.82 18.99 -11.95
CA GLN C 124 -36.69 17.92 -12.44
C GLN C 124 -37.65 17.44 -11.34
N GLU C 125 -37.13 17.21 -10.14
CA GLU C 125 -37.99 16.73 -9.01
C GLU C 125 -39.05 17.75 -8.70
N ILE C 126 -38.69 19.04 -8.73
CA ILE C 126 -39.68 20.10 -8.47
C ILE C 126 -40.73 20.12 -9.58
N CYS C 127 -40.26 20.03 -10.82
CA CYS C 127 -41.14 20.11 -11.96
C CYS C 127 -42.13 18.93 -12.07
N VAL C 128 -41.80 17.74 -11.56
CA VAL C 128 -42.73 16.64 -11.51
C VAL C 128 -43.48 16.57 -10.16
N LYS C 129 -43.37 17.60 -9.35
CA LYS C 129 -44.06 17.75 -8.07
C LYS C 129 -43.66 16.72 -7.01
N GLU C 130 -42.45 16.23 -7.08
CA GLU C 130 -41.95 15.25 -6.12
C GLU C 130 -41.17 15.96 -5.01
N ALA C 131 -40.92 17.24 -5.21
CA ALA C 131 -40.22 18.08 -4.24
C ALA C 131 -40.66 19.50 -4.41
N GLU C 132 -40.57 20.30 -3.34
CA GLU C 132 -40.83 21.72 -3.41
C GLU C 132 -39.57 22.55 -3.16
N VAL C 133 -38.66 22.01 -2.33
CA VAL C 133 -37.45 22.66 -1.97
C VAL C 133 -36.31 21.65 -2.01
N VAL C 134 -35.25 21.96 -2.74
CA VAL C 134 -34.18 21.00 -2.93
C VAL C 134 -32.86 21.65 -2.64
N LEU C 135 -32.07 20.96 -1.83
CA LEU C 135 -30.71 21.36 -1.58
C LEU C 135 -29.84 20.69 -2.62
N CYS C 136 -29.23 21.50 -3.48
CA CYS C 136 -28.47 20.99 -4.64
C CYS C 136 -27.02 21.46 -4.52
N GLY C 137 -26.14 20.56 -4.15
CA GLY C 137 -24.75 20.91 -3.91
C GLY C 137 -23.81 20.19 -4.82
N GLY C 138 -22.55 20.60 -4.72
CA GLY C 138 -21.46 19.97 -5.39
C GLY C 138 -20.25 20.07 -4.50
N THR C 139 -19.45 19.03 -4.49
CA THR C 139 -18.28 19.02 -3.64
C THR C 139 -17.20 18.11 -4.19
N GLU C 140 -15.96 18.41 -3.86
CA GLU C 140 -14.85 17.55 -4.15
C GLU C 140 -13.73 17.80 -3.17
N SER C 141 -13.14 16.71 -2.66
CA SER C 141 -11.87 16.82 -1.99
C SER C 141 -10.86 16.00 -2.84
N MET C 142 -10.04 16.70 -3.56
CA MET C 142 -9.06 16.05 -4.44
C MET C 142 -7.81 15.76 -3.64
N SER C 143 -7.52 16.58 -2.64
CA SER C 143 -6.44 16.28 -1.67
C SER C 143 -6.58 14.88 -1.03
N GLN C 144 -7.81 14.44 -0.78
CA GLN C 144 -8.09 13.18 -0.15
C GLN C 144 -8.24 11.99 -1.09
N ALA C 145 -8.12 12.18 -2.39
CA ALA C 145 -8.24 11.07 -3.31
C ALA C 145 -7.25 10.00 -2.86
N PRO C 146 -7.72 8.78 -2.63
CA PRO C 146 -6.80 7.76 -2.13
C PRO C 146 -5.87 7.17 -3.19
N TYR C 147 -4.86 6.44 -2.72
CA TYR C 147 -4.21 5.48 -3.57
C TYR C 147 -4.98 4.19 -3.43
N CYS C 148 -5.12 3.47 -4.52
CA CYS C 148 -5.88 2.22 -4.55
C CYS C 148 -4.97 1.04 -4.87
N VAL C 149 -5.11 0.00 -4.06
CA VAL C 149 -4.46 -1.26 -4.33
C VAL C 149 -5.49 -2.25 -4.83
N ARG C 150 -5.34 -2.63 -6.09
CA ARG C 150 -6.28 -3.45 -6.81
C ARG C 150 -5.71 -4.85 -7.00
N ASN C 151 -6.62 -5.80 -7.20
CA ASN C 151 -6.26 -7.15 -7.53
C ASN C 151 -5.49 -7.91 -6.47
N VAL C 152 -5.57 -7.53 -5.18
CA VAL C 152 -4.88 -8.30 -4.14
C VAL C 152 -5.82 -9.06 -3.20
N ARG C 153 -7.15 -9.00 -3.38
CA ARG C 153 -8.03 -9.77 -2.50
C ARG C 153 -7.90 -11.28 -2.57
N PHE C 154 -7.58 -11.79 -3.75
CA PHE C 154 -7.69 -13.20 -4.02
C PHE C 154 -6.34 -13.82 -4.44
N GLY C 155 -5.24 -13.23 -3.94
CA GLY C 155 -3.89 -13.81 -4.19
C GLY C 155 -3.14 -12.99 -5.21
N THR C 156 -1.83 -13.08 -5.17
CA THR C 156 -0.97 -12.42 -6.13
C THR C 156 -0.11 -13.45 -6.80
N LYS C 157 0.52 -13.06 -7.90
CA LYS C 157 1.48 -13.92 -8.57
C LYS C 157 2.87 -13.34 -8.39
N LEU C 158 3.83 -14.19 -8.01
CA LEU C 158 5.22 -13.80 -7.89
C LEU C 158 5.62 -13.12 -9.14
N GLY C 159 6.18 -11.92 -9.03
CA GLY C 159 6.62 -11.20 -10.25
C GLY C 159 5.62 -10.24 -10.88
N SER C 160 4.45 -10.11 -10.28
CA SER C 160 3.49 -9.13 -10.83
C SER C 160 3.82 -7.73 -10.31
N ASP C 161 3.38 -6.73 -11.04
CA ASP C 161 3.72 -5.36 -10.77
C ASP C 161 2.51 -4.65 -10.14
N ILE C 162 2.33 -4.77 -8.82
CA ILE C 162 1.17 -4.20 -8.15
C ILE C 162 1.45 -2.72 -7.85
N LYS C 163 0.47 -1.87 -8.16
CA LYS C 163 0.63 -0.41 -8.00
C LYS C 163 -0.18 0.10 -6.82
N LEU C 164 0.32 1.17 -6.23
CA LEU C 164 -0.45 2.03 -5.36
C LEU C 164 -0.98 3.06 -6.35
N GLU C 165 -2.13 2.76 -6.94
CA GLU C 165 -2.64 3.56 -8.02
C GLU C 165 -3.22 4.88 -7.52
N ASP C 166 -2.78 5.96 -8.14
CA ASP C 166 -3.27 7.28 -7.77
C ASP C 166 -4.69 7.44 -8.38
N SER C 167 -5.74 7.31 -7.57
CA SER C 167 -7.10 7.32 -8.07
C SER C 167 -7.41 8.64 -8.79
N LEU C 168 -6.86 9.73 -8.30
CA LEU C 168 -7.05 11.03 -8.92
C LEU C 168 -6.39 11.06 -10.28
N TRP C 169 -5.10 10.75 -10.33
CA TRP C 169 -4.38 10.86 -11.57
C TRP C 169 -4.95 9.91 -12.64
N VAL C 170 -5.25 8.66 -12.28
CA VAL C 170 -5.80 7.74 -13.28
C VAL C 170 -7.22 8.17 -13.73
N SER C 171 -7.97 8.84 -12.84
CA SER C 171 -9.30 9.37 -13.22
C SER C 171 -9.25 10.53 -14.22
N LEU C 172 -8.09 11.14 -14.36
CA LEU C 172 -7.93 12.23 -15.31
C LEU C 172 -7.54 11.78 -16.72
N THR C 173 -7.51 10.47 -16.94
CA THR C 173 -7.43 9.90 -18.26
C THR C 173 -8.72 9.21 -18.59
N ASP C 174 -9.28 9.53 -19.76
CA ASP C 174 -10.46 8.85 -20.25
C ASP C 174 -9.98 7.58 -20.96
N GLN C 175 -10.18 6.45 -20.30
CA GLN C 175 -9.71 5.18 -20.83
C GLN C 175 -10.43 4.70 -22.07
N HIS C 176 -11.62 5.22 -22.36
CA HIS C 176 -12.32 4.83 -23.58
C HIS C 176 -11.54 5.29 -24.84
N VAL C 177 -10.94 6.47 -24.79
CA VAL C 177 -10.08 6.97 -25.89
C VAL C 177 -8.58 7.00 -25.53
N GLN C 178 -8.26 6.55 -24.34
CA GLN C 178 -6.92 6.63 -23.79
C GLN C 178 -6.29 8.00 -23.95
N LEU C 179 -6.99 9.02 -23.49
CA LEU C 179 -6.42 10.37 -23.49
C LEU C 179 -6.50 11.00 -22.12
N PRO C 180 -5.38 11.52 -21.62
CA PRO C 180 -5.47 12.47 -20.50
C PRO C 180 -6.42 13.59 -20.86
N MET C 181 -7.11 14.14 -19.87
CA MET C 181 -7.92 15.34 -20.11
C MET C 181 -7.16 16.45 -20.82
N ALA C 182 -5.93 16.69 -20.41
CA ALA C 182 -5.10 17.75 -20.98
C ALA C 182 -4.88 17.52 -22.46
N MET C 183 -4.75 16.25 -22.85
CA MET C 183 -4.52 15.91 -24.30
C MET C 183 -5.77 16.14 -25.11
N THR C 184 -6.96 16.00 -24.51
CA THR C 184 -8.13 16.41 -25.23
C THR C 184 -8.11 17.90 -25.47
N ALA C 185 -7.55 18.64 -24.55
CA ALA C 185 -7.46 20.11 -24.67
C ALA C 185 -6.41 20.48 -25.74
N GLU C 186 -5.28 19.77 -25.75
CA GLU C 186 -4.32 19.93 -26.84
C GLU C 186 -4.97 19.66 -28.20
N ASN C 187 -5.79 18.61 -28.30
CA ASN C 187 -6.55 18.35 -29.54
C ASN C 187 -7.36 19.55 -29.97
N LEU C 188 -7.99 20.22 -29.00
CA LEU C 188 -8.74 21.42 -29.34
C LEU C 188 -7.81 22.59 -29.75
N ALA C 189 -6.67 22.73 -29.08
CA ALA C 189 -5.73 23.76 -29.45
C ALA C 189 -5.34 23.57 -30.92
N VAL C 190 -5.10 22.35 -31.32
CA VAL C 190 -4.69 22.07 -32.72
C VAL C 190 -5.83 22.39 -33.66
N LYS C 191 -7.00 21.85 -33.35
CA LYS C 191 -8.17 22.01 -34.18
C LYS C 191 -8.57 23.48 -34.37
N HIS C 192 -8.51 24.27 -33.31
CA HIS C 192 -8.99 25.63 -33.35
C HIS C 192 -7.89 26.65 -33.49
N LYS C 193 -6.67 26.20 -33.74
CA LYS C 193 -5.54 27.07 -34.00
C LYS C 193 -5.28 28.00 -32.85
N ILE C 194 -5.22 27.44 -31.64
CA ILE C 194 -4.93 28.21 -30.45
C ILE C 194 -3.47 28.05 -30.05
N SER C 195 -2.76 29.15 -29.93
CA SER C 195 -1.32 29.12 -29.64
C SER C 195 -1.03 29.04 -28.16
N ARG C 196 0.16 28.59 -27.86
CA ARG C 196 0.67 28.56 -26.50
C ARG C 196 0.57 29.95 -25.89
N GLU C 197 1.01 30.96 -26.63
CA GLU C 197 0.98 32.34 -26.13
C GLU C 197 -0.46 32.80 -25.82
N GLU C 198 -1.41 32.47 -26.69
CA GLU C 198 -2.82 32.84 -26.44
C GLU C 198 -3.34 32.20 -25.15
N CYS C 199 -2.90 30.98 -24.89
CA CYS C 199 -3.27 30.25 -23.68
C CYS C 199 -2.73 30.91 -22.44
N ASP C 200 -1.48 31.34 -22.49
CA ASP C 200 -0.87 31.99 -21.35
C ASP C 200 -1.48 33.36 -21.11
N LYS C 201 -1.83 34.07 -22.18
CA LYS C 201 -2.48 35.33 -22.00
C LYS C 201 -3.86 35.18 -21.33
N TYR C 202 -4.60 34.17 -21.73
CA TYR C 202 -5.86 33.87 -21.09
C TYR C 202 -5.66 33.52 -19.61
N ALA C 203 -4.63 32.71 -19.32
CA ALA C 203 -4.30 32.31 -17.96
C ALA C 203 -3.98 33.51 -17.06
N LEU C 204 -3.20 34.45 -17.60
CA LEU C 204 -2.89 35.69 -16.89
C LEU C 204 -4.18 36.46 -16.61
N GLN C 205 -5.03 36.58 -17.60
CA GLN C 205 -6.24 37.30 -17.44
C GLN C 205 -7.14 36.70 -16.34
N SER C 206 -7.17 35.36 -16.21
CA SER C 206 -7.97 34.72 -15.16
C SER C 206 -7.40 35.08 -13.79
N GLN C 207 -6.10 35.06 -13.66
CA GLN C 207 -5.46 35.48 -12.38
C GLN C 207 -5.78 36.95 -12.07
N GLN C 208 -5.62 37.81 -13.08
CA GLN C 208 -5.91 39.24 -12.86
C GLN C 208 -7.37 39.47 -12.50
N ARG C 209 -8.28 38.83 -13.24
CA ARG C 209 -9.68 39.01 -12.99
C ARG C 209 -10.10 38.47 -11.62
N TRP C 210 -9.50 37.35 -11.20
CA TRP C 210 -9.79 36.79 -9.88
C TRP C 210 -9.37 37.81 -8.81
N LYS C 211 -8.15 38.31 -8.96
CA LYS C 211 -7.57 39.27 -7.99
C LYS C 211 -8.44 40.51 -7.83
N ALA C 212 -8.80 41.12 -8.95
CA ALA C 212 -9.62 42.32 -8.94
C ALA C 212 -10.96 42.04 -8.26
N ALA C 213 -11.59 40.91 -8.63
CA ALA C 213 -12.90 40.58 -8.08
C ALA C 213 -12.76 40.36 -6.61
N ASN C 214 -11.72 39.61 -6.20
CA ASN C 214 -11.60 39.27 -4.82
C ASN C 214 -11.46 40.57 -4.00
N ASP C 215 -10.60 41.45 -4.45
CA ASP C 215 -10.31 42.68 -3.71
C ASP C 215 -11.46 43.66 -3.72
N ALA C 216 -12.30 43.61 -4.75
CA ALA C 216 -13.47 44.48 -4.77
C ALA C 216 -14.64 43.92 -3.95
N GLY C 217 -14.54 42.71 -3.44
CA GLY C 217 -15.63 42.12 -2.65
C GLY C 217 -16.63 41.33 -3.41
N TYR C 218 -16.33 40.98 -4.66
CA TYR C 218 -17.33 40.35 -5.51
C TYR C 218 -17.53 38.88 -5.18
N PHE C 219 -16.71 38.31 -4.30
CA PHE C 219 -16.96 36.95 -3.79
C PHE C 219 -17.58 36.94 -2.39
N ASN C 220 -17.76 38.12 -1.79
CA ASN C 220 -18.26 38.19 -0.40
C ASN C 220 -19.63 37.53 -0.22
N ASP C 221 -20.59 37.82 -1.08
CA ASP C 221 -21.94 37.27 -0.86
C ASP C 221 -22.00 35.75 -0.98
N GLU C 222 -21.26 35.20 -1.93
CA GLU C 222 -21.26 33.74 -2.15
C GLU C 222 -20.41 32.97 -1.12
N MET C 223 -19.45 33.63 -0.51
CA MET C 223 -18.40 32.96 0.25
C MET C 223 -18.96 32.38 1.55
N ALA C 224 -18.62 31.10 1.77
CA ALA C 224 -18.91 30.40 3.03
C ALA C 224 -17.60 30.11 3.75
N PRO C 225 -17.19 31.02 4.64
CA PRO C 225 -15.89 30.87 5.30
C PRO C 225 -15.78 29.63 6.14
N ILE C 226 -14.57 29.11 6.26
CA ILE C 226 -14.34 27.90 6.98
C ILE C 226 -13.22 28.15 8.00
N GLU C 227 -13.43 27.72 9.23
CA GLU C 227 -12.40 27.85 10.21
C GLU C 227 -11.38 26.70 10.03
N VAL C 228 -10.10 27.06 9.91
CA VAL C 228 -9.03 26.08 9.62
C VAL C 228 -7.96 26.14 10.74
N LYS C 229 -7.17 25.06 10.87
CA LYS C 229 -6.09 24.93 11.87
C LYS C 229 -4.88 25.75 11.50
N LYS C 234 -6.14 28.60 14.96
CA LYS C 234 -7.42 28.73 14.28
C LYS C 234 -7.47 30.02 13.47
N GLN C 235 -7.77 29.91 12.19
CA GLN C 235 -8.00 31.07 11.36
C GLN C 235 -9.19 30.83 10.44
N THR C 236 -9.80 31.92 10.03
CA THR C 236 -10.93 31.87 9.11
C THR C 236 -10.37 31.90 7.70
N MET C 237 -10.65 30.88 6.91
CA MET C 237 -10.32 30.90 5.50
C MET C 237 -11.53 31.44 4.71
N GLN C 238 -11.30 32.47 3.92
CA GLN C 238 -12.36 33.07 3.11
C GLN C 238 -11.83 33.65 1.81
N VAL C 239 -10.65 33.19 1.40
CA VAL C 239 -10.00 33.58 0.17
C VAL C 239 -9.53 32.30 -0.53
N ASP C 240 -9.73 32.24 -1.84
CA ASP C 240 -9.28 31.08 -2.61
C ASP C 240 -7.72 30.93 -2.57
N GLU C 241 -7.25 29.75 -2.17
CA GLU C 241 -5.86 29.51 -1.90
C GLU C 241 -5.02 29.32 -3.17
N HIS C 242 -5.64 28.83 -4.23
CA HIS C 242 -4.84 28.44 -5.39
C HIS C 242 -4.37 29.65 -6.17
N ALA C 243 -5.10 30.74 -6.08
CA ALA C 243 -4.87 31.92 -6.91
C ALA C 243 -3.46 32.45 -6.74
N ARG C 244 -2.86 32.94 -7.82
CA ARG C 244 -1.50 33.43 -7.82
C ARG C 244 -1.54 34.84 -8.41
N PRO C 245 -1.94 35.80 -7.60
CA PRO C 245 -2.13 37.14 -8.12
C PRO C 245 -0.85 37.87 -8.53
N GLN C 246 0.33 37.34 -8.18
CA GLN C 246 1.59 37.94 -8.66
C GLN C 246 2.05 37.34 -10.00
N THR C 247 1.23 36.49 -10.62
CA THR C 247 1.55 35.89 -11.89
C THR C 247 1.88 36.98 -12.92
N THR C 248 2.90 36.76 -13.72
CA THR C 248 3.14 37.58 -14.90
C THR C 248 3.20 36.70 -16.12
N LEU C 249 3.02 37.30 -17.30
CA LEU C 249 3.10 36.62 -18.58
C LEU C 249 4.49 35.98 -18.77
N GLU C 250 5.53 36.69 -18.35
CA GLU C 250 6.91 36.17 -18.40
C GLU C 250 7.10 34.87 -17.62
N GLN C 251 6.56 34.85 -16.41
CA GLN C 251 6.58 33.62 -15.61
C GLN C 251 5.87 32.47 -16.35
N LEU C 252 4.68 32.74 -16.89
CA LEU C 252 3.89 31.73 -17.59
C LEU C 252 4.61 31.21 -18.83
N GLN C 253 5.25 32.14 -19.55
CA GLN C 253 6.02 31.80 -20.76
C GLN C 253 7.14 30.83 -20.50
N LYS C 254 7.72 30.87 -19.32
CA LYS C 254 8.85 29.99 -19.01
C LYS C 254 8.44 28.58 -18.63
N LEU C 255 7.17 28.36 -18.29
CA LEU C 255 6.78 27.07 -17.81
C LEU C 255 6.85 26.07 -18.98
N PRO C 256 7.19 24.82 -18.69
CA PRO C 256 7.21 23.83 -19.76
C PRO C 256 5.82 23.20 -20.00
N PRO C 257 5.55 22.76 -21.23
CA PRO C 257 4.33 21.98 -21.43
C PRO C 257 4.40 20.68 -20.69
N VAL C 258 3.33 20.31 -20.01
CA VAL C 258 3.33 19.15 -19.13
C VAL C 258 3.03 17.81 -19.83
N PHE C 259 2.20 17.84 -20.87
CA PHE C 259 1.66 16.62 -21.43
C PHE C 259 2.08 16.39 -22.87
N LYS C 260 2.58 17.40 -23.56
CA LYS C 260 2.84 17.27 -24.97
C LYS C 260 3.99 18.16 -25.39
N LYS C 261 4.88 17.62 -26.19
CA LYS C 261 6.02 18.37 -26.65
C LYS C 261 5.55 19.56 -27.42
N ASP C 262 6.07 20.74 -27.08
CA ASP C 262 5.63 21.98 -27.65
C ASP C 262 4.12 22.18 -27.50
N GLY C 263 3.54 21.58 -26.45
CA GLY C 263 2.09 21.68 -26.25
C GLY C 263 1.71 23.00 -25.70
N THR C 264 0.39 23.28 -25.64
CA THR C 264 -0.10 24.51 -25.10
C THR C 264 -0.33 24.45 -23.58
N VAL C 265 -0.53 23.23 -23.06
CA VAL C 265 -0.92 23.05 -21.64
C VAL C 265 0.28 22.97 -20.72
N THR C 266 0.32 23.90 -19.78
CA THR C 266 1.32 23.95 -18.74
C THR C 266 0.62 23.92 -17.37
N ALA C 267 1.42 23.85 -16.33
CA ALA C 267 0.89 23.95 -14.95
C ALA C 267 0.36 25.35 -14.67
N GLY C 268 0.74 26.32 -15.50
CA GLY C 268 0.26 27.69 -15.34
C GLY C 268 -1.03 28.04 -16.04
N ASN C 269 -1.42 27.26 -17.03
CA ASN C 269 -2.62 27.58 -17.78
C ASN C 269 -3.66 26.45 -17.80
N ALA C 270 -3.44 25.43 -16.99
CA ALA C 270 -4.47 24.44 -16.68
C ALA C 270 -5.17 24.81 -15.35
N SER C 271 -6.39 24.30 -15.14
CA SER C 271 -7.08 24.46 -13.87
C SER C 271 -6.30 23.74 -12.81
N GLY C 272 -6.36 24.27 -11.60
CA GLY C 272 -5.68 23.61 -10.52
C GLY C 272 -6.51 22.49 -9.94
N VAL C 273 -5.80 21.51 -9.35
CA VAL C 273 -6.38 20.49 -8.51
C VAL C 273 -6.74 21.18 -7.20
N ALA C 274 -7.91 20.94 -6.66
CA ALA C 274 -8.40 21.77 -5.57
C ALA C 274 -9.54 21.09 -4.79
N ASP C 275 -9.81 21.62 -3.61
CA ASP C 275 -10.84 21.15 -2.71
C ASP C 275 -11.87 22.27 -2.49
N GLY C 276 -13.14 21.91 -2.51
CA GLY C 276 -14.17 22.90 -2.32
C GLY C 276 -15.55 22.38 -2.62
N ALA C 277 -16.54 23.16 -2.22
CA ALA C 277 -17.91 22.81 -2.39
C ALA C 277 -18.77 24.03 -2.56
N GLY C 278 -19.97 23.79 -3.04
CA GLY C 278 -21.02 24.79 -3.05
C GLY C 278 -22.37 24.17 -2.72
N ALA C 279 -23.34 25.04 -2.49
CA ALA C 279 -24.72 24.66 -2.21
C ALA C 279 -25.65 25.73 -2.82
N VAL C 280 -26.61 25.25 -3.61
CA VAL C 280 -27.65 26.07 -4.17
C VAL C 280 -28.98 25.49 -3.74
N ILE C 281 -29.80 26.32 -3.07
CA ILE C 281 -31.12 25.87 -2.65
C ILE C 281 -32.12 26.43 -3.62
N ILE C 282 -32.92 25.55 -4.18
CA ILE C 282 -33.94 25.90 -5.11
C ILE C 282 -35.33 25.55 -4.58
N ALA C 283 -36.33 26.29 -5.06
CA ALA C 283 -37.67 26.17 -4.53
C ALA C 283 -38.66 26.46 -5.61
N SER C 284 -39.77 25.75 -5.58
CA SER C 284 -40.92 26.13 -6.39
C SER C 284 -41.48 27.48 -5.99
N GLU C 285 -42.27 28.05 -6.90
CA GLU C 285 -42.98 29.29 -6.61
C GLU C 285 -43.90 29.15 -5.41
N ASP C 286 -44.60 28.02 -5.33
CA ASP C 286 -45.41 27.71 -4.16
C ASP C 286 -44.61 27.74 -2.88
N ALA C 287 -43.40 27.15 -2.87
CA ALA C 287 -42.62 27.18 -1.66
C ALA C 287 -42.12 28.56 -1.29
N VAL C 288 -41.70 29.36 -2.29
CA VAL C 288 -41.22 30.70 -2.01
C VAL C 288 -42.35 31.50 -1.26
N LYS C 289 -43.57 31.35 -1.72
CA LYS C 289 -44.72 32.07 -1.16
C LYS C 289 -45.07 31.53 0.21
N LYS C 290 -45.14 30.21 0.34
CA LYS C 290 -45.44 29.57 1.61
C LYS C 290 -44.44 29.88 2.69
N HIS C 291 -43.15 29.91 2.37
CA HIS C 291 -42.13 30.10 3.39
C HIS C 291 -41.54 31.48 3.45
N ASN C 292 -42.05 32.38 2.62
CA ASN C 292 -41.51 33.73 2.49
C ASN C 292 -39.99 33.76 2.19
N PHE C 293 -39.55 32.89 1.29
CA PHE C 293 -38.16 32.92 0.84
C PHE C 293 -37.91 34.17 0.03
N THR C 294 -36.63 34.52 -0.08
CA THR C 294 -36.22 35.60 -0.91
C THR C 294 -35.49 35.03 -2.13
N PRO C 295 -36.15 35.00 -3.31
CA PRO C 295 -35.50 34.50 -4.51
C PRO C 295 -34.42 35.41 -5.01
N LEU C 296 -33.31 34.82 -5.39
CA LEU C 296 -32.18 35.56 -5.90
C LEU C 296 -32.12 35.46 -7.39
N ALA C 297 -32.72 34.41 -7.94
CA ALA C 297 -32.72 34.13 -9.36
C ALA C 297 -33.76 33.11 -9.67
N ARG C 298 -34.11 33.01 -10.95
CA ARG C 298 -34.96 31.97 -11.43
C ARG C 298 -34.15 31.09 -12.37
N ILE C 299 -34.37 29.77 -12.34
CA ILE C 299 -33.75 28.89 -13.29
C ILE C 299 -34.62 28.87 -14.50
N VAL C 300 -34.08 29.28 -15.63
CA VAL C 300 -34.89 29.35 -16.83
C VAL C 300 -34.69 28.19 -17.75
N GLY C 301 -33.54 27.53 -17.69
CA GLY C 301 -33.35 26.41 -18.54
C GLY C 301 -32.00 25.77 -18.29
N TYR C 302 -31.82 24.64 -18.92
CA TYR C 302 -30.56 23.92 -18.80
C TYR C 302 -30.55 22.90 -19.92
N PHE C 303 -29.37 22.32 -20.15
CA PHE C 303 -29.20 21.31 -21.18
C PHE C 303 -27.93 20.52 -20.96
N VAL C 304 -28.00 19.24 -21.24
CA VAL C 304 -26.83 18.38 -21.15
C VAL C 304 -26.69 17.72 -22.50
N SER C 305 -25.49 17.76 -23.07
CA SER C 305 -25.24 17.11 -24.33
C SER C 305 -23.97 16.25 -24.27
N GLY C 306 -23.95 15.21 -25.08
CA GLY C 306 -22.75 14.43 -25.26
C GLY C 306 -21.97 15.07 -26.40
N CYS C 307 -20.69 14.78 -26.47
CA CYS C 307 -19.86 15.23 -27.59
C CYS C 307 -18.72 14.22 -27.73
N ASP C 308 -17.88 14.41 -28.75
CA ASP C 308 -16.70 13.55 -28.97
C ASP C 308 -15.80 13.54 -27.73
N PRO C 309 -15.55 12.36 -27.17
CA PRO C 309 -14.69 12.28 -25.98
C PRO C 309 -13.28 12.83 -26.18
N SER C 310 -12.77 12.71 -27.40
CA SER C 310 -11.40 13.19 -27.69
C SER C 310 -11.23 14.69 -27.67
N ILE C 311 -12.33 15.40 -27.78
CA ILE C 311 -12.35 16.83 -27.63
C ILE C 311 -13.47 17.21 -26.61
N MET C 312 -13.49 16.51 -25.48
CA MET C 312 -14.53 16.69 -24.49
C MET C 312 -14.72 18.15 -24.06
N GLY C 313 -13.63 18.92 -24.12
CA GLY C 313 -13.63 20.30 -23.71
C GLY C 313 -14.59 21.21 -24.45
N ILE C 314 -15.07 20.73 -25.58
CA ILE C 314 -16.04 21.46 -26.38
C ILE C 314 -17.48 21.31 -25.91
N GLY C 315 -17.71 20.45 -24.92
CA GLY C 315 -19.07 20.22 -24.42
C GLY C 315 -19.92 21.45 -24.22
N PRO C 316 -19.35 22.54 -23.69
CA PRO C 316 -20.18 23.71 -23.47
C PRO C 316 -20.85 24.29 -24.72
N VAL C 317 -20.31 24.02 -25.89
CA VAL C 317 -20.91 24.54 -27.12
C VAL C 317 -22.29 23.97 -27.39
N PRO C 318 -22.45 22.65 -27.59
CA PRO C 318 -23.82 22.17 -27.73
C PRO C 318 -24.66 22.36 -26.46
N ALA C 319 -24.03 22.35 -25.29
CA ALA C 319 -24.81 22.49 -24.05
C ALA C 319 -25.45 23.87 -23.95
N ILE C 320 -24.63 24.91 -24.12
CA ILE C 320 -25.12 26.29 -24.06
C ILE C 320 -26.12 26.53 -25.22
N SER C 321 -25.81 26.05 -26.43
CA SER C 321 -26.73 26.25 -27.59
C SER C 321 -28.09 25.61 -27.37
N GLY C 322 -28.10 24.39 -26.87
CA GLY C 322 -29.33 23.70 -26.57
C GLY C 322 -30.15 24.36 -25.46
N ALA C 323 -29.49 24.76 -24.40
CA ALA C 323 -30.16 25.43 -23.31
C ALA C 323 -30.80 26.71 -23.78
N LEU C 324 -30.05 27.49 -24.53
CA LEU C 324 -30.61 28.74 -25.06
C LEU C 324 -31.82 28.48 -25.95
N LYS C 325 -31.73 27.49 -26.82
CA LYS C 325 -32.80 27.16 -27.72
C LYS C 325 -34.05 26.80 -26.91
N LYS C 326 -33.90 25.95 -25.89
CA LYS C 326 -35.04 25.58 -25.08
C LYS C 326 -35.65 26.77 -24.34
N ALA C 327 -34.80 27.68 -23.89
CA ALA C 327 -35.28 28.86 -23.20
C ALA C 327 -35.87 29.93 -24.14
N GLY C 328 -35.72 29.77 -25.45
CA GLY C 328 -36.12 30.82 -26.41
C GLY C 328 -35.26 32.08 -26.31
N LEU C 329 -33.97 31.91 -26.01
CA LEU C 329 -33.06 33.02 -25.90
C LEU C 329 -31.89 32.85 -26.82
N SER C 330 -31.12 33.91 -26.99
CA SER C 330 -29.91 33.80 -27.79
C SER C 330 -28.75 34.21 -26.93
N LEU C 331 -27.52 34.00 -27.43
CA LEU C 331 -26.35 34.36 -26.69
C LEU C 331 -26.32 35.81 -26.37
N LYS C 332 -26.83 36.63 -27.28
CA LYS C 332 -26.80 38.08 -27.12
C LYS C 332 -27.63 38.49 -25.89
N ASP C 333 -28.58 37.65 -25.50
CA ASP C 333 -29.36 37.94 -24.29
C ASP C 333 -28.63 37.69 -22.98
N MET C 334 -27.51 36.98 -23.02
CA MET C 334 -26.74 36.67 -21.80
C MET C 334 -25.92 37.87 -21.40
N ASP C 335 -26.12 38.36 -20.17
CA ASP C 335 -25.28 39.38 -19.60
C ASP C 335 -23.96 38.82 -19.05
N LEU C 336 -24.00 37.57 -18.60
CA LEU C 336 -22.81 36.88 -18.13
C LEU C 336 -22.82 35.47 -18.68
N VAL C 337 -21.62 35.02 -19.06
CA VAL C 337 -21.38 33.67 -19.47
C VAL C 337 -20.26 33.15 -18.60
N GLU C 338 -20.40 31.92 -18.15
CA GLU C 338 -19.30 31.21 -17.49
C GLU C 338 -19.07 29.89 -18.20
N VAL C 339 -17.78 29.66 -18.53
CA VAL C 339 -17.31 28.43 -19.10
C VAL C 339 -16.18 28.01 -18.21
N ASN C 340 -16.38 26.87 -17.53
CA ASN C 340 -15.38 26.42 -16.58
C ASN C 340 -14.01 26.33 -17.27
N GLU C 341 -13.01 26.86 -16.61
CA GLU C 341 -11.63 26.97 -17.17
C GLU C 341 -10.83 25.70 -16.94
N ALA C 342 -11.28 24.60 -17.52
CA ALA C 342 -10.58 23.35 -17.31
C ALA C 342 -9.14 23.41 -17.80
N PHE C 343 -8.97 23.97 -18.99
CA PHE C 343 -7.62 24.29 -19.56
C PHE C 343 -7.76 25.53 -20.42
N ALA C 344 -6.77 26.41 -20.39
CA ALA C 344 -6.88 27.64 -21.23
C ALA C 344 -7.29 27.31 -22.70
N PRO C 345 -6.62 26.33 -23.34
CA PRO C 345 -6.97 26.09 -24.74
C PRO C 345 -8.38 25.55 -24.91
N GLN C 346 -8.84 24.79 -23.93
CA GLN C 346 -10.17 24.27 -23.95
C GLN C 346 -11.19 25.40 -23.90
N TYR C 347 -11.03 26.30 -22.92
CA TYR C 347 -11.89 27.46 -22.81
C TYR C 347 -11.84 28.27 -24.11
N LEU C 348 -10.64 28.53 -24.62
CA LEU C 348 -10.54 29.36 -25.85
C LEU C 348 -11.23 28.73 -27.04
N ALA C 349 -11.21 27.41 -27.17
CA ALA C 349 -11.94 26.74 -28.26
C ALA C 349 -13.43 26.99 -28.13
N VAL C 350 -13.93 26.94 -26.89
CA VAL C 350 -15.34 27.25 -26.69
C VAL C 350 -15.64 28.70 -27.05
N GLU C 351 -14.82 29.59 -26.54
CA GLU C 351 -14.97 31.03 -26.81
C GLU C 351 -15.06 31.31 -28.35
N ARG C 352 -14.15 30.74 -29.10
CA ARG C 352 -14.13 30.91 -30.59
C ARG C 352 -15.29 30.22 -31.24
N SER C 353 -15.69 29.03 -30.75
CA SER C 353 -16.83 28.36 -31.39
C SER C 353 -18.14 29.09 -31.25
N LEU C 354 -18.36 29.71 -30.10
CA LEU C 354 -19.60 30.44 -29.84
C LEU C 354 -19.49 31.93 -30.05
N ASP C 355 -18.29 32.38 -30.36
CA ASP C 355 -17.98 33.77 -30.50
C ASP C 355 -18.37 34.54 -29.24
N LEU C 356 -17.90 34.06 -28.09
CA LEU C 356 -18.31 34.65 -26.83
C LEU C 356 -17.70 36.04 -26.66
N ASP C 357 -18.41 36.90 -26.00
CA ASP C 357 -17.89 38.23 -25.70
C ASP C 357 -17.05 38.13 -24.42
N ILE C 358 -15.77 38.37 -24.56
CA ILE C 358 -14.83 38.21 -23.47
C ILE C 358 -15.08 39.19 -22.34
N SER C 359 -15.73 40.32 -22.62
CA SER C 359 -16.03 41.24 -21.55
C SER C 359 -17.17 40.72 -20.66
N LYS C 360 -17.88 39.69 -21.10
CA LYS C 360 -19.01 39.11 -20.36
C LYS C 360 -18.80 37.65 -19.92
N THR C 361 -17.61 37.12 -20.21
CA THR C 361 -17.32 35.72 -20.00
C THR C 361 -16.22 35.54 -18.98
N ASN C 362 -16.48 34.68 -17.99
CA ASN C 362 -15.57 34.44 -16.88
C ASN C 362 -15.01 35.74 -16.32
N VAL C 363 -15.92 36.66 -16.03
CA VAL C 363 -15.56 38.05 -15.74
C VAL C 363 -14.72 38.20 -14.49
N ASN C 364 -14.84 37.25 -13.55
CA ASN C 364 -14.11 37.35 -12.29
C ASN C 364 -13.15 36.19 -12.13
N GLY C 365 -12.59 35.74 -13.24
CA GLY C 365 -11.61 34.67 -13.15
C GLY C 365 -12.32 33.34 -13.14
N GLY C 366 -11.53 32.29 -12.96
CA GLY C 366 -12.08 30.96 -12.90
C GLY C 366 -11.05 29.97 -12.48
N ALA C 367 -11.27 28.72 -12.90
CA ALA C 367 -10.54 27.56 -12.38
C ALA C 367 -9.01 27.61 -12.53
N ILE C 368 -8.49 28.31 -13.51
CA ILE C 368 -7.05 28.49 -13.62
C ILE C 368 -6.51 29.23 -12.40
N ALA C 369 -7.23 30.25 -11.93
CA ALA C 369 -6.87 31.00 -10.71
C ALA C 369 -7.27 30.28 -9.44
N LEU C 370 -8.56 29.93 -9.32
CA LEU C 370 -9.03 29.40 -8.01
C LEU C 370 -9.18 27.88 -7.92
N GLY C 371 -8.84 27.17 -8.98
CA GLY C 371 -8.88 25.71 -9.00
C GLY C 371 -10.20 25.13 -9.45
N HIS C 372 -10.17 23.80 -9.67
CA HIS C 372 -11.28 23.04 -10.16
C HIS C 372 -11.53 21.78 -9.31
N PRO C 373 -12.14 21.95 -8.14
CA PRO C 373 -12.62 20.77 -7.39
C PRO C 373 -13.76 20.15 -8.20
N LEU C 374 -13.52 19.00 -8.81
CA LEU C 374 -14.37 18.47 -9.84
C LEU C 374 -15.88 18.66 -9.61
N GLY C 375 -16.40 18.11 -8.52
CA GLY C 375 -17.83 18.23 -8.25
C GLY C 375 -18.28 19.58 -7.78
N GLY C 376 -17.36 20.39 -7.25
CA GLY C 376 -17.68 21.68 -6.66
C GLY C 376 -17.78 22.83 -7.65
N SER C 377 -17.07 22.77 -8.79
CA SER C 377 -17.00 23.92 -9.63
C SER C 377 -18.33 24.41 -10.19
N GLY C 378 -19.22 23.48 -10.57
CA GLY C 378 -20.55 23.85 -11.08
C GLY C 378 -21.35 24.60 -10.05
N SER C 379 -21.19 24.22 -8.77
CA SER C 379 -21.94 24.87 -7.72
C SER C 379 -21.39 26.28 -7.49
N ARG C 380 -20.08 26.42 -7.46
CA ARG C 380 -19.47 27.73 -7.32
C ARG C 380 -19.90 28.63 -8.49
N ILE C 381 -19.78 28.13 -9.71
CA ILE C 381 -20.10 28.94 -10.90
C ILE C 381 -21.54 29.45 -10.87
N THR C 382 -22.45 28.56 -10.50
CA THR C 382 -23.83 28.96 -10.36
C THR C 382 -24.00 30.01 -9.26
N ALA C 383 -23.39 29.78 -8.10
CA ALA C 383 -23.48 30.72 -6.99
C ALA C 383 -22.89 32.08 -7.35
N HIS C 384 -21.76 32.06 -8.04
CA HIS C 384 -21.17 33.28 -8.48
C HIS C 384 -22.07 34.03 -9.46
N LEU C 385 -22.60 33.33 -10.44
CA LEU C 385 -23.51 33.94 -11.38
C LEU C 385 -24.73 34.59 -10.69
N VAL C 386 -25.34 33.87 -9.76
CA VAL C 386 -26.49 34.38 -9.05
C VAL C 386 -26.16 35.75 -8.40
N HIS C 387 -25.08 35.84 -7.66
CA HIS C 387 -24.72 37.06 -6.95
C HIS C 387 -24.13 38.14 -7.89
N GLU C 388 -23.32 37.74 -8.88
CA GLU C 388 -22.72 38.71 -9.78
C GLU C 388 -23.75 39.31 -10.76
N LEU C 389 -24.68 38.50 -11.25
CA LEU C 389 -25.74 38.99 -12.09
C LEU C 389 -26.52 40.08 -11.33
N ARG C 390 -26.85 39.80 -10.08
CA ARG C 390 -27.57 40.77 -9.26
C ARG C 390 -26.72 42.02 -9.02
N ARG C 391 -25.44 41.85 -8.65
CA ARG C 391 -24.56 42.98 -8.47
C ARG C 391 -24.54 43.87 -9.73
N ARG C 392 -24.48 43.27 -10.92
CA ARG C 392 -24.38 44.04 -12.16
C ARG C 392 -25.72 44.62 -12.62
N GLY C 393 -26.83 44.21 -12.01
CA GLY C 393 -28.15 44.56 -12.44
C GLY C 393 -28.52 43.95 -13.78
N GLY C 394 -27.93 42.80 -14.11
CA GLY C 394 -28.21 42.14 -15.37
C GLY C 394 -29.47 41.30 -15.31
N LYS C 395 -29.85 40.74 -16.46
CA LYS C 395 -31.06 39.96 -16.57
C LYS C 395 -30.82 38.44 -16.68
N TYR C 396 -29.90 38.02 -17.52
CA TYR C 396 -29.69 36.59 -17.76
C TYR C 396 -28.24 36.23 -17.61
N ALA C 397 -27.99 34.98 -17.21
CA ALA C 397 -26.62 34.45 -17.22
C ALA C 397 -26.66 32.97 -17.49
N VAL C 398 -25.57 32.46 -18.02
CA VAL C 398 -25.46 31.03 -18.28
C VAL C 398 -24.14 30.54 -17.81
N GLY C 399 -24.15 29.40 -17.11
CA GLY C 399 -22.96 28.76 -16.60
C GLY C 399 -22.81 27.41 -17.26
N SER C 400 -21.57 26.97 -17.51
CA SER C 400 -21.34 25.74 -18.23
C SER C 400 -19.99 25.12 -17.88
N ALA C 401 -19.88 23.82 -18.14
CA ALA C 401 -18.63 23.09 -17.96
C ALA C 401 -18.58 22.00 -19.00
N CYS C 402 -17.33 21.71 -19.44
CA CYS C 402 -17.07 20.52 -20.18
C CYS C 402 -16.95 19.37 -19.20
N ILE C 403 -17.16 18.18 -19.71
CA ILE C 403 -17.22 17.00 -18.90
C ILE C 403 -16.33 15.92 -19.49
N GLY C 404 -15.38 15.43 -18.73
CA GLY C 404 -14.55 14.29 -19.14
C GLY C 404 -15.39 13.13 -19.61
N GLY C 405 -14.95 12.44 -20.69
CA GLY C 405 -15.77 11.43 -21.30
C GLY C 405 -16.54 11.94 -22.50
N GLY C 406 -16.67 13.26 -22.63
CA GLY C 406 -17.34 13.85 -23.79
C GLY C 406 -18.78 14.29 -23.53
N GLN C 407 -18.95 15.21 -22.59
CA GLN C 407 -20.27 15.85 -22.38
C GLN C 407 -20.09 17.34 -22.08
N GLY C 408 -21.21 18.06 -22.10
CA GLY C 408 -21.27 19.41 -21.61
C GLY C 408 -22.58 19.64 -20.89
N ILE C 409 -22.56 20.61 -20.00
CA ILE C 409 -23.80 21.01 -19.25
C ILE C 409 -23.84 22.51 -19.16
N ALA C 410 -25.06 23.05 -19.24
CA ALA C 410 -25.29 24.46 -19.13
C ALA C 410 -26.59 24.70 -18.37
N VAL C 411 -26.58 25.72 -17.55
CA VAL C 411 -27.72 26.17 -16.76
C VAL C 411 -27.86 27.70 -16.96
N ILE C 412 -29.06 28.12 -17.33
CA ILE C 412 -29.39 29.53 -17.49
C ILE C 412 -30.19 30.01 -16.29
N ILE C 413 -29.78 31.13 -15.75
CA ILE C 413 -30.57 31.84 -14.75
C ILE C 413 -31.07 33.21 -15.24
N GLN C 414 -32.09 33.69 -14.57
CA GLN C 414 -32.63 34.99 -14.79
C GLN C 414 -32.72 35.71 -13.46
N SER C 415 -32.35 36.98 -13.41
CA SER C 415 -32.48 37.73 -12.15
C SER C 415 -33.95 37.88 -11.74
N THR C 416 -34.17 38.05 -10.45
CA THR C 416 -35.52 38.24 -9.89
C THR C 416 -35.59 39.65 -9.33
N GLY D 18 -53.84 16.92 -2.56
CA GLY D 18 -54.25 15.49 -2.42
C GLY D 18 -53.05 14.58 -2.54
N SER D 19 -53.25 13.31 -2.25
CA SER D 19 -52.17 12.32 -2.23
C SER D 19 -51.95 11.59 -3.54
N HIS D 20 -52.84 11.69 -4.52
CA HIS D 20 -52.71 10.88 -5.71
C HIS D 20 -51.81 11.58 -6.70
N MET D 21 -50.99 10.85 -7.42
CA MET D 21 -50.13 11.51 -8.41
C MET D 21 -49.67 10.51 -9.45
N ALA D 22 -50.03 10.78 -10.68
CA ALA D 22 -49.68 9.93 -11.76
C ALA D 22 -48.41 10.44 -12.40
N LEU D 23 -47.70 9.59 -13.11
CA LEU D 23 -46.56 10.09 -13.90
C LEU D 23 -47.10 11.09 -14.93
N LEU D 24 -46.37 12.16 -15.23
CA LEU D 24 -46.87 13.15 -16.16
C LEU D 24 -47.10 12.56 -17.57
N ARG D 25 -46.30 11.56 -17.94
CA ARG D 25 -46.44 10.93 -19.23
C ARG D 25 -46.40 9.44 -19.00
N GLY D 26 -46.97 8.67 -19.92
CA GLY D 26 -46.90 7.22 -19.83
C GLY D 26 -45.44 6.77 -20.03
N VAL D 27 -44.94 5.93 -19.15
CA VAL D 27 -43.57 5.43 -19.26
C VAL D 27 -43.61 3.92 -19.29
N PHE D 28 -43.05 3.34 -20.34
CA PHE D 28 -43.10 1.90 -20.54
C PHE D 28 -41.73 1.26 -20.47
N VAL D 29 -41.67 0.08 -19.85
CA VAL D 29 -40.53 -0.77 -19.91
C VAL D 29 -40.59 -1.54 -21.21
N VAL D 30 -39.59 -1.34 -22.06
CA VAL D 30 -39.52 -1.99 -23.35
C VAL D 30 -38.41 -3.05 -23.39
N ALA D 31 -37.62 -3.17 -22.31
CA ALA D 31 -36.65 -4.25 -22.15
C ALA D 31 -36.19 -4.28 -20.73
N ALA D 32 -35.86 -5.47 -20.24
CA ALA D 32 -35.40 -5.66 -18.89
C ALA D 32 -34.54 -6.93 -18.81
N LYS D 33 -33.25 -6.74 -18.55
CA LYS D 33 -32.31 -7.85 -18.48
C LYS D 33 -31.37 -7.68 -17.30
N ARG D 34 -30.82 -8.79 -16.82
CA ARG D 34 -29.88 -8.76 -15.75
C ARG D 34 -28.89 -9.89 -15.89
N THR D 35 -27.66 -9.64 -15.46
CA THR D 35 -26.61 -10.63 -15.54
C THR D 35 -26.82 -11.68 -14.50
N PRO D 36 -26.23 -12.87 -14.74
CA PRO D 36 -26.10 -13.74 -13.60
C PRO D 36 -25.30 -12.97 -12.54
N PHE D 37 -25.56 -13.25 -11.28
CA PHE D 37 -24.82 -12.65 -10.19
C PHE D 37 -23.65 -13.58 -9.76
N GLY D 38 -22.44 -13.00 -9.69
CA GLY D 38 -21.24 -13.75 -9.33
C GLY D 38 -20.92 -13.62 -7.87
N ALA D 39 -20.28 -14.64 -7.31
CA ALA D 39 -19.88 -14.62 -5.90
C ALA D 39 -18.67 -13.71 -5.75
N TYR D 40 -18.45 -13.30 -4.53
CA TYR D 40 -17.26 -12.51 -4.17
C TYR D 40 -16.03 -13.32 -4.48
N GLY D 41 -15.18 -12.80 -5.37
CA GLY D 41 -14.01 -13.51 -5.83
C GLY D 41 -14.33 -14.66 -6.77
N GLY D 42 -15.54 -14.65 -7.33
CA GLY D 42 -16.05 -15.75 -8.13
C GLY D 42 -15.91 -15.50 -9.60
N LEU D 43 -16.88 -15.98 -10.39
CA LEU D 43 -16.72 -16.10 -11.83
C LEU D 43 -16.68 -14.78 -12.56
N LEU D 44 -17.19 -13.72 -11.93
CA LEU D 44 -17.20 -12.43 -12.59
C LEU D 44 -16.19 -11.45 -12.00
N LYS D 45 -15.26 -11.92 -11.16
CA LYS D 45 -14.41 -11.03 -10.44
C LYS D 45 -13.51 -10.16 -11.35
N ASP D 46 -13.19 -10.61 -12.56
CA ASP D 46 -12.36 -9.83 -13.42
C ASP D 46 -13.10 -8.86 -14.31
N PHE D 47 -14.41 -8.80 -14.20
CA PHE D 47 -15.19 -7.84 -14.96
C PHE D 47 -15.44 -6.61 -14.06
N THR D 48 -15.20 -5.43 -14.60
CA THR D 48 -15.50 -4.19 -13.91
C THR D 48 -17.01 -3.98 -13.88
N ALA D 49 -17.43 -3.09 -13.01
CA ALA D 49 -18.84 -2.72 -12.93
C ALA D 49 -19.28 -2.15 -14.27
N THR D 50 -18.38 -1.44 -14.94
CA THR D 50 -18.63 -0.97 -16.28
C THR D 50 -18.90 -2.12 -17.25
N ASP D 51 -18.01 -3.14 -17.25
CA ASP D 51 -18.19 -4.30 -18.10
C ASP D 51 -19.57 -4.97 -17.84
N LEU D 52 -19.90 -5.20 -16.58
CA LEU D 52 -21.13 -5.90 -16.26
C LEU D 52 -22.35 -5.10 -16.75
N SER D 53 -22.34 -3.81 -16.51
CA SER D 53 -23.40 -2.93 -16.99
C SER D 53 -23.55 -3.03 -18.52
N GLU D 54 -22.40 -2.99 -19.21
CA GLU D 54 -22.36 -3.13 -20.66
C GLU D 54 -23.06 -4.43 -21.11
N PHE D 55 -22.77 -5.54 -20.41
CA PHE D 55 -23.35 -6.82 -20.80
C PHE D 55 -24.85 -6.79 -20.62
N ALA D 56 -25.34 -6.23 -19.51
CA ALA D 56 -26.79 -6.13 -19.31
C ALA D 56 -27.46 -5.21 -20.32
N ALA D 57 -26.81 -4.08 -20.59
CA ALA D 57 -27.36 -3.08 -21.51
C ALA D 57 -27.44 -3.62 -22.94
N LYS D 58 -26.36 -4.24 -23.41
CA LYS D 58 -26.36 -4.92 -24.72
C LYS D 58 -27.50 -5.97 -24.83
N ALA D 59 -27.64 -6.77 -23.80
CA ALA D 59 -28.69 -7.79 -23.79
C ALA D 59 -30.07 -7.13 -23.82
N ALA D 60 -30.27 -6.05 -23.06
CA ALA D 60 -31.55 -5.35 -23.06
C ALA D 60 -31.88 -4.73 -24.42
N LEU D 61 -30.90 -4.11 -25.05
CA LEU D 61 -31.09 -3.52 -26.36
C LEU D 61 -31.54 -4.61 -27.35
N SER D 62 -30.86 -5.74 -27.31
CA SER D 62 -31.18 -6.84 -28.20
C SER D 62 -32.56 -7.46 -27.90
N ALA D 63 -32.87 -7.71 -26.63
CA ALA D 63 -34.13 -8.32 -26.28
C ALA D 63 -35.33 -7.44 -26.61
N GLY D 64 -35.23 -6.13 -26.40
CA GLY D 64 -36.29 -5.22 -26.77
C GLY D 64 -36.31 -4.75 -28.23
N LYS D 65 -35.34 -5.22 -29.01
CA LYS D 65 -35.12 -4.78 -30.37
C LYS D 65 -35.11 -3.26 -30.40
N VAL D 66 -34.38 -2.66 -29.45
CA VAL D 66 -34.31 -1.20 -29.35
C VAL D 66 -33.01 -0.82 -30.04
N SER D 67 -33.11 -0.03 -31.10
CA SER D 67 -31.89 0.46 -31.72
C SER D 67 -31.18 1.41 -30.74
N PRO D 68 -29.86 1.26 -30.57
CA PRO D 68 -29.12 2.16 -29.66
C PRO D 68 -29.26 3.63 -30.06
N GLU D 69 -29.53 3.88 -31.35
CA GLU D 69 -29.68 5.23 -31.85
C GLU D 69 -30.90 5.90 -31.26
N THR D 70 -31.86 5.15 -30.72
CA THR D 70 -33.04 5.75 -30.16
C THR D 70 -32.86 6.18 -28.71
N VAL D 71 -31.77 5.78 -28.08
CA VAL D 71 -31.60 6.08 -26.67
C VAL D 71 -31.10 7.54 -26.51
N ASP D 72 -31.88 8.34 -25.80
CA ASP D 72 -31.65 9.75 -25.54
C ASP D 72 -30.91 10.04 -24.26
N SER D 73 -30.89 9.11 -23.32
CA SER D 73 -30.18 9.32 -22.06
C SER D 73 -29.77 7.97 -21.48
N VAL D 74 -28.60 7.94 -20.86
CA VAL D 74 -28.08 6.78 -20.18
C VAL D 74 -27.90 7.14 -18.69
N ILE D 75 -28.53 6.37 -17.82
CA ILE D 75 -28.43 6.61 -16.35
C ILE D 75 -28.08 5.28 -15.66
N MET D 76 -26.96 5.23 -14.92
CA MET D 76 -26.52 3.99 -14.30
C MET D 76 -26.36 4.19 -12.80
N GLY D 77 -26.91 3.27 -12.03
CA GLY D 77 -26.66 3.21 -10.61
C GLY D 77 -25.40 2.39 -10.36
N ASN D 78 -24.54 2.91 -9.49
CA ASN D 78 -23.32 2.23 -9.08
C ASN D 78 -22.92 2.86 -7.74
N VAL D 79 -22.65 2.05 -6.73
CA VAL D 79 -22.41 2.59 -5.41
C VAL D 79 -20.92 2.83 -5.09
N LEU D 80 -20.10 1.79 -5.12
CA LEU D 80 -18.72 1.88 -4.65
C LEU D 80 -17.83 1.84 -5.90
N GLN D 81 -17.12 2.92 -6.16
CA GLN D 81 -16.24 3.03 -7.33
C GLN D 81 -15.17 1.93 -7.19
N SER D 82 -15.11 1.01 -8.13
CA SER D 82 -14.25 -0.15 -7.93
C SER D 82 -13.33 -0.44 -9.13
N SER D 83 -13.10 0.56 -9.97
CA SER D 83 -12.17 0.37 -11.08
C SER D 83 -11.56 1.68 -11.45
N SER D 84 -10.44 1.63 -12.19
CA SER D 84 -9.72 2.84 -12.47
C SER D 84 -10.53 3.79 -13.37
N ASP D 85 -11.46 3.25 -14.14
CA ASP D 85 -12.35 4.00 -15.02
C ASP D 85 -13.77 4.26 -14.42
N ALA D 86 -13.95 3.97 -13.15
CA ALA D 86 -15.29 4.04 -12.56
C ALA D 86 -16.00 5.39 -12.72
N ILE D 87 -15.31 6.53 -12.60
CA ILE D 87 -16.03 7.79 -12.62
C ILE D 87 -16.70 8.05 -13.97
N TYR D 88 -16.28 7.30 -15.02
CA TYR D 88 -16.84 7.41 -16.36
C TYR D 88 -17.93 6.37 -16.67
N LEU D 89 -18.33 5.57 -15.68
CA LEU D 89 -19.07 4.35 -15.94
C LEU D 89 -20.24 4.51 -16.93
N ALA D 90 -21.17 5.40 -16.66
CA ALA D 90 -22.38 5.47 -17.49
C ALA D 90 -22.01 5.82 -18.90
N ARG D 91 -21.08 6.75 -19.04
CA ARG D 91 -20.67 7.20 -20.39
C ARG D 91 -20.00 6.10 -21.19
N HIS D 92 -19.10 5.38 -20.54
CA HIS D 92 -18.47 4.27 -21.22
C HIS D 92 -19.45 3.21 -21.62
N VAL D 93 -20.43 2.91 -20.75
CA VAL D 93 -21.40 1.91 -21.12
C VAL D 93 -22.16 2.39 -22.38
N GLY D 94 -22.65 3.63 -22.34
CA GLY D 94 -23.41 4.16 -23.47
C GLY D 94 -22.60 4.04 -24.77
N LEU D 95 -21.36 4.50 -24.73
CA LEU D 95 -20.51 4.44 -25.96
C LEU D 95 -20.24 3.01 -26.41
N ARG D 96 -19.97 2.11 -25.46
CA ARG D 96 -19.67 0.74 -25.77
C ARG D 96 -20.80 -0.01 -26.47
N VAL D 97 -22.05 0.31 -26.14
CA VAL D 97 -23.17 -0.38 -26.72
C VAL D 97 -23.73 0.31 -27.95
N GLY D 98 -23.03 1.32 -28.45
CA GLY D 98 -23.38 1.96 -29.71
C GLY D 98 -24.40 3.06 -29.63
N ILE D 99 -24.70 3.53 -28.42
CA ILE D 99 -25.58 4.69 -28.29
C ILE D 99 -24.79 5.92 -28.76
N PRO D 100 -25.44 6.87 -29.44
CA PRO D 100 -24.68 7.96 -30.06
C PRO D 100 -23.92 8.79 -29.06
N LYS D 101 -22.82 9.35 -29.50
CA LYS D 101 -22.00 10.18 -28.65
C LYS D 101 -22.73 11.41 -28.14
N GLU D 102 -23.78 11.86 -28.83
CA GLU D 102 -24.56 13.02 -28.40
C GLU D 102 -25.45 12.72 -27.18
N THR D 103 -25.69 11.46 -26.90
CA THR D 103 -26.54 11.04 -25.79
C THR D 103 -25.77 11.18 -24.48
N PRO D 104 -26.35 11.90 -23.51
CA PRO D 104 -25.59 12.06 -22.29
C PRO D 104 -25.65 10.83 -21.41
N ALA D 105 -24.83 10.85 -20.36
CA ALA D 105 -24.65 9.71 -19.47
C ALA D 105 -24.35 10.12 -18.02
N LEU D 106 -25.15 9.59 -17.09
CA LEU D 106 -25.14 9.99 -15.70
C LEU D 106 -24.96 8.78 -14.84
N THR D 107 -24.11 8.88 -13.84
CA THR D 107 -24.00 7.82 -12.83
C THR D 107 -24.61 8.38 -11.55
N ILE D 108 -25.39 7.57 -10.86
CA ILE D 108 -26.03 7.97 -9.63
C ILE D 108 -25.72 6.97 -8.53
N ASN D 109 -25.82 7.45 -7.29
CA ASN D 109 -25.58 6.61 -6.13
C ASN D 109 -26.64 6.91 -5.07
N ARG D 110 -27.64 6.03 -4.98
CA ARG D 110 -28.52 6.01 -3.80
C ARG D 110 -28.32 4.65 -3.17
N LEU D 111 -27.04 4.32 -2.99
CA LEU D 111 -26.61 3.08 -2.35
C LEU D 111 -27.40 1.90 -2.83
N GLY D 113 -30.36 1.24 -3.17
CA GLY D 113 -31.50 1.57 -3.99
C GLY D 113 -31.14 1.95 -5.42
N SER D 114 -29.85 1.97 -5.75
CA SER D 114 -29.37 2.64 -6.98
C SER D 114 -29.99 2.08 -8.23
N GLY D 115 -30.20 0.76 -8.29
CA GLY D 115 -30.71 0.14 -9.49
C GLY D 115 -32.16 0.49 -9.73
N PHE D 116 -32.92 0.77 -8.66
CA PHE D 116 -34.28 1.36 -8.80
C PHE D 116 -34.19 2.86 -9.16
N GLN D 117 -33.27 3.56 -8.51
CA GLN D 117 -33.16 5.00 -8.68
C GLN D 117 -32.84 5.42 -10.11
N SER D 118 -31.99 4.67 -10.83
CA SER D 118 -31.71 5.05 -12.21
C SER D 118 -33.03 5.07 -13.03
N ILE D 119 -33.95 4.16 -12.70
CA ILE D 119 -35.26 4.10 -13.35
C ILE D 119 -36.09 5.31 -12.98
N VAL D 120 -36.04 5.69 -11.70
CA VAL D 120 -36.72 6.88 -11.26
C VAL D 120 -36.24 8.15 -11.98
N ASN D 121 -34.92 8.32 -12.06
CA ASN D 121 -34.34 9.44 -12.76
C ASN D 121 -34.79 9.43 -14.21
N GLY D 122 -34.78 8.25 -14.83
CA GLY D 122 -35.21 8.12 -16.24
C GLY D 122 -36.66 8.56 -16.43
N CYS D 123 -37.52 8.16 -15.50
CA CYS D 123 -38.93 8.52 -15.52
C CYS D 123 -39.08 10.03 -15.43
N GLN D 124 -38.30 10.65 -14.57
CA GLN D 124 -38.34 12.08 -14.41
C GLN D 124 -37.92 12.78 -15.71
N GLU D 125 -36.82 12.35 -16.30
CA GLU D 125 -36.36 12.99 -17.55
C GLU D 125 -37.42 12.83 -18.66
N ILE D 126 -38.02 11.66 -18.77
CA ILE D 126 -39.11 11.46 -19.72
C ILE D 126 -40.28 12.39 -19.43
N CYS D 127 -40.65 12.49 -18.16
CA CYS D 127 -41.81 13.23 -17.78
C CYS D 127 -41.66 14.74 -17.96
N VAL D 128 -40.44 15.27 -17.89
CA VAL D 128 -40.22 16.70 -18.21
C VAL D 128 -39.81 16.88 -19.66
N LYS D 129 -39.98 15.85 -20.49
CA LYS D 129 -39.72 15.90 -21.92
C LYS D 129 -38.29 16.21 -22.28
N GLU D 130 -37.36 15.79 -21.45
CA GLU D 130 -35.96 15.95 -21.76
C GLU D 130 -35.40 14.68 -22.36
N ALA D 131 -36.14 13.59 -22.30
CA ALA D 131 -35.76 12.33 -22.92
C ALA D 131 -37.01 11.60 -23.40
N GLU D 132 -36.87 10.71 -24.37
CA GLU D 132 -37.97 9.86 -24.82
C GLU D 132 -37.68 8.40 -24.50
N VAL D 133 -36.41 8.03 -24.57
CA VAL D 133 -35.97 6.66 -24.33
C VAL D 133 -34.72 6.70 -23.44
N VAL D 134 -34.75 5.98 -22.33
CA VAL D 134 -33.69 6.04 -21.34
C VAL D 134 -33.23 4.63 -21.01
N LEU D 135 -31.91 4.42 -21.09
CA LEU D 135 -31.29 3.20 -20.61
C LEU D 135 -30.97 3.41 -19.16
N CYS D 136 -31.66 2.67 -18.29
CA CYS D 136 -31.56 2.79 -16.84
C CYS D 136 -31.00 1.49 -16.24
N GLY D 137 -29.77 1.52 -15.82
CA GLY D 137 -29.11 0.34 -15.34
C GLY D 137 -28.62 0.48 -13.93
N GLY D 138 -28.10 -0.61 -13.44
CA GLY D 138 -27.52 -0.70 -12.11
C GLY D 138 -26.47 -1.77 -12.13
N THR D 139 -25.37 -1.55 -11.43
CA THR D 139 -24.24 -2.45 -11.50
C THR D 139 -23.36 -2.31 -10.29
N GLU D 140 -22.69 -3.40 -9.93
CA GLU D 140 -21.72 -3.36 -8.87
C GLU D 140 -20.74 -4.47 -9.09
N SER D 141 -19.45 -4.15 -8.94
CA SER D 141 -18.45 -5.20 -8.73
C SER D 141 -17.89 -5.02 -7.34
N MET D 142 -18.33 -5.88 -6.41
CA MET D 142 -17.84 -5.81 -5.08
C MET D 142 -16.51 -6.57 -5.00
N SER D 143 -16.31 -7.58 -5.87
CA SER D 143 -15.01 -8.28 -5.94
C SER D 143 -13.87 -7.34 -6.21
N GLN D 144 -14.12 -6.28 -6.98
CA GLN D 144 -13.10 -5.29 -7.35
C GLN D 144 -12.94 -4.10 -6.40
N ALA D 145 -13.68 -4.06 -5.30
CA ALA D 145 -13.55 -2.94 -4.41
C ALA D 145 -12.06 -2.87 -3.97
N PRO D 146 -11.44 -1.71 -4.04
CA PRO D 146 -10.02 -1.65 -3.80
C PRO D 146 -9.69 -1.55 -2.33
N TYR D 147 -8.42 -1.76 -1.99
CA TYR D 147 -7.92 -1.25 -0.72
C TYR D 147 -7.47 0.19 -0.96
N CYS D 148 -7.75 1.07 -0.02
CA CYS D 148 -7.39 2.45 -0.14
C CYS D 148 -6.33 2.84 0.89
N VAL D 149 -5.32 3.55 0.42
CA VAL D 149 -4.32 4.13 1.27
C VAL D 149 -4.55 5.64 1.31
N ARG D 150 -4.90 6.12 2.49
CA ARG D 150 -5.27 7.49 2.70
C ARG D 150 -4.16 8.21 3.47
N ASN D 151 -4.21 9.54 3.37
CA ASN D 151 -3.35 10.39 4.16
CA ASN D 151 -3.37 10.46 4.12
C ASN D 151 -1.86 10.25 3.91
N VAL D 152 -1.45 9.74 2.74
CA VAL D 152 -0.02 9.66 2.41
C VAL D 152 0.42 10.58 1.29
N ARG D 153 -0.44 11.41 0.72
CA ARG D 153 0.05 12.36 -0.32
C ARG D 153 1.03 13.41 0.15
N PHE D 154 0.91 13.83 1.39
CA PHE D 154 1.57 15.04 1.88
C PHE D 154 2.45 14.81 3.05
N GLY D 155 3.03 13.62 3.11
CA GLY D 155 3.95 13.27 4.21
C GLY D 155 3.27 12.43 5.26
N THR D 156 4.08 11.69 6.01
CA THR D 156 3.57 10.89 7.09
C THR D 156 4.22 11.33 8.36
N LYS D 157 3.70 10.90 9.46
CA LYS D 157 4.30 11.18 10.75
C LYS D 157 4.80 9.88 11.32
N LEU D 158 6.05 9.90 11.82
CA LEU D 158 6.67 8.71 12.42
C LEU D 158 5.76 8.23 13.51
N GLY D 159 5.39 6.96 13.48
CA GLY D 159 4.50 6.41 14.50
C GLY D 159 3.02 6.42 14.20
N SER D 160 2.64 6.88 13.03
CA SER D 160 1.22 6.85 12.69
C SER D 160 0.83 5.45 12.17
N ASP D 161 -0.44 5.15 12.24
CA ASP D 161 -0.96 3.86 11.92
C ASP D 161 -1.67 3.92 10.57
N ILE D 162 -0.93 3.79 9.48
CA ILE D 162 -1.53 3.85 8.15
C ILE D 162 -2.09 2.50 7.76
N LYS D 163 -3.29 2.51 7.21
CA LYS D 163 -4.03 1.26 6.85
C LYS D 163 -4.13 1.09 5.36
N LEU D 164 -4.17 -0.15 4.93
CA LEU D 164 -4.67 -0.53 3.62
C LEU D 164 -6.15 -0.78 3.91
N GLU D 165 -6.95 0.26 3.75
CA GLU D 165 -8.33 0.21 4.16
C GLU D 165 -9.18 -0.55 3.14
N ASP D 166 -9.97 -1.49 3.63
CA ASP D 166 -10.88 -2.25 2.78
C ASP D 166 -12.08 -1.37 2.47
N SER D 167 -12.12 -0.79 1.28
CA SER D 167 -13.15 0.19 0.95
C SER D 167 -14.55 -0.44 1.06
N LEU D 168 -14.67 -1.72 0.71
CA LEU D 168 -15.95 -2.40 0.78
C LEU D 168 -16.38 -2.50 2.24
N TRP D 169 -15.50 -3.02 3.08
CA TRP D 169 -15.87 -3.28 4.46
C TRP D 169 -16.21 -1.98 5.18
N VAL D 170 -15.39 -0.93 4.99
CA VAL D 170 -15.67 0.32 5.69
C VAL D 170 -16.98 0.96 5.17
N SER D 171 -17.31 0.72 3.92
CA SER D 171 -18.54 1.26 3.34
C SER D 171 -19.80 0.61 3.90
N LEU D 172 -19.65 -0.57 4.51
CA LEU D 172 -20.76 -1.27 5.11
C LEU D 172 -21.04 -0.85 6.54
N THR D 173 -20.33 0.16 7.04
CA THR D 173 -20.68 0.83 8.29
C THR D 173 -21.15 2.25 7.97
N ASP D 174 -22.29 2.63 8.52
CA ASP D 174 -22.78 4.00 8.40
C ASP D 174 -22.16 4.80 9.53
N GLN D 175 -21.18 5.63 9.19
CA GLN D 175 -20.43 6.36 10.17
C GLN D 175 -21.22 7.45 10.88
N HIS D 176 -22.36 7.87 10.32
CA HIS D 176 -23.17 8.86 10.98
C HIS D 176 -23.75 8.31 12.32
N VAL D 177 -24.14 7.04 12.32
CA VAL D 177 -24.61 6.39 13.58
C VAL D 177 -23.63 5.34 14.10
N GLN D 178 -22.49 5.20 13.41
CA GLN D 178 -21.48 4.19 13.74
C GLN D 178 -22.07 2.81 13.90
N LEU D 179 -22.84 2.37 12.90
CA LEU D 179 -23.36 1.02 12.90
C LEU D 179 -23.04 0.32 11.61
N PRO D 180 -22.43 -0.88 11.68
CA PRO D 180 -22.51 -1.78 10.55
C PRO D 180 -23.93 -1.92 10.05
N MET D 181 -24.10 -2.11 8.75
CA MET D 181 -25.43 -2.44 8.21
C MET D 181 -26.12 -3.62 8.97
N ALA D 182 -25.37 -4.68 9.24
CA ALA D 182 -25.92 -5.85 9.94
C ALA D 182 -26.44 -5.50 11.33
N MET D 183 -25.81 -4.55 12.01
CA MET D 183 -26.27 -4.12 13.32
C MET D 183 -27.57 -3.36 13.23
N THR D 184 -27.82 -2.66 12.11
CA THR D 184 -29.11 -1.98 11.99
C THR D 184 -30.18 -3.03 11.85
N ALA D 185 -29.81 -4.15 11.27
CA ALA D 185 -30.71 -5.26 11.10
C ALA D 185 -30.97 -5.95 12.47
N GLU D 186 -29.93 -6.10 13.27
CA GLU D 186 -30.10 -6.59 14.64
C GLU D 186 -30.99 -5.68 15.45
N ASN D 187 -30.86 -4.35 15.29
CA ASN D 187 -31.78 -3.40 15.91
C ASN D 187 -33.25 -3.68 15.55
N LEU D 188 -33.50 -4.00 14.29
CA LEU D 188 -34.84 -4.36 13.88
C LEU D 188 -35.26 -5.71 14.48
N ALA D 189 -34.36 -6.68 14.55
CA ALA D 189 -34.70 -7.98 15.11
C ALA D 189 -35.16 -7.78 16.56
N VAL D 190 -34.45 -6.95 17.29
CA VAL D 190 -34.83 -6.67 18.66
C VAL D 190 -36.18 -5.97 18.70
N LYS D 191 -36.31 -4.89 17.94
CA LYS D 191 -37.52 -4.09 17.95
C LYS D 191 -38.79 -4.87 17.56
N HIS D 192 -38.71 -5.73 16.57
CA HIS D 192 -39.85 -6.44 16.05
C HIS D 192 -39.96 -7.89 16.59
N LYS D 193 -39.09 -8.26 17.53
CA LYS D 193 -39.13 -9.60 18.17
C LYS D 193 -38.97 -10.70 17.16
N ILE D 194 -37.91 -10.60 16.35
CA ILE D 194 -37.66 -11.59 15.33
C ILE D 194 -36.54 -12.48 15.83
N SER D 195 -36.79 -13.78 15.87
CA SER D 195 -35.83 -14.71 16.47
C SER D 195 -34.83 -15.16 15.47
N ARG D 196 -33.70 -15.66 15.99
CA ARG D 196 -32.66 -16.26 15.17
C ARG D 196 -33.25 -17.35 14.30
N GLU D 197 -34.08 -18.20 14.91
CA GLU D 197 -34.69 -19.32 14.17
C GLU D 197 -35.59 -18.84 13.03
N GLU D 198 -36.38 -17.81 13.30
CA GLU D 198 -37.24 -17.23 12.24
C GLU D 198 -36.43 -16.71 11.06
N CYS D 199 -35.26 -16.14 11.36
CA CYS D 199 -34.34 -15.63 10.33
C CYS D 199 -33.78 -16.74 9.47
N ASP D 200 -33.39 -17.85 10.10
CA ASP D 200 -32.82 -18.97 9.37
C ASP D 200 -33.86 -19.67 8.55
N LYS D 201 -35.09 -19.75 9.05
CA LYS D 201 -36.16 -20.32 8.25
C LYS D 201 -36.44 -19.47 7.00
N TYR D 202 -36.43 -18.15 7.17
CA TYR D 202 -36.60 -17.27 5.98
C TYR D 202 -35.44 -17.50 4.99
N ALA D 203 -34.22 -17.61 5.51
CA ALA D 203 -33.04 -17.81 4.66
C ALA D 203 -33.12 -19.10 3.86
N LEU D 204 -33.55 -20.18 4.53
CA LEU D 204 -33.77 -21.46 3.86
C LEU D 204 -34.82 -21.30 2.77
N GLN D 205 -35.89 -20.62 3.07
CA GLN D 205 -36.93 -20.42 2.07
C GLN D 205 -36.42 -19.65 0.84
N SER D 206 -35.53 -18.67 1.04
CA SER D 206 -34.96 -17.93 -0.12
C SER D 206 -34.14 -18.88 -1.01
N GLN D 207 -33.32 -19.72 -0.38
CA GLN D 207 -32.55 -20.70 -1.16
C GLN D 207 -33.47 -21.61 -1.90
N GLN D 208 -34.49 -22.11 -1.23
CA GLN D 208 -35.45 -23.04 -1.88
C GLN D 208 -36.17 -22.40 -3.01
N ARG D 209 -36.67 -21.18 -2.77
CA ARG D 209 -37.39 -20.47 -3.80
C ARG D 209 -36.51 -20.11 -5.01
N TRP D 210 -35.23 -19.79 -4.76
CA TRP D 210 -34.31 -19.51 -5.85
C TRP D 210 -34.12 -20.76 -6.72
N LYS D 211 -33.87 -21.88 -6.05
CA LYS D 211 -33.62 -23.14 -6.72
C LYS D 211 -34.81 -23.56 -7.59
N ALA D 212 -36.00 -23.52 -7.02
CA ALA D 212 -37.19 -23.90 -7.78
C ALA D 212 -37.39 -22.99 -8.98
N ALA D 213 -37.19 -21.69 -8.79
CA ALA D 213 -37.37 -20.75 -9.87
C ALA D 213 -36.36 -20.99 -10.94
N ASN D 214 -35.11 -21.17 -10.54
CA ASN D 214 -34.05 -21.35 -11.51
C ASN D 214 -34.30 -22.58 -12.35
N ASP D 215 -34.62 -23.68 -11.70
CA ASP D 215 -34.88 -24.94 -12.42
C ASP D 215 -36.16 -24.94 -13.25
N ALA D 216 -37.15 -24.14 -12.88
CA ALA D 216 -38.35 -24.03 -13.71
C ALA D 216 -38.19 -23.07 -14.87
N GLY D 217 -37.07 -22.37 -14.98
CA GLY D 217 -36.87 -21.43 -16.08
C GLY D 217 -37.36 -20.01 -15.83
N TYR D 218 -37.67 -19.68 -14.59
CA TYR D 218 -38.26 -18.38 -14.28
C TYR D 218 -37.26 -17.20 -14.36
N PHE D 219 -35.97 -17.48 -14.51
CA PHE D 219 -34.96 -16.45 -14.73
C PHE D 219 -34.48 -16.39 -16.17
N ASN D 220 -35.01 -17.27 -17.03
CA ASN D 220 -34.57 -17.32 -18.42
C ASN D 220 -34.77 -16.01 -19.18
N ASP D 221 -35.95 -15.43 -19.12
CA ASP D 221 -36.24 -14.22 -19.91
C ASP D 221 -35.40 -13.01 -19.49
N GLU D 222 -35.15 -12.86 -18.20
CA GLU D 222 -34.35 -11.75 -17.69
C GLU D 222 -32.86 -11.95 -17.88
N MET D 223 -32.42 -13.19 -17.98
CA MET D 223 -31.00 -13.51 -17.86
C MET D 223 -30.21 -13.03 -19.09
N ALA D 224 -29.10 -12.34 -18.79
CA ALA D 224 -28.12 -11.94 -19.77
C ALA D 224 -26.83 -12.72 -19.53
N PRO D 225 -26.68 -13.89 -20.21
CA PRO D 225 -25.51 -14.71 -20.01
C PRO D 225 -24.21 -14.04 -20.37
N ILE D 226 -23.14 -14.45 -19.71
CA ILE D 226 -21.85 -13.86 -19.87
C ILE D 226 -20.87 -14.99 -20.11
N GLU D 227 -20.03 -14.84 -21.09
CA GLU D 227 -18.97 -15.80 -21.32
C GLU D 227 -17.80 -15.56 -20.38
N VAL D 228 -17.39 -16.59 -19.66
CA VAL D 228 -16.35 -16.51 -18.61
C VAL D 228 -15.22 -17.55 -18.85
N LYS D 229 -14.08 -17.36 -18.19
CA LYS D 229 -12.92 -18.30 -18.22
C LYS D 229 -12.76 -19.20 -16.98
N LYS D 234 -13.57 -21.54 -21.96
CA LYS D 234 -14.71 -20.65 -22.10
C LYS D 234 -15.99 -21.35 -21.73
N GLN D 235 -16.75 -20.76 -20.83
CA GLN D 235 -18.07 -21.25 -20.53
C GLN D 235 -19.04 -20.08 -20.40
N THR D 236 -20.30 -20.38 -20.62
CA THR D 236 -21.38 -19.44 -20.52
C THR D 236 -21.91 -19.49 -19.12
N MET D 237 -21.84 -18.36 -18.42
CA MET D 237 -22.41 -18.29 -17.07
C MET D 237 -23.83 -17.73 -17.21
N GLN D 238 -24.80 -18.46 -16.70
CA GLN D 238 -26.18 -18.06 -16.78
C GLN D 238 -26.97 -18.52 -15.58
N VAL D 239 -26.27 -18.82 -14.50
CA VAL D 239 -26.84 -19.23 -13.24
C VAL D 239 -26.16 -18.44 -12.14
N ASP D 240 -26.94 -18.00 -11.17
CA ASP D 240 -26.41 -17.28 -10.04
C ASP D 240 -25.45 -18.13 -9.20
N GLU D 241 -24.24 -17.62 -8.97
CA GLU D 241 -23.18 -18.40 -8.34
C GLU D 241 -23.28 -18.48 -6.85
N HIS D 242 -23.85 -17.47 -6.21
CA HIS D 242 -23.85 -17.43 -4.77
C HIS D 242 -24.84 -18.43 -4.14
N ALA D 243 -25.86 -18.84 -4.90
CA ALA D 243 -26.95 -19.67 -4.36
C ALA D 243 -26.41 -21.00 -3.83
N ARG D 244 -27.00 -21.48 -2.73
CA ARG D 244 -26.57 -22.73 -2.11
C ARG D 244 -27.81 -23.61 -1.97
N PRO D 245 -28.18 -24.26 -3.07
CA PRO D 245 -29.45 -24.99 -3.06
C PRO D 245 -29.44 -26.25 -2.19
N GLN D 246 -28.29 -26.70 -1.68
CA GLN D 246 -28.26 -27.82 -0.74
C GLN D 246 -28.38 -27.37 0.71
N THR D 247 -28.63 -26.09 0.94
CA THR D 247 -28.75 -25.54 2.27
C THR D 247 -29.85 -26.25 3.04
N THR D 248 -29.59 -26.53 4.31
CA THR D 248 -30.62 -27.07 5.19
C THR D 248 -30.70 -26.18 6.38
N LEU D 249 -31.82 -26.25 7.08
CA LEU D 249 -32.02 -25.53 8.31
C LEU D 249 -30.96 -25.88 9.35
N GLU D 250 -30.61 -27.15 9.43
CA GLU D 250 -29.60 -27.63 10.39
C GLU D 250 -28.20 -27.02 10.17
N GLN D 251 -27.82 -26.92 8.91
CA GLN D 251 -26.62 -26.19 8.56
C GLN D 251 -26.69 -24.74 9.05
N LEU D 252 -27.80 -24.07 8.76
CA LEU D 252 -27.94 -22.64 9.09
C LEU D 252 -27.87 -22.45 10.59
N GLN D 253 -28.52 -23.38 11.32
CA GLN D 253 -28.59 -23.31 12.78
C GLN D 253 -27.23 -23.37 13.42
N LYS D 254 -26.28 -24.01 12.76
CA LYS D 254 -24.96 -24.15 13.34
C LYS D 254 -24.05 -22.94 13.13
N LEU D 255 -24.43 -22.04 12.22
CA LEU D 255 -23.58 -20.91 11.92
C LEU D 255 -23.55 -19.96 13.11
N PRO D 256 -22.41 -19.34 13.37
CA PRO D 256 -22.37 -18.36 14.42
C PRO D 256 -22.89 -16.97 13.97
N PRO D 257 -23.47 -16.21 14.87
CA PRO D 257 -23.72 -14.79 14.56
C PRO D 257 -22.41 -14.05 14.29
N VAL D 258 -22.39 -13.23 13.24
CA VAL D 258 -21.17 -12.60 12.78
C VAL D 258 -20.89 -11.26 13.46
N PHE D 259 -21.92 -10.53 13.86
CA PHE D 259 -21.75 -9.14 14.30
C PHE D 259 -22.15 -8.92 15.74
N LYS D 260 -22.92 -9.82 16.32
CA LYS D 260 -23.47 -9.56 17.62
C LYS D 260 -23.61 -10.86 18.37
N LYS D 261 -23.14 -10.82 19.62
CA LYS D 261 -23.21 -12.01 20.46
C LYS D 261 -24.66 -12.41 20.60
N ASP D 262 -24.93 -13.68 20.36
CA ASP D 262 -26.28 -14.20 20.35
C ASP D 262 -27.19 -13.48 19.33
N GLY D 263 -26.60 -12.90 18.29
CA GLY D 263 -27.37 -12.07 17.34
C GLY D 263 -28.15 -12.94 16.36
N THR D 264 -28.98 -12.33 15.52
CA THR D 264 -29.74 -13.10 14.53
C THR D 264 -28.99 -13.26 13.23
N VAL D 265 -28.05 -12.35 12.96
CA VAL D 265 -27.40 -12.29 11.66
C VAL D 265 -26.18 -13.17 11.58
N THR D 266 -26.19 -14.06 10.60
CA THR D 266 -25.10 -14.95 10.31
C THR D 266 -24.71 -14.82 8.85
N ALA D 267 -23.65 -15.53 8.45
CA ALA D 267 -23.25 -15.56 7.05
C ALA D 267 -24.29 -16.31 6.20
N GLY D 268 -25.14 -17.09 6.84
CA GLY D 268 -26.15 -17.84 6.12
C GLY D 268 -27.47 -17.13 5.90
N ASN D 269 -27.74 -16.09 6.67
CA ASN D 269 -29.03 -15.39 6.56
C ASN D 269 -28.90 -13.90 6.21
N ALA D 270 -27.67 -13.46 5.89
CA ALA D 270 -27.43 -12.13 5.35
C ALA D 270 -27.28 -12.27 3.83
N SER D 271 -27.50 -11.17 3.10
CA SER D 271 -27.28 -11.17 1.69
C SER D 271 -25.82 -11.40 1.45
N GLY D 272 -25.51 -11.99 0.32
CA GLY D 272 -24.11 -12.16 -0.03
C GLY D 272 -23.52 -10.92 -0.70
N VAL D 273 -22.21 -10.76 -0.53
CA VAL D 273 -21.41 -9.87 -1.33
C VAL D 273 -21.36 -10.47 -2.72
N ALA D 274 -21.58 -9.66 -3.76
CA ALA D 274 -21.70 -10.21 -5.10
C ALA D 274 -21.47 -9.17 -6.20
N ASP D 275 -21.28 -9.67 -7.43
CA ASP D 275 -21.04 -8.88 -8.59
C ASP D 275 -22.19 -9.11 -9.56
N GLY D 276 -22.70 -8.04 -10.16
CA GLY D 276 -23.79 -8.21 -11.13
C GLY D 276 -24.39 -6.87 -11.54
N ALA D 277 -25.21 -6.92 -12.58
CA ALA D 277 -25.79 -5.71 -13.15
C ALA D 277 -27.10 -6.04 -13.81
N GLY D 278 -27.87 -4.98 -14.05
CA GLY D 278 -29.08 -5.07 -14.86
C GLY D 278 -29.24 -3.84 -15.72
N ALA D 279 -30.20 -3.91 -16.62
CA ALA D 279 -30.54 -2.83 -17.52
C ALA D 279 -32.04 -2.87 -17.80
N VAL D 280 -32.70 -1.74 -17.62
CA VAL D 280 -34.10 -1.56 -17.92
C VAL D 280 -34.18 -0.38 -18.89
N ILE D 281 -34.77 -0.63 -20.09
CA ILE D 281 -34.94 0.42 -21.04
C ILE D 281 -36.40 0.89 -20.93
N ILE D 282 -36.60 2.18 -20.72
CA ILE D 282 -37.91 2.76 -20.60
C ILE D 282 -38.13 3.77 -21.71
N ALA D 283 -39.40 3.97 -22.04
CA ALA D 283 -39.74 4.80 -23.19
C ALA D 283 -41.07 5.46 -22.98
N SER D 284 -41.17 6.69 -23.44
CA SER D 284 -42.45 7.37 -23.45
C SER D 284 -43.44 6.64 -24.35
N GLU D 285 -44.71 6.91 -24.09
CA GLU D 285 -45.76 6.46 -25.01
C GLU D 285 -45.50 6.89 -26.45
N ASP D 286 -45.12 8.15 -26.62
CA ASP D 286 -44.75 8.67 -27.97
C ASP D 286 -43.64 7.85 -28.60
N ALA D 287 -42.60 7.50 -27.82
CA ALA D 287 -41.50 6.67 -28.38
C ALA D 287 -41.91 5.25 -28.73
N VAL D 288 -42.69 4.60 -27.89
CA VAL D 288 -43.18 3.28 -28.16
C VAL D 288 -43.91 3.25 -29.53
N LYS D 289 -44.76 4.22 -29.76
CA LYS D 289 -45.58 4.33 -30.98
C LYS D 289 -44.70 4.66 -32.18
N LYS D 290 -43.82 5.66 -32.01
CA LYS D 290 -42.88 6.03 -33.07
C LYS D 290 -41.96 4.92 -33.49
N HIS D 291 -41.41 4.16 -32.53
CA HIS D 291 -40.41 3.16 -32.87
C HIS D 291 -40.95 1.74 -32.89
N ASN D 292 -42.26 1.58 -32.67
CA ASN D 292 -42.90 0.26 -32.59
C ASN D 292 -42.23 -0.65 -31.56
N PHE D 293 -41.91 -0.12 -30.39
CA PHE D 293 -41.39 -0.96 -29.32
C PHE D 293 -42.49 -1.88 -28.81
N THR D 294 -42.10 -2.95 -28.13
CA THR D 294 -43.01 -3.84 -27.46
C THR D 294 -42.92 -3.65 -25.95
N PRO D 295 -43.85 -2.89 -25.38
CA PRO D 295 -43.86 -2.73 -23.93
C PRO D 295 -44.12 -4.00 -23.15
N LEU D 296 -43.37 -4.19 -22.06
CA LEU D 296 -43.52 -5.34 -21.18
C LEU D 296 -44.28 -4.94 -19.94
N ALA D 297 -44.22 -3.67 -19.59
CA ALA D 297 -44.81 -3.13 -18.38
C ALA D 297 -44.90 -1.63 -18.53
N ARG D 298 -45.72 -1.03 -17.70
CA ARG D 298 -45.81 0.39 -17.56
C ARG D 298 -45.37 0.75 -16.12
N ILE D 299 -44.62 1.83 -15.96
CA ILE D 299 -44.27 2.32 -14.64
C ILE D 299 -45.44 3.13 -14.16
N VAL D 300 -46.02 2.71 -13.05
CA VAL D 300 -47.19 3.33 -12.43
C VAL D 300 -46.81 4.36 -11.43
N GLY D 301 -45.73 4.09 -10.68
CA GLY D 301 -45.39 4.99 -9.62
C GLY D 301 -44.11 4.57 -8.93
N TYR D 302 -43.63 5.44 -8.06
CA TYR D 302 -42.45 5.16 -7.30
C TYR D 302 -42.40 6.18 -6.20
N PHE D 303 -41.50 5.93 -5.24
CA PHE D 303 -41.36 6.78 -4.13
C PHE D 303 -40.00 6.47 -3.44
N VAL D 304 -39.38 7.53 -2.93
CA VAL D 304 -38.19 7.43 -2.13
C VAL D 304 -38.47 8.15 -0.82
N SER D 305 -38.13 7.50 0.30
CA SER D 305 -38.27 8.12 1.60
C SER D 305 -37.02 7.95 2.42
N GLY D 306 -36.76 8.91 3.30
CA GLY D 306 -35.75 8.74 4.32
C GLY D 306 -36.39 8.02 5.51
N CYS D 307 -35.55 7.40 6.35
CA CYS D 307 -36.01 6.82 7.59
C CYS D 307 -34.83 6.87 8.57
N ASP D 308 -35.06 6.40 9.77
CA ASP D 308 -34.03 6.36 10.79
C ASP D 308 -32.84 5.51 10.31
N PRO D 309 -31.65 6.13 10.23
CA PRO D 309 -30.46 5.36 9.82
C PRO D 309 -30.15 4.11 10.69
N SER D 310 -30.49 4.18 11.97
CA SER D 310 -30.19 3.05 12.89
C SER D 310 -31.01 1.84 12.64
N ILE D 311 -32.15 2.03 11.95
CA ILE D 311 -32.96 0.94 11.49
C ILE D 311 -33.23 1.09 9.98
N MET D 312 -32.17 1.38 9.20
CA MET D 312 -32.30 1.69 7.78
C MET D 312 -33.07 0.63 7.01
N GLY D 313 -33.00 -0.61 7.49
CA GLY D 313 -33.66 -1.73 6.85
C GLY D 313 -35.17 -1.60 6.72
N ILE D 314 -35.76 -0.69 7.46
CA ILE D 314 -37.22 -0.44 7.42
C ILE D 314 -37.62 0.47 6.25
N GLY D 315 -36.65 1.01 5.50
CA GLY D 315 -36.95 1.92 4.41
C GLY D 315 -38.08 1.51 3.47
N PRO D 316 -38.19 0.22 3.13
CA PRO D 316 -39.22 -0.17 2.24
C PRO D 316 -40.62 0.11 2.75
N VAL D 317 -40.80 0.28 4.06
CA VAL D 317 -42.15 0.50 4.59
C VAL D 317 -42.72 1.86 4.15
N PRO D 318 -42.10 2.99 4.52
CA PRO D 318 -42.59 4.23 3.98
C PRO D 318 -42.45 4.34 2.46
N ALA D 319 -41.47 3.67 1.85
CA ALA D 319 -41.30 3.80 0.40
C ALA D 319 -42.48 3.12 -0.32
N ILE D 320 -42.79 1.88 0.05
CA ILE D 320 -43.89 1.13 -0.57
C ILE D 320 -45.22 1.83 -0.27
N SER D 321 -45.41 2.24 0.97
CA SER D 321 -46.65 2.91 1.36
C SER D 321 -46.88 4.20 0.57
N GLY D 322 -45.83 5.01 0.43
CA GLY D 322 -45.93 6.26 -0.31
C GLY D 322 -46.19 6.05 -1.79
N ALA D 323 -45.49 5.09 -2.39
CA ALA D 323 -45.71 4.79 -3.79
C ALA D 323 -47.17 4.35 -4.02
N LEU D 324 -47.66 3.45 -3.16
CA LEU D 324 -49.02 2.93 -3.30
C LEU D 324 -50.04 4.05 -3.14
N LYS D 325 -49.81 4.91 -2.16
CA LYS D 325 -50.65 6.05 -1.91
C LYS D 325 -50.72 6.94 -3.15
N LYS D 326 -49.57 7.27 -3.72
CA LYS D 326 -49.55 8.11 -4.90
C LYS D 326 -50.32 7.45 -6.05
N ALA D 327 -50.14 6.14 -6.21
CA ALA D 327 -50.75 5.40 -7.30
C ALA D 327 -52.25 5.11 -7.06
N GLY D 328 -52.76 5.36 -5.88
CA GLY D 328 -54.15 5.06 -5.52
C GLY D 328 -54.41 3.58 -5.41
N LEU D 329 -53.39 2.84 -4.97
CA LEU D 329 -53.46 1.39 -4.93
C LEU D 329 -53.20 0.95 -3.53
N SER D 330 -53.55 -0.29 -3.24
CA SER D 330 -53.27 -0.81 -1.93
C SER D 330 -52.42 -2.04 -2.08
N LEU D 331 -51.89 -2.52 -0.97
CA LEU D 331 -51.04 -3.69 -1.00
C LEU D 331 -51.76 -4.89 -1.55
N LYS D 332 -53.07 -4.96 -1.32
CA LYS D 332 -53.85 -6.08 -1.85
C LYS D 332 -53.88 -6.10 -3.34
N ASP D 333 -53.64 -4.96 -3.98
CA ASP D 333 -53.60 -4.92 -5.45
C ASP D 333 -52.31 -5.48 -6.03
N MET D 334 -51.28 -5.68 -5.21
CA MET D 334 -49.98 -6.12 -5.71
C MET D 334 -49.99 -7.62 -5.84
N ASP D 335 -49.85 -8.09 -7.05
CA ASP D 335 -49.74 -9.49 -7.29
C ASP D 335 -48.39 -10.02 -6.85
N LEU D 336 -47.36 -9.17 -6.97
CA LEU D 336 -46.01 -9.51 -6.50
C LEU D 336 -45.40 -8.34 -5.75
N VAL D 337 -44.69 -8.68 -4.68
CA VAL D 337 -43.96 -7.73 -3.90
C VAL D 337 -42.54 -8.21 -3.82
N GLU D 338 -41.57 -7.30 -3.99
CA GLU D 338 -40.16 -7.62 -3.75
C GLU D 338 -39.59 -6.65 -2.75
N VAL D 339 -38.93 -7.20 -1.72
CA VAL D 339 -38.24 -6.45 -0.71
C VAL D 339 -36.83 -7.07 -0.70
N ASN D 340 -35.83 -6.26 -1.11
CA ASN D 340 -34.51 -6.78 -1.27
C ASN D 340 -34.10 -7.41 0.08
N GLU D 341 -33.56 -8.61 0.00
CA GLU D 341 -33.19 -9.40 1.18
C GLU D 341 -31.81 -9.01 1.70
N ALA D 342 -31.67 -7.80 2.21
CA ALA D 342 -30.38 -7.36 2.70
C ALA D 342 -29.95 -8.23 3.90
N PHE D 343 -30.87 -8.45 4.83
CA PHE D 343 -30.66 -9.40 5.94
C PHE D 343 -32.01 -10.03 6.27
N ALA D 344 -32.03 -11.31 6.63
CA ALA D 344 -33.31 -11.95 7.01
C ALA D 344 -34.12 -11.15 8.02
N PRO D 345 -33.51 -10.77 9.16
CA PRO D 345 -34.30 -10.01 10.10
C PRO D 345 -34.80 -8.67 9.56
N GLN D 346 -34.02 -8.02 8.71
CA GLN D 346 -34.43 -6.78 8.09
C GLN D 346 -35.67 -7.00 7.22
N TYR D 347 -35.59 -7.98 6.30
CA TYR D 347 -36.73 -8.33 5.50
C TYR D 347 -37.96 -8.65 6.38
N LEU D 348 -37.77 -9.49 7.41
CA LEU D 348 -38.91 -9.90 8.24
C LEU D 348 -39.57 -8.72 8.97
N ALA D 349 -38.78 -7.74 9.43
CA ALA D 349 -39.35 -6.54 10.03
C ALA D 349 -40.23 -5.78 9.02
N VAL D 350 -39.80 -5.74 7.77
CA VAL D 350 -40.65 -5.13 6.71
C VAL D 350 -41.94 -5.93 6.50
N GLU D 351 -41.79 -7.24 6.36
CA GLU D 351 -42.91 -8.14 6.18
C GLU D 351 -43.97 -7.94 7.27
N ARG D 352 -43.53 -7.87 8.51
CA ARG D 352 -44.44 -7.71 9.63
C ARG D 352 -45.01 -6.31 9.68
N SER D 353 -44.23 -5.28 9.33
CA SER D 353 -44.75 -3.92 9.41
C SER D 353 -45.86 -3.69 8.40
N LEU D 354 -45.75 -4.28 7.23
CA LEU D 354 -46.73 -4.06 6.16
C LEU D 354 -47.74 -5.19 6.07
N ASP D 355 -47.52 -6.23 6.88
CA ASP D 355 -48.31 -7.44 6.79
C ASP D 355 -48.31 -7.99 5.40
N LEU D 356 -47.12 -8.18 4.84
CA LEU D 356 -47.02 -8.67 3.46
C LEU D 356 -47.48 -10.11 3.34
N ASP D 357 -48.03 -10.45 2.19
CA ASP D 357 -48.43 -11.81 1.89
C ASP D 357 -47.21 -12.60 1.39
N ILE D 358 -46.77 -13.56 2.17
CA ILE D 358 -45.55 -14.30 1.91
C ILE D 358 -45.65 -15.14 0.67
N SER D 359 -46.86 -15.49 0.24
CA SER D 359 -47.02 -16.24 -0.99
C SER D 359 -46.83 -15.36 -2.22
N LYS D 360 -46.83 -14.03 -2.03
CA LYS D 360 -46.62 -13.07 -3.14
C LYS D 360 -45.33 -12.20 -3.01
N THR D 361 -44.51 -12.47 -2.00
CA THR D 361 -43.34 -11.65 -1.65
C THR D 361 -42.05 -12.46 -1.79
N ASN D 362 -41.12 -11.89 -2.57
CA ASN D 362 -39.87 -12.53 -2.86
C ASN D 362 -40.09 -14.00 -3.28
N VAL D 363 -40.99 -14.17 -4.23
CA VAL D 363 -41.49 -15.47 -4.63
C VAL D 363 -40.46 -16.40 -5.22
N ASN D 364 -39.41 -15.86 -5.83
CA ASN D 364 -38.38 -16.67 -6.44
C ASN D 364 -37.01 -16.45 -5.78
N GLY D 365 -37.03 -16.22 -4.49
CA GLY D 365 -35.77 -16.03 -3.77
C GLY D 365 -35.30 -14.59 -3.90
N GLY D 366 -34.14 -14.32 -3.34
CA GLY D 366 -33.56 -13.00 -3.41
C GLY D 366 -32.13 -13.01 -2.96
N ALA D 367 -31.70 -11.87 -2.40
CA ALA D 367 -30.29 -11.60 -2.14
C ALA D 367 -29.58 -12.54 -1.17
N ILE D 368 -30.30 -13.16 -0.26
CA ILE D 368 -29.69 -14.21 0.58
C ILE D 368 -29.19 -15.36 -0.25
N ALA D 369 -29.95 -15.77 -1.25
CA ALA D 369 -29.53 -16.80 -2.18
C ALA D 369 -28.58 -16.29 -3.24
N LEU D 370 -29.00 -15.29 -4.03
CA LEU D 370 -28.20 -14.93 -5.23
C LEU D 370 -27.24 -13.74 -5.01
N GLY D 371 -27.19 -13.22 -3.79
CA GLY D 371 -26.32 -12.11 -3.49
C GLY D 371 -26.88 -10.72 -3.78
N HIS D 372 -26.15 -9.71 -3.29
CA HIS D 372 -26.58 -8.30 -3.35
C HIS D 372 -25.46 -7.39 -3.89
N PRO D 373 -25.25 -7.39 -5.20
CA PRO D 373 -24.35 -6.41 -5.79
C PRO D 373 -25.01 -5.06 -5.63
N LEU D 374 -24.46 -4.21 -4.75
CA LEU D 374 -25.19 -3.04 -4.26
C LEU D 374 -26.01 -2.30 -5.33
N GLY D 375 -25.35 -1.84 -6.38
CA GLY D 375 -26.04 -1.03 -7.41
C GLY D 375 -26.89 -1.85 -8.34
N GLY D 376 -26.59 -3.13 -8.44
CA GLY D 376 -27.24 -4.03 -9.38
C GLY D 376 -28.57 -4.61 -8.88
N SER D 377 -28.78 -4.73 -7.59
CA SER D 377 -29.96 -5.47 -7.12
C SER D 377 -31.30 -4.86 -7.60
N GLY D 378 -31.42 -3.54 -7.55
CA GLY D 378 -32.66 -2.87 -7.95
C GLY D 378 -32.99 -3.12 -9.38
N SER D 379 -31.97 -3.22 -10.25
CA SER D 379 -32.19 -3.51 -11.62
C SER D 379 -32.64 -4.95 -11.79
N ARG D 380 -31.99 -5.90 -11.13
CA ARG D 380 -32.44 -7.30 -11.19
C ARG D 380 -33.89 -7.48 -10.71
N ILE D 381 -34.21 -6.86 -9.58
CA ILE D 381 -35.55 -7.00 -8.98
C ILE D 381 -36.59 -6.46 -9.93
N THR D 382 -36.33 -5.30 -10.54
CA THR D 382 -37.27 -4.74 -11.49
C THR D 382 -37.41 -5.66 -12.68
N ALA D 383 -36.30 -6.12 -13.23
CA ALA D 383 -36.33 -6.99 -14.36
C ALA D 383 -37.08 -8.27 -14.03
N HIS D 384 -36.84 -8.83 -12.84
CA HIS D 384 -37.47 -10.04 -12.48
C HIS D 384 -38.99 -9.84 -12.36
N LEU D 385 -39.39 -8.76 -11.69
CA LEU D 385 -40.80 -8.41 -11.61
C LEU D 385 -41.47 -8.26 -12.98
N VAL D 386 -40.82 -7.59 -13.91
CA VAL D 386 -41.39 -7.39 -15.22
C VAL D 386 -41.74 -8.76 -15.83
N HIS D 387 -40.79 -9.70 -15.81
CA HIS D 387 -40.97 -10.98 -16.50
C HIS D 387 -41.86 -11.93 -15.70
N GLU D 388 -41.71 -11.93 -14.38
CA GLU D 388 -42.50 -12.82 -13.49
C GLU D 388 -43.97 -12.38 -13.38
N LEU D 389 -44.22 -11.10 -13.36
CA LEU D 389 -45.57 -10.61 -13.42
C LEU D 389 -46.29 -11.11 -14.69
N ARG D 390 -45.63 -10.97 -15.81
CA ARG D 390 -46.17 -11.39 -17.07
C ARG D 390 -46.37 -12.94 -17.05
N ARG D 391 -45.38 -13.67 -16.54
CA ARG D 391 -45.50 -15.12 -16.48
C ARG D 391 -46.73 -15.53 -15.67
N ARG D 392 -46.98 -14.83 -14.55
CA ARG D 392 -48.08 -15.17 -13.69
C ARG D 392 -49.45 -14.70 -14.21
N GLY D 393 -49.46 -13.93 -15.28
CA GLY D 393 -50.62 -13.21 -15.72
C GLY D 393 -51.15 -12.17 -14.74
N GLY D 394 -50.28 -11.59 -13.90
CA GLY D 394 -50.70 -10.65 -12.91
C GLY D 394 -50.82 -9.24 -13.49
N LYS D 395 -51.31 -8.33 -12.66
CA LYS D 395 -51.55 -6.96 -13.05
C LYS D 395 -50.51 -5.95 -12.48
N TYR D 396 -50.27 -5.99 -11.18
CA TYR D 396 -49.39 -5.02 -10.57
C TYR D 396 -48.26 -5.72 -9.82
N ALA D 397 -47.11 -5.05 -9.75
CA ALA D 397 -46.03 -5.50 -8.83
C ALA D 397 -45.30 -4.31 -8.27
N VAL D 398 -44.70 -4.47 -7.09
CA VAL D 398 -43.87 -3.42 -6.52
C VAL D 398 -42.56 -4.00 -6.05
N GLY D 399 -41.46 -3.31 -6.39
CA GLY D 399 -40.11 -3.72 -5.94
C GLY D 399 -39.56 -2.66 -5.02
N SER D 400 -38.77 -3.06 -4.02
CA SER D 400 -38.27 -2.12 -3.05
C SER D 400 -36.94 -2.59 -2.46
N ALA D 401 -36.22 -1.65 -1.86
CA ALA D 401 -34.98 -1.94 -1.17
C ALA D 401 -34.82 -0.95 -0.07
N CYS D 402 -34.18 -1.41 1.01
CA CYS D 402 -33.69 -0.53 2.03
C CYS D 402 -32.39 0.01 1.56
N ILE D 403 -32.01 1.12 2.15
CA ILE D 403 -30.85 1.88 1.68
C ILE D 403 -30.02 2.29 2.89
N GLY D 404 -28.76 1.86 2.91
CA GLY D 404 -27.87 2.28 3.99
C GLY D 404 -27.85 3.74 4.13
N GLY D 405 -27.74 4.26 5.38
CA GLY D 405 -27.89 5.64 5.64
C GLY D 405 -29.30 6.04 6.05
N GLY D 406 -30.27 5.18 5.80
CA GLY D 406 -31.64 5.42 6.27
C GLY D 406 -32.54 5.93 5.16
N GLN D 407 -32.71 5.13 4.11
CA GLN D 407 -33.70 5.45 3.07
C GLN D 407 -34.37 4.18 2.57
N GLY D 408 -35.41 4.37 1.77
CA GLY D 408 -36.08 3.30 1.07
C GLY D 408 -36.56 3.78 -0.28
N ILE D 409 -36.69 2.86 -1.19
CA ILE D 409 -37.17 3.15 -2.52
C ILE D 409 -38.11 2.05 -2.95
N ALA D 410 -39.13 2.43 -3.69
CA ALA D 410 -40.08 1.49 -4.28
C ALA D 410 -40.53 1.96 -5.64
N VAL D 411 -40.70 1.01 -6.56
CA VAL D 411 -41.19 1.21 -7.87
C VAL D 411 -42.33 0.25 -8.13
N ILE D 412 -43.47 0.78 -8.62
CA ILE D 412 -44.64 -0.03 -8.97
C ILE D 412 -44.76 -0.13 -10.47
N ILE D 413 -44.91 -1.34 -10.96
CA ILE D 413 -45.19 -1.59 -12.37
C ILE D 413 -46.58 -2.21 -12.58
N GLN D 414 -47.06 -2.06 -13.81
CA GLN D 414 -48.33 -2.65 -14.23
C GLN D 414 -48.02 -3.42 -15.49
N SER D 415 -48.51 -4.67 -15.58
CA SER D 415 -48.36 -5.44 -16.81
C SER D 415 -49.09 -4.76 -17.98
N THR D 416 -48.54 -4.89 -19.20
CA THR D 416 -49.13 -4.30 -20.41
C THR D 416 -49.95 -5.32 -21.26
#